data_3H01
# 
_entry.id   3H01 
# 
_audit_conform.dict_name       mmcif_pdbx.dic 
_audit_conform.dict_version    5.378 
_audit_conform.dict_location   http://mmcif.pdb.org/dictionaries/ascii/mmcif_pdbx.dic 
# 
loop_
_database_2.database_id 
_database_2.database_code 
_database_2.pdbx_database_accession 
_database_2.pdbx_DOI 
PDB   3H01         pdb_00003h01 10.2210/pdb3h01/pdb 
RCSB  RCSB052520   ?            ?                   
WWPDB D_1000052520 ?            ?                   
# 
loop_
_pdbx_database_related.db_name 
_pdbx_database_related.db_id 
_pdbx_database_related.details 
_pdbx_database_related.content_type 
PDB 3GWO 
;this entry is a mutant of 3GWO,     
ASN656 was mutated to LEU.
;
unspecified 
PDB 3H00 .                                                                 unspecified 
# 
_pdbx_database_status.status_code                     REL 
_pdbx_database_status.entry_id                        3H01 
_pdbx_database_status.recvd_initial_deposition_date   2009-04-08 
_pdbx_database_status.deposit_site                    RCSB 
_pdbx_database_status.process_site                    RCSB 
_pdbx_database_status.status_code_sf                  REL 
_pdbx_database_status.status_code_mr                  ? 
_pdbx_database_status.SG_entry                        ? 
_pdbx_database_status.status_code_cs                  ? 
_pdbx_database_status.pdb_format_compatible           Y 
_pdbx_database_status.status_code_nmr_data            ? 
_pdbx_database_status.methods_development_category    ? 
# 
_audit_author.name           'Liu, J.' 
_audit_author.pdbx_ordinal   1 
# 
_citation.id                        primary 
_citation.title                     
'Role of a putative gp41 dimerization domain in human immunodeficiency virus type 1 membrane fusion.' 
_citation.journal_abbrev            J.Virol. 
_citation.journal_volume            84 
_citation.page_first                201 
_citation.page_last                 209 
_citation.year                      2010 
_citation.journal_id_ASTM           JOVIAM 
_citation.country                   US 
_citation.journal_id_ISSN           0022-538X 
_citation.journal_id_CSD            0825 
_citation.book_publisher            ? 
_citation.pdbx_database_id_PubMed   19846514 
_citation.pdbx_database_id_DOI      10.1128/JVI.01558-09 
# 
loop_
_citation_author.citation_id 
_citation_author.name 
_citation_author.ordinal 
_citation_author.identifier_ORCID 
primary 'Liu, J.'     1 ? 
primary 'Deng, Y.'    2 ? 
primary 'Li, Q.'      3 ? 
primary 'Dey, A.K.'   4 ? 
primary 'Moore, J.P.' 5 ? 
primary 'Lu, M.'      6 ? 
# 
_cell.entry_id           3H01 
_cell.length_a           33.967 
_cell.length_b           33.967 
_cell.length_c           191.331 
_cell.angle_alpha        90.00 
_cell.angle_beta         90.00 
_cell.angle_gamma        120.00 
_cell.Z_PDB              12 
_cell.pdbx_unique_axis   ? 
_cell.length_a_esd       ? 
_cell.length_b_esd       ? 
_cell.length_c_esd       ? 
_cell.angle_alpha_esd    ? 
_cell.angle_beta_esd     ? 
_cell.angle_gamma_esd    ? 
# 
_symmetry.entry_id                         3H01 
_symmetry.space_group_name_H-M             'P 31 2 1' 
_symmetry.pdbx_full_space_group_name_H-M   ? 
_symmetry.cell_setting                     ? 
_symmetry.Int_Tables_number                152 
_symmetry.space_group_name_Hall            ? 
# 
loop_
_entity.id 
_entity.type 
_entity.src_method 
_entity.pdbx_description 
_entity.formula_weight 
_entity.pdbx_number_of_molecules 
_entity.pdbx_ec 
_entity.pdbx_mutation 
_entity.pdbx_fragment 
_entity.details 
1 polymer     man 'Envelope glycoprotein gp160' 6844.541 2  ? N656L 'C-TERMINAL DOMAIN (UNP residues 630 to 683)' ? 
2 non-polymer syn HEXANE-1,6-DIOL               118.174  8  ? ?     ?                                             ? 
3 water       nat water                         18.015   78 ? ?     ?                                             ? 
# 
_entity_name_com.entity_id   1 
_entity_name_com.name        
'Env polyprotein, Surface protein, SU, Glycoprotein 120, gp120, Transmembrane protein, TM, Glycoprotein 41, gp41' 
# 
_entity_poly.entity_id                      1 
_entity_poly.type                           'polypeptide(L)' 
_entity_poly.nstd_linkage                   no 
_entity_poly.nstd_monomer                   no 
_entity_poly.pdbx_seq_one_letter_code       EWDREINNYTSLIHSLIEESQNQQEKLEQELLELDKWASLWNWFNITNWLWYIK 
_entity_poly.pdbx_seq_one_letter_code_can   EWDREINNYTSLIHSLIEESQNQQEKLEQELLELDKWASLWNWFNITNWLWYIK 
_entity_poly.pdbx_strand_id                 A,B 
_entity_poly.pdbx_target_identifier         ? 
# 
loop_
_entity_poly_seq.entity_id 
_entity_poly_seq.num 
_entity_poly_seq.mon_id 
_entity_poly_seq.hetero 
1 1  GLU n 
1 2  TRP n 
1 3  ASP n 
1 4  ARG n 
1 5  GLU n 
1 6  ILE n 
1 7  ASN n 
1 8  ASN n 
1 9  TYR n 
1 10 THR n 
1 11 SER n 
1 12 LEU n 
1 13 ILE n 
1 14 HIS n 
1 15 SER n 
1 16 LEU n 
1 17 ILE n 
1 18 GLU n 
1 19 GLU n 
1 20 SER n 
1 21 GLN n 
1 22 ASN n 
1 23 GLN n 
1 24 GLN n 
1 25 GLU n 
1 26 LYS n 
1 27 LEU n 
1 28 GLU n 
1 29 GLN n 
1 30 GLU n 
1 31 LEU n 
1 32 LEU n 
1 33 GLU n 
1 34 LEU n 
1 35 ASP n 
1 36 LYS n 
1 37 TRP n 
1 38 ALA n 
1 39 SER n 
1 40 LEU n 
1 41 TRP n 
1 42 ASN n 
1 43 TRP n 
1 44 PHE n 
1 45 ASN n 
1 46 ILE n 
1 47 THR n 
1 48 ASN n 
1 49 TRP n 
1 50 LEU n 
1 51 TRP n 
1 52 TYR n 
1 53 ILE n 
1 54 LYS n 
# 
_entity_src_gen.entity_id                          1 
_entity_src_gen.pdbx_src_id                        1 
_entity_src_gen.pdbx_alt_source_flag               sample 
_entity_src_gen.pdbx_seq_type                      ? 
_entity_src_gen.pdbx_beg_seq_num                   ? 
_entity_src_gen.pdbx_end_seq_num                   ? 
_entity_src_gen.gene_src_common_name               HIV-1 
_entity_src_gen.gene_src_genus                     ? 
_entity_src_gen.pdbx_gene_src_gene                 env 
_entity_src_gen.gene_src_species                   ? 
_entity_src_gen.gene_src_strain                    'HXB2 ISOLATE' 
_entity_src_gen.gene_src_tissue                    ? 
_entity_src_gen.gene_src_tissue_fraction           ? 
_entity_src_gen.gene_src_details                   ? 
_entity_src_gen.pdbx_gene_src_fragment             ? 
_entity_src_gen.pdbx_gene_src_scientific_name      'Human immunodeficiency virus type 1 lw12.3 isolate' 
_entity_src_gen.pdbx_gene_src_ncbi_taxonomy_id     82834 
_entity_src_gen.pdbx_gene_src_variant              ? 
_entity_src_gen.pdbx_gene_src_cell_line            ? 
_entity_src_gen.pdbx_gene_src_atcc                 ? 
_entity_src_gen.pdbx_gene_src_organ                ? 
_entity_src_gen.pdbx_gene_src_organelle            ? 
_entity_src_gen.pdbx_gene_src_cell                 ? 
_entity_src_gen.pdbx_gene_src_cellular_location    ? 
_entity_src_gen.host_org_common_name               ? 
_entity_src_gen.pdbx_host_org_scientific_name      'Escherichia coli' 
_entity_src_gen.pdbx_host_org_ncbi_taxonomy_id     562 
_entity_src_gen.host_org_genus                     ? 
_entity_src_gen.pdbx_host_org_gene                 ? 
_entity_src_gen.pdbx_host_org_organ                ? 
_entity_src_gen.host_org_species                   ? 
_entity_src_gen.pdbx_host_org_tissue               ? 
_entity_src_gen.pdbx_host_org_tissue_fraction      ? 
_entity_src_gen.pdbx_host_org_strain               ? 
_entity_src_gen.pdbx_host_org_variant              ? 
_entity_src_gen.pdbx_host_org_cell_line            ? 
_entity_src_gen.pdbx_host_org_atcc                 ? 
_entity_src_gen.pdbx_host_org_culture_collection   ? 
_entity_src_gen.pdbx_host_org_cell                 ? 
_entity_src_gen.pdbx_host_org_organelle            ? 
_entity_src_gen.pdbx_host_org_cellular_location    ? 
_entity_src_gen.pdbx_host_org_vector_type          ? 
_entity_src_gen.pdbx_host_org_vector               ? 
_entity_src_gen.host_org_details                   ? 
_entity_src_gen.expression_system_id               ? 
_entity_src_gen.plasmid_name                       ? 
_entity_src_gen.plasmid_details                    ? 
_entity_src_gen.pdbx_description                   ? 
# 
_struct_ref.id                         1 
_struct_ref.db_name                    UNP 
_struct_ref.db_code                    ENV_HV1LW 
_struct_ref.pdbx_db_accession          Q70626 
_struct_ref.entity_id                  1 
_struct_ref.pdbx_seq_one_letter_code   EWDREINNYTSLIHSLIEESQNQQEKNEQELLELDKWASLWNWFNITNWLWYIK 
_struct_ref.pdbx_align_begin           630 
_struct_ref.pdbx_db_isoform            ? 
# 
loop_
_struct_ref_seq.align_id 
_struct_ref_seq.ref_id 
_struct_ref_seq.pdbx_PDB_id_code 
_struct_ref_seq.pdbx_strand_id 
_struct_ref_seq.seq_align_beg 
_struct_ref_seq.pdbx_seq_align_beg_ins_code 
_struct_ref_seq.seq_align_end 
_struct_ref_seq.pdbx_seq_align_end_ins_code 
_struct_ref_seq.pdbx_db_accession 
_struct_ref_seq.db_align_beg 
_struct_ref_seq.pdbx_db_align_beg_ins_code 
_struct_ref_seq.db_align_end 
_struct_ref_seq.pdbx_db_align_end_ins_code 
_struct_ref_seq.pdbx_auth_seq_align_beg 
_struct_ref_seq.pdbx_auth_seq_align_end 
1 1 3H01 A 1 ? 54 ? Q70626 630 ? 683 ? 1 54 
2 1 3H01 B 1 ? 54 ? Q70626 630 ? 683 ? 1 54 
# 
loop_
_struct_ref_seq_dif.align_id 
_struct_ref_seq_dif.pdbx_pdb_id_code 
_struct_ref_seq_dif.mon_id 
_struct_ref_seq_dif.pdbx_pdb_strand_id 
_struct_ref_seq_dif.seq_num 
_struct_ref_seq_dif.pdbx_pdb_ins_code 
_struct_ref_seq_dif.pdbx_seq_db_name 
_struct_ref_seq_dif.pdbx_seq_db_accession_code 
_struct_ref_seq_dif.db_mon_id 
_struct_ref_seq_dif.pdbx_seq_db_seq_num 
_struct_ref_seq_dif.details 
_struct_ref_seq_dif.pdbx_auth_seq_num 
_struct_ref_seq_dif.pdbx_ordinal 
1 3H01 LEU A 27 ? UNP Q70626 ASN 656 'engineered mutation' 27 1 
2 3H01 LEU B 27 ? UNP Q70626 ASN 656 'engineered mutation' 27 2 
# 
loop_
_chem_comp.id 
_chem_comp.type 
_chem_comp.mon_nstd_flag 
_chem_comp.name 
_chem_comp.pdbx_synonyms 
_chem_comp.formula 
_chem_comp.formula_weight 
ALA 'L-peptide linking' y ALANINE         ? 'C3 H7 N O2'     89.093  
ARG 'L-peptide linking' y ARGININE        ? 'C6 H15 N4 O2 1' 175.209 
ASN 'L-peptide linking' y ASPARAGINE      ? 'C4 H8 N2 O3'    132.118 
ASP 'L-peptide linking' y 'ASPARTIC ACID' ? 'C4 H7 N O4'     133.103 
GLN 'L-peptide linking' y GLUTAMINE       ? 'C5 H10 N2 O3'   146.144 
GLU 'L-peptide linking' y 'GLUTAMIC ACID' ? 'C5 H9 N O4'     147.129 
HEZ non-polymer         . HEXANE-1,6-DIOL ? 'C6 H14 O2'      118.174 
HIS 'L-peptide linking' y HISTIDINE       ? 'C6 H10 N3 O2 1' 156.162 
HOH non-polymer         . WATER           ? 'H2 O'           18.015  
ILE 'L-peptide linking' y ISOLEUCINE      ? 'C6 H13 N O2'    131.173 
LEU 'L-peptide linking' y LEUCINE         ? 'C6 H13 N O2'    131.173 
LYS 'L-peptide linking' y LYSINE          ? 'C6 H15 N2 O2 1' 147.195 
PHE 'L-peptide linking' y PHENYLALANINE   ? 'C9 H11 N O2'    165.189 
SER 'L-peptide linking' y SERINE          ? 'C3 H7 N O3'     105.093 
THR 'L-peptide linking' y THREONINE       ? 'C4 H9 N O3'     119.119 
TRP 'L-peptide linking' y TRYPTOPHAN      ? 'C11 H12 N2 O2'  204.225 
TYR 'L-peptide linking' y TYROSINE        ? 'C9 H11 N O3'    181.189 
# 
_exptl.entry_id          3H01 
_exptl.method            'X-RAY DIFFRACTION' 
_exptl.crystals_number   1 
# 
_exptl_crystal.id                    1 
_exptl_crystal.density_meas          ? 
_exptl_crystal.density_Matthews      2.33 
_exptl_crystal.density_percent_sol   47.15 
_exptl_crystal.description           ? 
_exptl_crystal.F_000                 ? 
_exptl_crystal.preparation           ? 
# 
_exptl_crystal_grow.crystal_id      1 
_exptl_crystal_grow.method          'VAPOR DIFFUSION, HANGING DROP' 
_exptl_crystal_grow.temp            295 
_exptl_crystal_grow.temp_details    ? 
_exptl_crystal_grow.pH              5.0 
_exptl_crystal_grow.pdbx_details    
'2.8M 1,6-hexanediol, 0.1M sodium citrate, pH 5.0, VAPOR DIFFUSION, HANGING DROP, temperature 295K' 
_exptl_crystal_grow.pdbx_pH_range   ? 
# 
_diffrn.id                     1 
_diffrn.ambient_temp           100 
_diffrn.ambient_temp_details   ? 
_diffrn.crystal_id             1 
# 
_diffrn_detector.diffrn_id              1 
_diffrn_detector.detector               CCD 
_diffrn_detector.type                   'ADSC QUANTUM 4' 
_diffrn_detector.pdbx_collection_date   2004-03-11 
_diffrn_detector.details                ? 
# 
_diffrn_radiation.diffrn_id                        1 
_diffrn_radiation.wavelength_id                    1 
_diffrn_radiation.pdbx_monochromatic_or_laue_m_l   M 
_diffrn_radiation.monochromator                    ? 
_diffrn_radiation.pdbx_diffrn_protocol             'SINGLE WAVELENGTH' 
_diffrn_radiation.pdbx_scattering_type             x-ray 
# 
_diffrn_radiation_wavelength.id           1 
_diffrn_radiation_wavelength.wavelength   0.9795 
_diffrn_radiation_wavelength.wt           1.0 
# 
_diffrn_source.diffrn_id                   1 
_diffrn_source.source                      SYNCHROTRON 
_diffrn_source.type                        'NSLS BEAMLINE X4A' 
_diffrn_source.pdbx_synchrotron_site       NSLS 
_diffrn_source.pdbx_synchrotron_beamline   X4A 
_diffrn_source.pdbx_wavelength             ? 
_diffrn_source.pdbx_wavelength_list        0.9795 
# 
_reflns.entry_id                     3H01 
_reflns.observed_criterion_sigma_I   0 
_reflns.observed_criterion_sigma_F   0 
_reflns.d_resolution_low             29.41 
_reflns.d_resolution_high            1.70 
_reflns.number_obs                   14906 
_reflns.number_all                   14906 
_reflns.percent_possible_obs         98.9 
_reflns.pdbx_Rmerge_I_obs            0.061 
_reflns.pdbx_Rsym_value              ? 
_reflns.pdbx_netI_over_sigmaI        16.2 
_reflns.B_iso_Wilson_estimate        20.8 
_reflns.pdbx_redundancy              5.3 
_reflns.R_free_details               ? 
_reflns.limit_h_max                  ? 
_reflns.limit_h_min                  ? 
_reflns.limit_k_max                  ? 
_reflns.limit_k_min                  ? 
_reflns.limit_l_max                  ? 
_reflns.limit_l_min                  ? 
_reflns.observed_criterion_F_max     ? 
_reflns.observed_criterion_F_min     ? 
_reflns.pdbx_chi_squared             ? 
_reflns.pdbx_scaling_rejects         ? 
_reflns.pdbx_ordinal                 1 
_reflns.pdbx_diffrn_id               1 
# 
_reflns_shell.d_res_high             1.70 
_reflns_shell.d_res_low              1.76 
_reflns_shell.percent_possible_all   98.8 
_reflns_shell.Rmerge_I_obs           0.142 
_reflns_shell.pdbx_Rsym_value        ? 
_reflns_shell.meanI_over_sigI_obs    10.5 
_reflns_shell.pdbx_redundancy        4.5 
_reflns_shell.percent_possible_obs   ? 
_reflns_shell.number_unique_all      1422 
_reflns_shell.number_measured_all    ? 
_reflns_shell.number_measured_obs    ? 
_reflns_shell.number_unique_obs      ? 
_reflns_shell.pdbx_chi_squared       ? 
_reflns_shell.pdbx_ordinal           1 
_reflns_shell.pdbx_diffrn_id         1 
# 
_refine.entry_id                                 3H01 
_refine.ls_number_reflns_obs                     14906 
_refine.ls_number_reflns_all                     14906 
_refine.pdbx_ls_sigma_I                          0 
_refine.pdbx_ls_sigma_F                          0 
_refine.pdbx_data_cutoff_high_absF               ? 
_refine.pdbx_data_cutoff_low_absF                ? 
_refine.pdbx_data_cutoff_high_rms_absF           ? 
_refine.ls_d_res_low                             29.41 
_refine.ls_d_res_high                            1.70 
_refine.ls_percent_reflns_obs                    98.9 
_refine.ls_R_factor_obs                          0.20647 
_refine.ls_R_factor_all                          0.20647 
_refine.ls_R_factor_R_work                       0.20528 
_refine.ls_R_factor_R_free                       0.22805 
_refine.ls_R_factor_R_free_error                 ? 
_refine.ls_R_factor_R_free_error_details         ? 
_refine.ls_percent_reflns_R_free                 5.0 
_refine.ls_number_reflns_R_free                  752 
_refine.ls_number_parameters                     ? 
_refine.ls_number_restraints                     ? 
_refine.occupancy_min                            ? 
_refine.occupancy_max                            ? 
_refine.correlation_coeff_Fo_to_Fc               0.940 
_refine.correlation_coeff_Fo_to_Fc_free          0.922 
_refine.B_iso_mean                               23.359 
_refine.aniso_B[1][1]                            0.33 
_refine.aniso_B[2][2]                            0.33 
_refine.aniso_B[3][3]                            -0.49 
_refine.aniso_B[1][2]                            0.16 
_refine.aniso_B[1][3]                            0.00 
_refine.aniso_B[2][3]                            0.00 
_refine.solvent_model_details                    'BABINET MODEL WITH MASK' 
_refine.solvent_model_param_ksol                 ? 
_refine.solvent_model_param_bsol                 ? 
_refine.pdbx_solvent_vdw_probe_radii             1.20 
_refine.pdbx_solvent_ion_probe_radii             0.80 
_refine.pdbx_solvent_shrinkage_radii             0.80 
_refine.pdbx_ls_cross_valid_method               THROUGHOUT 
_refine.details                                  ? 
_refine.pdbx_starting_model                      'PDB ENTRY 3GWO' 
_refine.pdbx_method_to_determine_struct          'MOLECULAR REPLACEMENT' 
_refine.pdbx_isotropic_thermal_model             'Isotropic with TLS groups assigned for each protein chain' 
_refine.pdbx_stereochemistry_target_values       'MAXIMUM LIKELIHOOD' 
_refine.pdbx_stereochem_target_val_spec_case     ? 
_refine.pdbx_R_Free_selection_details            RANDOM 
_refine.pdbx_overall_ESU_R                       0.112 
_refine.pdbx_overall_ESU_R_Free                  0.105 
_refine.overall_SU_ML                            0.057 
_refine.overall_SU_B                             3.324 
_refine.ls_redundancy_reflns_obs                 ? 
_refine.B_iso_min                                ? 
_refine.B_iso_max                                ? 
_refine.overall_SU_R_Cruickshank_DPI             ? 
_refine.overall_SU_R_free                        ? 
_refine.ls_wR_factor_R_free                      ? 
_refine.ls_wR_factor_R_work                      ? 
_refine.overall_FOM_free_R_set                   ? 
_refine.overall_FOM_work_R_set                   ? 
_refine.pdbx_overall_phase_error                 ? 
_refine.pdbx_refine_id                           'X-RAY DIFFRACTION' 
_refine.pdbx_diffrn_id                           1 
_refine.pdbx_TLS_residual_ADP_flag               ? 
_refine.pdbx_overall_SU_R_free_Cruickshank_DPI   ? 
_refine.pdbx_overall_SU_R_Blow_DPI               ? 
_refine.pdbx_overall_SU_R_free_Blow_DPI          ? 
# 
_refine_hist.pdbx_refine_id                   'X-RAY DIFFRACTION' 
_refine_hist.cycle_id                         LAST 
_refine_hist.pdbx_number_atoms_protein        862 
_refine_hist.pdbx_number_atoms_nucleic_acid   0 
_refine_hist.pdbx_number_atoms_ligand         64 
_refine_hist.number_atoms_solvent             78 
_refine_hist.number_atoms_total               1004 
_refine_hist.d_res_high                       1.70 
_refine_hist.d_res_low                        29.41 
# 
loop_
_refine_ls_restr.type 
_refine_ls_restr.dev_ideal 
_refine_ls_restr.dev_ideal_target 
_refine_ls_restr.weight 
_refine_ls_restr.number 
_refine_ls_restr.pdbx_refine_id 
_refine_ls_restr.pdbx_restraint_function 
r_bond_refined_d         0.018  0.021  ? 944  'X-RAY DIFFRACTION' ? 
r_angle_refined_deg      1.340  1.937  ? 1261 'X-RAY DIFFRACTION' ? 
r_dihedral_angle_1_deg   3.363  5.000  ? 98   'X-RAY DIFFRACTION' ? 
r_dihedral_angle_2_deg   29.160 26.122 ? 49   'X-RAY DIFFRACTION' ? 
r_dihedral_angle_3_deg   12.421 15.000 ? 150  'X-RAY DIFFRACTION' ? 
r_dihedral_angle_4_deg   20.524 15.000 ? 1    'X-RAY DIFFRACTION' ? 
r_chiral_restr           0.096  0.200  ? 125  'X-RAY DIFFRACTION' ? 
r_gen_planes_refined     0.008  0.020  ? 683  'X-RAY DIFFRACTION' ? 
r_nbd_refined            0.199  0.200  ? 368  'X-RAY DIFFRACTION' ? 
r_nbtor_refined          0.303  0.200  ? 629  'X-RAY DIFFRACTION' ? 
r_xyhbond_nbd_refined    0.142  0.200  ? 46   'X-RAY DIFFRACTION' ? 
r_symmetry_vdw_refined   0.219  0.200  ? 114  'X-RAY DIFFRACTION' ? 
r_symmetry_hbond_refined 0.084  0.200  ? 12   'X-RAY DIFFRACTION' ? 
r_mcbond_it              0.972  1.500  ? 522  'X-RAY DIFFRACTION' ? 
r_mcangle_it             1.536  2.000  ? 795  'X-RAY DIFFRACTION' ? 
r_scbond_it              2.764  3.000  ? 535  'X-RAY DIFFRACTION' ? 
r_scangle_it             3.766  4.500  ? 466  'X-RAY DIFFRACTION' ? 
# 
_refine_ls_shell.pdbx_total_number_of_bins_used   20 
_refine_ls_shell.d_res_high                       1.700 
_refine_ls_shell.d_res_low                        1.744 
_refine_ls_shell.number_reflns_R_work             969 
_refine_ls_shell.R_factor_R_work                  0.176 
_refine_ls_shell.percent_reflns_obs               98.37 
_refine_ls_shell.R_factor_R_free                  0.254 
_refine_ls_shell.R_factor_R_free_error            ? 
_refine_ls_shell.percent_reflns_R_free            ? 
_refine_ls_shell.number_reflns_R_free             57 
_refine_ls_shell.number_reflns_all                ? 
_refine_ls_shell.R_factor_all                     ? 
_refine_ls_shell.number_reflns_obs                1026 
_refine_ls_shell.redundancy_reflns_obs            ? 
_refine_ls_shell.pdbx_refine_id                   'X-RAY DIFFRACTION' 
# 
_struct.entry_id                  3H01 
_struct.title                     'Structure of the C-terminal Domain of a Putative HIV-1 gp41 Fusion Intermediate' 
_struct.pdbx_model_details        ? 
_struct.pdbx_CASP_flag            ? 
_struct.pdbx_model_type_details   ? 
# 
_struct_keywords.entry_id        3H01 
_struct_keywords.pdbx_keywords   'VIRAL PROTEIN' 
_struct_keywords.text            
;viral membrane fusion, HIV-1, gp41, envelope protein, neutralizing antibodies, AIDS, Apoptosis, Cell membrane, Cleavage on pair of basic residues, Disulfide bond, Fusion protein, Glycoprotein, Host-virus interaction, Lipoprotein, Membrane, Palmitate, Transmembrane, Viral immunoevasion, Virion, VIRAL PROTEIN
;
# 
loop_
_struct_asym.id 
_struct_asym.pdbx_blank_PDB_chainid_flag 
_struct_asym.pdbx_modified 
_struct_asym.entity_id 
_struct_asym.details 
A N N 1 ? 
B N N 1 ? 
C N N 2 ? 
D N N 2 ? 
E N N 2 ? 
F N N 2 ? 
G N N 2 ? 
H N N 2 ? 
I N N 2 ? 
J N N 2 ? 
K N N 3 ? 
L N N 3 ? 
# 
_struct_biol.id        1 
_struct_biol.details   ? 
# 
loop_
_struct_conf.conf_type_id 
_struct_conf.id 
_struct_conf.pdbx_PDB_helix_id 
_struct_conf.beg_label_comp_id 
_struct_conf.beg_label_asym_id 
_struct_conf.beg_label_seq_id 
_struct_conf.pdbx_beg_PDB_ins_code 
_struct_conf.end_label_comp_id 
_struct_conf.end_label_asym_id 
_struct_conf.end_label_seq_id 
_struct_conf.pdbx_end_PDB_ins_code 
_struct_conf.beg_auth_comp_id 
_struct_conf.beg_auth_asym_id 
_struct_conf.beg_auth_seq_id 
_struct_conf.end_auth_comp_id 
_struct_conf.end_auth_asym_id 
_struct_conf.end_auth_seq_id 
_struct_conf.pdbx_PDB_helix_class 
_struct_conf.details 
_struct_conf.pdbx_PDB_helix_length 
HELX_P HELX_P1 1 GLU A 1 ? TRP A 51 ? GLU A 1 TRP A 51 1 ? 51 
HELX_P HELX_P2 2 TYR B 9 ? LYS B 54 ? TYR B 9 LYS B 54 1 ? 46 
# 
_struct_conf_type.id          HELX_P 
_struct_conf_type.criteria    ? 
_struct_conf_type.reference   ? 
# 
loop_
_struct_site.id 
_struct_site.pdbx_evidence_code 
_struct_site.pdbx_auth_asym_id 
_struct_site.pdbx_auth_comp_id 
_struct_site.pdbx_auth_seq_id 
_struct_site.pdbx_auth_ins_code 
_struct_site.pdbx_num_residues 
_struct_site.details 
AC1 Software A HEZ 55 ? 5 'BINDING SITE FOR RESIDUE HEZ A 55' 
AC2 Software B HEZ 55 ? 8 'BINDING SITE FOR RESIDUE HEZ B 55' 
AC3 Software B HEZ 56 ? 5 'BINDING SITE FOR RESIDUE HEZ B 56' 
AC4 Software B HEZ 57 ? 6 'BINDING SITE FOR RESIDUE HEZ B 57' 
AC5 Software A HEZ 56 ? 6 'BINDING SITE FOR RESIDUE HEZ A 56' 
AC6 Software A HEZ 57 ? 6 'BINDING SITE FOR RESIDUE HEZ A 57' 
AC7 Software A HEZ 58 ? 5 'BINDING SITE FOR RESIDUE HEZ A 58' 
AC8 Software A HEZ 59 ? 4 'BINDING SITE FOR RESIDUE HEZ A 59' 
# 
loop_
_struct_site_gen.id 
_struct_site_gen.site_id 
_struct_site_gen.pdbx_num_res 
_struct_site_gen.label_comp_id 
_struct_site_gen.label_asym_id 
_struct_site_gen.label_seq_id 
_struct_site_gen.pdbx_auth_ins_code 
_struct_site_gen.auth_comp_id 
_struct_site_gen.auth_asym_id 
_struct_site_gen.auth_seq_id 
_struct_site_gen.label_atom_id 
_struct_site_gen.label_alt_id 
_struct_site_gen.symmetry 
_struct_site_gen.details 
1  AC1 5 LYS A 36 ? LYS A 36 . ? 1_555 ? 
2  AC1 5 ILE A 53 ? ILE A 53 . ? 6_655 ? 
3  AC1 5 HEZ D .  ? HEZ A 56 . ? 1_555 ? 
4  AC1 5 HOH K .  ? HOH A 86 . ? 6_655 ? 
5  AC1 5 TRP B 43 ? TRP B 43 . ? 2_555 ? 
6  AC2 8 TRP A 2  ? TRP A 2  . ? 1_555 ? 
7  AC2 8 ILE A 6  ? ILE A 6  . ? 1_555 ? 
8  AC2 8 TRP A 37 ? TRP A 37 . ? 4_545 ? 
9  AC2 8 TRP A 41 ? TRP A 41 . ? 4_545 ? 
10 AC2 8 THR A 47 ? THR A 47 . ? 3_554 ? 
11 AC2 8 TRP B 37 ? TRP B 37 . ? 1_555 ? 
12 AC2 8 TRP B 41 ? TRP B 41 . ? 1_555 ? 
13 AC2 8 HEZ I .  ? HEZ B 56 . ? 1_555 ? 
14 AC3 5 TRP A 41 ? TRP A 41 . ? 4_545 ? 
15 AC3 5 ASN A 45 ? ASN A 45 . ? 4_545 ? 
16 AC3 5 ASN B 48 ? ASN B 48 . ? 5_544 ? 
17 AC3 5 HEZ H .  ? HEZ B 55 . ? 1_555 ? 
18 AC3 5 HOH L .  ? HOH B 72 . ? 1_555 ? 
19 AC4 6 LYS A 54 ? LYS A 54 . ? 3_564 ? 
20 AC4 6 HEZ D .  ? HEZ A 56 . ? 3_554 ? 
21 AC4 6 HEZ E .  ? HEZ A 57 . ? 3_554 ? 
22 AC4 6 HOH K .  ? HOH A 89 . ? 3_564 ? 
23 AC4 6 ILE B 53 ? ILE B 53 . ? 5_544 ? 
24 AC4 6 LYS B 54 ? LYS B 54 . ? 5_544 ? 
25 AC5 6 HEZ C .  ? HEZ A 55 . ? 1_555 ? 
26 AC5 6 HEZ E .  ? HEZ A 57 . ? 1_555 ? 
27 AC5 6 HOH K .  ? HOH A 69 . ? 1_555 ? 
28 AC5 6 SER B 39 ? SER B 39 . ? 2_555 ? 
29 AC5 6 ILE B 53 ? ILE B 53 . ? 4_665 ? 
30 AC5 6 HEZ J .  ? HEZ B 57 . ? 2_555 ? 
31 AC6 6 ASN A 45 ? ASN A 45 . ? 6_655 ? 
32 AC6 6 TRP A 49 ? TRP A 49 . ? 6_655 ? 
33 AC6 6 TYR A 52 ? TYR A 52 . ? 1_445 ? 
34 AC6 6 HEZ D .  ? HEZ A 56 . ? 1_555 ? 
35 AC6 6 HOH K .  ? HOH A 65 . ? 6_655 ? 
36 AC6 6 HEZ J .  ? HEZ B 57 . ? 2_555 ? 
37 AC7 5 ASP A 3  ? ASP A 3  . ? 4_665 ? 
38 AC7 5 ASN B 42 ? ASN B 42 . ? 4_665 ? 
39 AC7 5 ASN B 45 ? ASN B 45 . ? 4_665 ? 
40 AC7 5 ILE B 46 ? ILE B 46 . ? 4_665 ? 
41 AC7 5 TRP B 49 ? TRP B 49 . ? 4_665 ? 
42 AC8 4 LYS A 36 ? LYS A 36 . ? 1_555 ? 
43 AC8 4 SER A 39 ? SER A 39 . ? 1_555 ? 
44 AC8 4 LYS A 54 ? LYS A 54 . ? 6_655 ? 
45 AC8 4 TRP B 49 ? TRP B 49 . ? 4_665 ? 
# 
_atom_sites.entry_id                    3H01 
_atom_sites.fract_transf_matrix[1][1]   -0.02751725 
_atom_sites.fract_transf_matrix[1][2]   -0.00446729 
_atom_sites.fract_transf_matrix[1][3]   0.01945394 
_atom_sites.fract_transf_matrix[2][1]   0.00093509 
_atom_sites.fract_transf_matrix[2][2]   -0.02188182 
_atom_sites.fract_transf_matrix[2][3]   0.02599945 
_atom_sites.fract_transf_matrix[3][1]   0.00161665 
_atom_sites.fract_transf_matrix[3][2]   0.00383154 
_atom_sites.fract_transf_matrix[3][3]   0.00316658 
_atom_sites.fract_transf_vector[1]      0.121714 
_atom_sites.fract_transf_vector[2]      -0.120263 
_atom_sites.fract_transf_vector[3]      -0.011446 
# 
loop_
_atom_type.symbol 
C 
N 
O 
# 
loop_
_atom_site.group_PDB 
_atom_site.id 
_atom_site.type_symbol 
_atom_site.label_atom_id 
_atom_site.label_alt_id 
_atom_site.label_comp_id 
_atom_site.label_asym_id 
_atom_site.label_entity_id 
_atom_site.label_seq_id 
_atom_site.pdbx_PDB_ins_code 
_atom_site.Cartn_x 
_atom_site.Cartn_y 
_atom_site.Cartn_z 
_atom_site.occupancy 
_atom_site.B_iso_or_equiv 
_atom_site.pdbx_formal_charge 
_atom_site.auth_seq_id 
_atom_site.auth_comp_id 
_atom_site.auth_asym_id 
_atom_site.auth_atom_id 
_atom_site.pdbx_PDB_model_num 
ATOM   1    N N   . GLU A 1 1  ? -1.284  -1.798  -30.298 1.00 25.42 ? 1   GLU A N   1 
ATOM   2    C CA  . GLU A 1 1  ? -2.011  -3.043  -29.885 1.00 21.59 ? 1   GLU A CA  1 
ATOM   3    C C   . GLU A 1 1  ? -2.194  -3.263  -28.373 1.00 18.99 ? 1   GLU A C   1 
ATOM   4    O O   . GLU A 1 1  ? -1.882  -2.406  -27.556 1.00 19.61 ? 1   GLU A O   1 
ATOM   5    C CB  . GLU A 1 1  ? -1.383  -4.249  -30.582 1.00 21.95 ? 1   GLU A CB  1 
ATOM   6    C CG  . GLU A 1 1  ? -1.951  -4.488  -31.930 1.00 25.21 ? 1   GLU A CG  1 
ATOM   7    C CD  . GLU A 1 1  ? -3.355  -5.006  -31.831 1.00 20.13 ? 1   GLU A CD  1 
ATOM   8    O OE1 . GLU A 1 1  ? -3.719  -5.424  -30.711 1.00 20.91 ? 1   GLU A OE1 1 
ATOM   9    O OE2 . GLU A 1 1  ? -4.056  -4.964  -32.845 1.00 20.09 ? 1   GLU A OE2 1 
ATOM   10   N N   . TRP A 1 2  ? -2.694  -4.444  -27.996 1.00 14.88 ? 2   TRP A N   1 
ATOM   11   C CA  . TRP A 1 2  ? -2.988  -4.732  -26.611 1.00 13.36 ? 2   TRP A CA  1 
ATOM   12   C C   . TRP A 1 2  ? -1.811  -4.608  -25.657 1.00 14.29 ? 2   TRP A C   1 
ATOM   13   O O   . TRP A 1 2  ? -1.998  -4.524  -24.473 1.00 12.96 ? 2   TRP A O   1 
ATOM   14   C CB  . TRP A 1 2  ? -3.604  -6.132  -26.493 1.00 13.17 ? 2   TRP A CB  1 
ATOM   15   C CG  . TRP A 1 2  ? -4.986  -6.193  -27.082 1.00 12.45 ? 2   TRP A CG  1 
ATOM   16   C CD1 . TRP A 1 2  ? -5.352  -6.806  -28.195 1.00 14.64 ? 2   TRP A CD1 1 
ATOM   17   C CD2 . TRP A 1 2  ? -6.188  -5.601  -26.511 1.00 10.81 ? 2   TRP A CD2 1 
ATOM   18   N NE1 . TRP A 1 2  ? -6.705  -6.647  -28.431 1.00 14.10 ? 2   TRP A NE1 1 
ATOM   19   C CE2 . TRP A 1 2  ? -7.247  -5.943  -27.396 1.00 10.61 ? 2   TRP A CE2 1 
ATOM   20   C CE3 . TRP A 1 2  ? -6.467  -4.853  -25.361 1.00 15.36 ? 2   TRP A CE3 1 
ATOM   21   C CZ2 . TRP A 1 2  ? -8.573  -5.514  -27.190 1.00 13.64 ? 2   TRP A CZ2 1 
ATOM   22   C CZ3 . TRP A 1 2  ? -7.811  -4.454  -25.144 1.00 14.62 ? 2   TRP A CZ3 1 
ATOM   23   C CH2 . TRP A 1 2  ? -8.824  -4.805  -26.074 1.00 12.12 ? 2   TRP A CH2 1 
ATOM   24   N N   . ASP A 1 3  ? -0.582  -4.608  -26.176 1.00 17.37 ? 3   ASP A N   1 
ATOM   25   C CA  . ASP A 1 3  ? 0.541   -4.330  -25.270 1.00 19.00 ? 3   ASP A CA  1 
ATOM   26   C C   . ASP A 1 3  ? 0.448   -2.964  -24.598 1.00 19.48 ? 3   ASP A C   1 
ATOM   27   O O   . ASP A 1 3  ? 0.893   -2.811  -23.476 1.00 19.71 ? 3   ASP A O   1 
ATOM   28   C CB  . ASP A 1 3  ? 1.894   -4.443  -25.983 1.00 22.61 ? 3   ASP A CB  1 
ATOM   29   C CG  . ASP A 1 3  ? 2.309   -5.864  -26.241 1.00 29.71 ? 3   ASP A CG  1 
ATOM   30   O OD1 . ASP A 1 3  ? 1.679   -6.803  -25.702 1.00 35.87 ? 3   ASP A OD1 1 
ATOM   31   O OD2 . ASP A 1 3  ? 3.288   -6.048  -27.007 1.00 38.38 ? 3   ASP A OD2 1 
ATOM   32   N N   . ARG A 1 4  ? -0.113  -1.977  -25.294 1.00 21.06 ? 4   ARG A N   1 
ATOM   33   C CA  . ARG A 1 4  ? -0.374  -0.654  -24.719 1.00 21.92 ? 4   ARG A CA  1 
ATOM   34   C C   . ARG A 1 4  ? -1.214  -0.791  -23.471 1.00 19.43 ? 4   ARG A C   1 
ATOM   35   O O   . ARG A 1 4  ? -0.830  -0.309  -22.402 1.00 19.18 ? 4   ARG A O   1 
ATOM   36   C CB  . ARG A 1 4  ? -1.111  0.275   -25.700 1.00 22.49 ? 4   ARG A CB  1 
ATOM   37   C CG  . ARG A 1 4  ? -1.535  1.615   -25.046 1.00 25.11 ? 4   ARG A CG  1 
ATOM   38   C CD  . ARG A 1 4  ? -2.398  2.471   -25.987 1.00 29.00 ? 4   ARG A CD  1 
ATOM   39   N NE  . ARG A 1 4  ? -3.723  1.873   -26.210 1.00 35.47 ? 4   ARG A NE  1 
ATOM   40   C CZ  . ARG A 1 4  ? -4.523  2.149   -27.235 1.00 37.99 ? 4   ARG A CZ  1 
ATOM   41   N NH1 . ARG A 1 4  ? -4.147  2.993   -28.198 1.00 41.57 ? 4   ARG A NH1 1 
ATOM   42   N NH2 . ARG A 1 4  ? -5.705  1.549   -27.320 1.00 40.76 ? 4   ARG A NH2 1 
ATOM   43   N N   . GLU A 1 5  ? -2.349  -1.485  -23.605 1.00 17.72 ? 5   GLU A N   1 
ATOM   44   C CA  . GLU A 1 5  ? -3.235  -1.700  -22.470 1.00 16.63 ? 5   GLU A CA  1 
ATOM   45   C C   . GLU A 1 5  ? -2.526  -2.437  -21.350 1.00 15.37 ? 5   GLU A C   1 
ATOM   46   O O   . GLU A 1 5  ? -2.630  -2.063  -20.221 1.00 15.21 ? 5   GLU A O   1 
ATOM   47   C CB  . GLU A 1 5  ? -4.438  -2.545  -22.856 1.00 17.57 ? 5   GLU A CB  1 
ATOM   48   C CG  . GLU A 1 5  ? -5.625  -1.772  -23.396 1.00 21.77 ? 5   GLU A CG  1 
ATOM   49   C CD  . GLU A 1 5  ? -5.461  -1.342  -24.826 1.00 24.77 ? 5   GLU A CD  1 
ATOM   50   O OE1 . GLU A 1 5  ? -4.405  -1.621  -25.463 1.00 26.90 ? 5   GLU A OE1 1 
ATOM   51   O OE2 . GLU A 1 5  ? -6.437  -0.747  -25.347 1.00 26.96 ? 5   GLU A OE2 1 
ATOM   52   N N   . ILE A 1 6  ? -1.809  -3.503  -21.674 1.00 13.95 ? 6   ILE A N   1 
ATOM   53   C CA  . ILE A 1 6  ? -1.115  -4.259  -20.638 1.00 14.56 ? 6   ILE A CA  1 
ATOM   54   C C   . ILE A 1 6  ? -0.127  -3.377  -19.875 1.00 15.31 ? 6   ILE A C   1 
ATOM   55   O O   . ILE A 1 6  ? -0.058  -3.400  -18.631 1.00 16.85 ? 6   ILE A O   1 
ATOM   56   C CB  . ILE A 1 6  ? -0.428  -5.505  -21.237 1.00 14.74 ? 6   ILE A CB  1 
ATOM   57   C CG1 . ILE A 1 6  ? -1.481  -6.491  -21.754 1.00 13.67 ? 6   ILE A CG1 1 
ATOM   58   C CG2 . ILE A 1 6  ? 0.512   -6.164  -20.212 1.00 17.44 ? 6   ILE A CG2 1 
ATOM   59   C CD1 . ILE A 1 6  ? -0.924  -7.606  -22.676 1.00 15.23 ? 6   ILE A CD1 1 
ATOM   60   N N   . ASN A 1 7  ? 0.610   -2.555  -20.606 1.00 17.22 ? 7   ASN A N   1 
ATOM   61   C CA  . ASN A 1 7  ? 1.615   -1.667  -19.986 1.00 19.88 ? 7   ASN A CA  1 
ATOM   62   C C   . ASN A 1 7  ? 0.944   -0.610  -19.123 1.00 19.36 ? 7   ASN A C   1 
ATOM   63   O O   . ASN A 1 7  ? 1.403   -0.301  -18.016 1.00 19.56 ? 7   ASN A O   1 
ATOM   64   C CB  . ASN A 1 7  ? 2.467   -0.993  -21.066 1.00 22.65 ? 7   ASN A CB  1 
ATOM   65   C CG  . ASN A 1 7  ? 3.414   -1.957  -21.737 1.00 25.43 ? 7   ASN A CG  1 
ATOM   66   O OD1 . ASN A 1 7  ? 3.747   -3.009  -21.173 1.00 31.55 ? 7   ASN A OD1 1 
ATOM   67   N ND2 . ASN A 1 7  ? 3.861   -1.615  -22.939 1.00 30.96 ? 7   ASN A ND2 1 
ATOM   68   N N   . ASN A 1 8  ? -0.139  -0.036  -19.641 1.00 19.08 ? 8   ASN A N   1 
ATOM   69   C CA  . ASN A 1 8  ? -0.922  0.964   -18.922 1.00 20.95 ? 8   ASN A CA  1 
ATOM   70   C C   . ASN A 1 8  ? -1.515  0.407   -17.617 1.00 20.36 ? 8   ASN A C   1 
ATOM   71   O O   . ASN A 1 8  ? -1.447  1.072   -16.571 1.00 21.03 ? 8   ASN A O   1 
ATOM   72   C CB  . ASN A 1 8  ? -2.050  1.496   -19.813 1.00 21.58 ? 8   ASN A CB  1 
ATOM   73   C CG  . ASN A 1 8  ? -1.559  2.453   -20.888 1.00 24.32 ? 8   ASN A CG  1 
ATOM   74   O OD1 . ASN A 1 8  ? -2.308  2.820   -21.798 1.00 28.47 ? 8   ASN A OD1 1 
ATOM   75   N ND2 . ASN A 1 8  ? -0.310  2.874   -20.783 1.00 25.69 ? 8   ASN A ND2 1 
ATOM   76   N N   . TYR A 1 9  ? -2.092  -0.794  -17.682 1.00 21.60 ? 9   TYR A N   1 
ATOM   77   C CA  . TYR A 1 9  ? -2.731  -1.435  -16.511 1.00 21.45 ? 9   TYR A CA  1 
ATOM   78   C C   . TYR A 1 9  ? -1.656  -1.784  -15.487 1.00 21.25 ? 9   TYR A C   1 
ATOM   79   O O   . TYR A 1 9  ? -1.890  -1.649  -14.285 1.00 20.16 ? 9   TYR A O   1 
ATOM   80   C CB  . TYR A 1 9  ? -3.534  -2.663  -16.942 1.00 23.09 ? 9   TYR A CB  1 
ATOM   81   C CG  . TYR A 1 9  ? -4.552  -3.311  -15.979 1.00 24.43 ? 9   TYR A CG  1 
ATOM   82   C CD1 . TYR A 1 9  ? -4.933  -2.714  -14.772 1.00 29.26 ? 9   TYR A CD1 1 
ATOM   83   C CD2 . TYR A 1 9  ? -5.185  -4.513  -16.347 1.00 30.53 ? 9   TYR A CD2 1 
ATOM   84   C CE1 . TYR A 1 9  ? -5.891  -3.328  -13.939 1.00 30.09 ? 9   TYR A CE1 1 
ATOM   85   C CE2 . TYR A 1 9  ? -6.124  -5.122  -15.520 1.00 31.01 ? 9   TYR A CE2 1 
ATOM   86   C CZ  . TYR A 1 9  ? -6.474  -4.518  -14.327 1.00 29.43 ? 9   TYR A CZ  1 
ATOM   87   O OH  . TYR A 1 9  ? -7.426  -5.134  -13.523 1.00 33.52 ? 9   TYR A OH  1 
ATOM   88   N N   . THR A 1 10 ? -0.477  -2.192  -15.973 1.00 21.26 ? 10  THR A N   1 
ATOM   89   C CA  . THR A 1 10 ? 0.669   -2.517  -15.104 1.00 22.51 ? 10  THR A CA  1 
ATOM   90   C C   . THR A 1 10 ? 1.085   -1.263  -14.349 1.00 23.12 ? 10  THR A C   1 
ATOM   91   O O   . THR A 1 10 ? 1.311   -1.303  -13.111 1.00 21.99 ? 10  THR A O   1 
ATOM   92   C CB  . THR A 1 10 ? 1.887   -3.105  -15.919 1.00 23.77 ? 10  THR A CB  1 
ATOM   93   O OG1 . THR A 1 10 ? 1.495   -4.315  -16.574 1.00 24.68 ? 10  THR A OG1 1 
ATOM   94   C CG2 . THR A 1 10 ? 3.070   -3.405  -14.963 1.00 26.11 ? 10  THR A CG2 1 
ATOM   95   N N   . SER A 1 11 ? 1.185   -0.144  -15.065 1.00 23.53 ? 11  SER A N   1 
ATOM   96   C CA  . SER A 1 11 ? 1.574   1.119   -14.421 1.00 25.13 ? 11  SER A CA  1 
ATOM   97   C C   . SER A 1 11 ? 0.515   1.592   -13.439 1.00 24.36 ? 11  SER A C   1 
ATOM   98   O O   . SER A 1 11 ? 0.845   2.096   -12.350 1.00 23.65 ? 11  SER A O   1 
ATOM   99   C CB  . SER A 1 11 ? 1.836   2.226   -15.442 1.00 27.32 ? 11  SER A CB  1 
ATOM   100  O OG  . SER A 1 11 ? 2.705   1.785   -16.460 1.00 31.90 ? 11  SER A OG  1 
ATOM   101  N N   . LEU A 1 12 ? -0.754  1.432   -13.798 1.00 23.78 ? 12  LEU A N   1 
ATOM   102  C CA  . LEU A 1 12 ? -1.831  1.830   -12.894 1.00 23.35 ? 12  LEU A CA  1 
ATOM   103  C C   . LEU A 1 12 ? -1.799  1.021   -11.603 1.00 22.42 ? 12  LEU A C   1 
ATOM   104  O O   . LEU A 1 12 ? -1.955  1.590   -10.501 1.00 22.57 ? 12  LEU A O   1 
ATOM   105  C CB  . LEU A 1 12 ? -3.195  1.704   -13.573 1.00 23.67 ? 12  LEU A CB  1 
ATOM   106  C CG  . LEU A 1 12 ? -4.439  1.971   -12.730 1.00 24.03 ? 12  LEU A CG  1 
ATOM   107  C CD1 . LEU A 1 12 ? -4.404  3.405   -12.124 1.00 24.49 ? 12  LEU A CD1 1 
ATOM   108  C CD2 . LEU A 1 12 ? -5.665  1.765   -13.601 1.00 24.78 ? 12  LEU A CD2 1 
ATOM   109  N N   . ILE A 1 13 ? -1.597  -0.292  -11.714 1.00 21.25 ? 13  ILE A N   1 
ATOM   110  C CA  . ILE A 1 13 ? -1.485  -1.127  -10.504 1.00 20.77 ? 13  ILE A CA  1 
ATOM   111  C C   . ILE A 1 13 ? -0.327  -0.623  -9.649  1.00 21.92 ? 13  ILE A C   1 
ATOM   112  O O   . ILE A 1 13 ? -0.486  -0.453  -8.431  1.00 21.05 ? 13  ILE A O   1 
ATOM   113  C CB  . ILE A 1 13 ? -1.391  -2.652  -10.819 1.00 21.36 ? 13  ILE A CB  1 
ATOM   114  C CG1 . ILE A 1 13 ? -2.703  -3.140  -11.446 1.00 20.15 ? 13  ILE A CG1 1 
ATOM   115  C CG2 . ILE A 1 13 ? -1.098  -3.460  -9.517  1.00 21.03 ? 13  ILE A CG2 1 
ATOM   116  C CD1 . ILE A 1 13 ? -2.615  -4.498  -12.159 1.00 21.29 ? 13  ILE A CD1 1 
ATOM   117  N N   . HIS A 1 14 ? 0.819   -0.340  -10.261 1.00 22.51 ? 14  HIS A N   1 
ATOM   118  C CA  . HIS A 1 14 ? 1.940   0.247   -9.486  1.00 24.49 ? 14  HIS A CA  1 
ATOM   119  C C   . HIS A 1 14 ? 1.571   1.565   -8.805  1.00 24.20 ? 14  HIS A C   1 
ATOM   120  O O   . HIS A 1 14 ? 1.949   1.802   -7.640  1.00 25.19 ? 14  HIS A O   1 
ATOM   121  C CB  . HIS A 1 14 ? 3.180   0.444   -10.361 1.00 25.42 ? 14  HIS A CB  1 
ATOM   122  C CG  . HIS A 1 14 ? 3.924   -0.826  -10.660 1.00 28.01 ? 14  HIS A CG  1 
ATOM   123  N ND1 . HIS A 1 14 ? 4.584   -1.542  -9.681  1.00 30.82 ? 14  HIS A ND1 1 
ATOM   124  C CD2 . HIS A 1 14 ? 4.127   -1.500  -11.818 1.00 28.83 ? 14  HIS A CD2 1 
ATOM   125  C CE1 . HIS A 1 14 ? 5.168   -2.595  -10.225 1.00 32.03 ? 14  HIS A CE1 1 
ATOM   126  N NE2 . HIS A 1 14 ? 4.902   -2.597  -11.519 1.00 31.33 ? 14  HIS A NE2 1 
ATOM   127  N N   . SER A 1 15 ? 0.853   2.432   -9.522  1.00 24.13 ? 15  SER A N   1 
ATOM   128  C CA  . SER A 1 15 ? 0.403   3.726   -8.966  1.00 24.30 ? 15  SER A CA  1 
ATOM   129  C C   . SER A 1 15 ? -0.498  3.515   -7.755  1.00 22.76 ? 15  SER A C   1 
ATOM   130  O O   . SER A 1 15 ? -0.361  4.201   -6.729  1.00 22.12 ? 15  SER A O   1 
ATOM   131  C CB  . SER A 1 15 ? -0.347  4.533   -10.036 1.00 24.08 ? 15  SER A CB  1 
ATOM   132  O OG  . SER A 1 15 ? 0.551   5.060   -11.000 1.00 27.32 ? 15  SER A OG  1 
ATOM   133  N N   . LEU A 1 16 ? -1.423  2.565   -7.871  1.00 21.85 ? 16  LEU A N   1 
ATOM   134  C CA  . LEU A 1 16 ? -2.329  2.226   -6.759  1.00 21.12 ? 16  LEU A CA  1 
ATOM   135  C C   . LEU A 1 16 ? -1.593  1.637   -5.569  1.00 21.38 ? 16  LEU A C   1 
ATOM   136  O O   . LEU A 1 16 ? -1.878  2.033   -4.422  1.00 21.46 ? 16  LEU A O   1 
ATOM   137  C CB  . LEU A 1 16 ? -3.456  1.292   -7.238  1.00 21.22 ? 16  LEU A CB  1 
ATOM   138  C CG  . LEU A 1 16 ? -4.447  1.903   -8.245  1.00 20.74 ? 16  LEU A CG  1 
ATOM   139  C CD1 . LEU A 1 16 ? -5.280  0.789   -8.868  1.00 22.01 ? 16  LEU A CD1 1 
ATOM   140  C CD2 . LEU A 1 16 ? -5.369  2.957   -7.582  1.00 22.02 ? 16  LEU A CD2 1 
ATOM   141  N N   . ILE A 1 17 ? -0.654  0.713   -5.813  1.00 21.69 ? 17  ILE A N   1 
ATOM   142  C CA  . ILE A 1 17 ? 0.190   0.151   -4.734  1.00 21.57 ? 17  ILE A CA  1 
ATOM   143  C C   . ILE A 1 17 ? 0.921   1.282   -4.025  1.00 22.68 ? 17  ILE A C   1 
ATOM   144  O O   . ILE A 1 17 ? 0.967   1.324   -2.778  1.00 21.13 ? 17  ILE A O   1 
ATOM   145  C CB  . ILE A 1 17 ? 1.227   -0.893  -5.254  1.00 22.72 ? 17  ILE A CB  1 
ATOM   146  C CG1 . ILE A 1 17 ? 0.509   -2.199  -5.631  1.00 21.75 ? 17  ILE A CG1 1 
ATOM   147  C CG2 . ILE A 1 17 ? 2.359   -1.135  -4.210  1.00 22.70 ? 17  ILE A CG2 1 
ATOM   148  C CD1 . ILE A 1 17 ? 1.292   -3.163  -6.511  1.00 24.72 ? 17  ILE A CD1 1 
ATOM   149  N N   . GLU A 1 18 ? 1.481   2.203   -4.801  1.00 23.13 ? 18  GLU A N   1 
ATOM   150  C CA  . GLU A 1 18 ? 2.181   3.351   -4.207  1.00 24.71 ? 18  GLU A CA  1 
ATOM   151  C C   . GLU A 1 18 ? 1.245   4.282   -3.426  1.00 23.54 ? 18  GLU A C   1 
ATOM   152  O O   . GLU A 1 18 ? 1.612   4.772   -2.345  1.00 23.73 ? 18  GLU A O   1 
ATOM   153  C CB  . GLU A 1 18 ? 2.968   4.129   -5.252  1.00 26.80 ? 18  GLU A CB  1 
ATOM   154  C CG  . GLU A 1 18 ? 4.176   3.372   -5.793  1.00 32.01 ? 18  GLU A CG  1 
ATOM   155  C CD  . GLU A 1 18 ? 4.498   3.723   -7.228  1.00 38.16 ? 18  GLU A CD  1 
ATOM   156  O OE1 . GLU A 1 18 ? 4.240   4.881   -7.628  1.00 41.03 ? 18  GLU A OE1 1 
ATOM   157  O OE2 . GLU A 1 18 ? 5.010   2.840   -7.963  1.00 40.86 ? 18  GLU A OE2 1 
ATOM   158  N N   . GLU A 1 19 ? 0.048   4.537   -3.953  1.00 22.66 ? 19  GLU A N   1 
ATOM   159  C CA  . GLU A 1 19 ? -0.909  5.368   -3.237  1.00 22.68 ? 19  GLU A CA  1 
ATOM   160  C C   . GLU A 1 19 ? -1.262  4.697   -1.896  1.00 21.34 ? 19  GLU A C   1 
ATOM   161  O O   . GLU A 1 19 ? -1.340  5.373   -0.837  1.00 21.26 ? 19  GLU A O   1 
ATOM   162  C CB  . GLU A 1 19 ? -2.159  5.605   -4.093  1.00 23.41 ? 19  GLU A CB  1 
ATOM   163  C CG  . GLU A 1 19 ? -3.302  6.365   -3.393  1.00 26.00 ? 19  GLU A CG  1 
ATOM   164  C CD  . GLU A 1 19 ? -2.987  7.817   -3.069  1.00 32.47 ? 19  GLU A CD  1 
ATOM   165  O OE1 . GLU A 1 19 ? -2.093  8.421   -3.702  1.00 35.55 ? 19  GLU A OE1 1 
ATOM   166  O OE2 . GLU A 1 19 ? -3.660  8.373   -2.181  1.00 34.73 ? 19  GLU A OE2 1 
ATOM   167  N N   . SER A 1 20 ? -1.452  3.379   -1.925  1.00 20.75 ? 20  SER A N   1 
ATOM   168  C CA  . SER A 1 20 ? -1.791  2.639   -0.704  1.00 21.04 ? 20  SER A CA  1 
ATOM   169  C C   . SER A 1 20 ? -0.626  2.712   0.303   1.00 21.49 ? 20  SER A C   1 
ATOM   170  O O   . SER A 1 20 ? -0.842  2.959   1.509   1.00 21.48 ? 20  SER A O   1 
ATOM   171  C CB  . SER A 1 20 ? -2.144  1.195   -1.037  1.00 21.66 ? 20  SER A CB  1 
ATOM   172  O OG  . SER A 1 20 ? -2.564  0.494   0.122   1.00 23.94 ? 20  SER A OG  1 
ATOM   173  N N   . GLN A 1 21 ? 0.598   2.553   -0.199  1.00 21.95 ? 21  GLN A N   1 
ATOM   174  C CA  . GLN A 1 21 ? 1.794   2.629   0.649   1.00 23.70 ? 21  GLN A CA  1 
ATOM   175  C C   . GLN A 1 21 ? 1.922   4.021   1.250   1.00 23.69 ? 21  GLN A C   1 
ATOM   176  O O   . GLN A 1 21 ? 2.185   4.166   2.462   1.00 22.62 ? 21  GLN A O   1 
ATOM   177  C CB  . GLN A 1 21 ? 3.050   2.247   -0.132  1.00 24.54 ? 21  GLN A CB  1 
ATOM   178  C CG  . GLN A 1 21 ? 3.110   0.765   -0.508  1.00 25.83 ? 21  GLN A CG  1 
ATOM   179  C CD  . GLN A 1 21 ? 4.286   0.412   -1.402  1.00 28.03 ? 21  GLN A CD  1 
ATOM   180  O OE1 . GLN A 1 21 ? 4.767   -0.727  -1.391  1.00 32.74 ? 21  GLN A OE1 1 
ATOM   181  N NE2 . GLN A 1 21 ? 4.731   1.369   -2.213  1.00 31.84 ? 21  GLN A NE2 1 
ATOM   182  N N   . ASN A 1 22 ? 1.711   5.051   0.435   1.00 23.82 ? 22  ASN A N   1 
ATOM   183  C CA  . ASN A 1 22 ? 1.719   6.418   0.965   1.00 24.70 ? 22  ASN A CA  1 
ATOM   184  C C   . ASN A 1 22 ? 0.673   6.668   2.040   1.00 24.42 ? 22  ASN A C   1 
ATOM   185  O O   . ASN A 1 22 ? 0.944   7.405   3.011   1.00 23.63 ? 22  ASN A O   1 
ATOM   186  C CB  . ASN A 1 22 ? 1.613   7.462   -0.146  1.00 25.83 ? 22  ASN A CB  1 
ATOM   187  C CG  . ASN A 1 22 ? 2.837   7.472   -1.043  1.00 28.40 ? 22  ASN A CG  1 
ATOM   188  O OD1 . ASN A 1 22 ? 3.930   7.114   -0.610  1.00 34.44 ? 22  ASN A OD1 1 
ATOM   189  N ND2 . ASN A 1 22 ? 2.668   7.893   -2.287  1.00 31.39 ? 22  ASN A ND2 1 
ATOM   190  N N   . GLN A 1 23 ? -0.509  6.072   1.876   1.00 23.92 ? 23  GLN A N   1 
ATOM   191  C CA  . GLN A 1 23 ? -1.575  6.196   2.867   1.00 24.57 ? 23  GLN A CA  1 
ATOM   192  C C   . GLN A 1 23 ? -1.169  5.507   4.155   1.00 23.56 ? 23  GLN A C   1 
ATOM   193  O O   . GLN A 1 23 ? -1.401  6.045   5.263   1.00 23.63 ? 23  GLN A O   1 
ATOM   194  C CB  . GLN A 1 23 ? -2.881  5.600   2.331   1.00 24.38 ? 23  GLN A CB  1 
ATOM   195  C CG  . GLN A 1 23 ? -3.632  6.527   1.365   1.00 25.08 ? 23  GLN A CG  1 
ATOM   196  C CD  . GLN A 1 23 ? -4.873  5.887   0.747   1.00 28.21 ? 23  GLN A CD  1 
ATOM   197  O OE1 . GLN A 1 23 ? -5.211  4.740   1.029   1.00 33.78 ? 23  GLN A OE1 1 
ATOM   198  N NE2 . GLN A 1 23 ? -5.544  6.631   -0.114  1.00 33.90 ? 23  GLN A NE2 1 
ATOM   199  N N   . GLN A 1 24 ? -0.530  4.340   4.033   1.00 23.08 ? 24  GLN A N   1 
ATOM   200  C CA  . GLN A 1 24 ? -0.050  3.602   5.221   1.00 23.78 ? 24  GLN A CA  1 
ATOM   201  C C   . GLN A 1 24 ? 0.987   4.405   5.976   1.00 23.99 ? 24  GLN A C   1 
ATOM   202  O O   . GLN A 1 24 ? 0.920   4.506   7.233   1.00 24.10 ? 24  GLN A O   1 
ATOM   203  C CB  . GLN A 1 24 ? 0.546   2.258   4.816   1.00 24.72 ? 24  GLN A CB  1 
ATOM   204  C CG  . GLN A 1 24 ? 0.616   1.292   5.976   1.00 26.92 ? 24  GLN A CG  1 
ATOM   205  C CD  . GLN A 1 24 ? 1.203   -0.037  5.583   1.00 31.54 ? 24  GLN A CD  1 
ATOM   206  O OE1 . GLN A 1 24 ? 1.060   -0.481  4.430   1.00 31.30 ? 24  GLN A OE1 1 
ATOM   207  N NE2 . GLN A 1 24 ? 1.881   -0.685  6.531   1.00 34.70 ? 24  GLN A NE2 1 
ATOM   208  N N   . GLU A 1 25 ? 1.925   4.989   5.227   1.00 23.98 ? 25  GLU A N   1 
ATOM   209  C CA  . GLU A 1 25 ? 3.000   5.831   5.803   1.00 25.31 ? 25  GLU A CA  1 
ATOM   210  C C   . GLU A 1 25 ? 2.466   7.076   6.509   1.00 24.35 ? 25  GLU A C   1 
ATOM   211  O O   . GLU A 1 25 ? 2.961   7.436   7.602   1.00 23.77 ? 25  GLU A O   1 
ATOM   212  C CB  . GLU A 1 25 ? 4.040   6.227   4.747   1.00 26.81 ? 25  GLU A CB  1 
ATOM   213  C CG  . GLU A 1 25 ? 4.864   5.041   4.213   1.00 30.65 ? 25  GLU A CG  1 
ATOM   214  C CD  . GLU A 1 25 ? 5.427   5.272   2.820   1.00 35.89 ? 25  GLU A CD  1 
ATOM   215  O OE1 . GLU A 1 25 ? 5.410   6.436   2.339   1.00 37.65 ? 25  GLU A OE1 1 
ATOM   216  O OE2 . GLU A 1 25 ? 5.885   4.279   2.194   1.00 39.49 ? 25  GLU A OE2 1 
ATOM   217  N N   . LYS A 1 26 ? 1.453   7.713   5.928   1.00 23.45 ? 26  LYS A N   1 
ATOM   218  C CA  . LYS A 1 26 ? 0.844   8.888   6.545   1.00 24.01 ? 26  LYS A CA  1 
ATOM   219  C C   . LYS A 1 26 ? 0.161   8.505   7.846   1.00 23.30 ? 26  LYS A C   1 
ATOM   220  O O   . LYS A 1 26 ? 0.306   9.210   8.856   1.00 23.20 ? 26  LYS A O   1 
ATOM   221  C CB  . LYS A 1 26 ? -0.177  9.548   5.628   1.00 24.99 ? 26  LYS A CB  1 
ATOM   222  C CG  . LYS A 1 26 ? -0.710  10.838  6.200   1.00 27.44 ? 26  LYS A CG  1 
ATOM   223  C CD  . LYS A 1 26 ? -1.755  11.450  5.284   1.00 31.48 ? 26  LYS A CD  1 
ATOM   224  C CE  . LYS A 1 26 ? -2.091  12.857  5.733   1.00 33.82 ? 26  LYS A CE  1 
ATOM   225  N NZ  . LYS A 1 26 ? -2.951  13.539  4.736   1.00 37.88 ? 26  LYS A NZ  1 
ATOM   226  N N   . LEU A 1 27 ? -0.576  7.395   7.824   1.00 22.73 ? 27  LEU A N   1 
ATOM   227  C CA  . LEU A 1 27 ? -1.214  6.896   9.051   1.00 22.77 ? 27  LEU A CA  1 
ATOM   228  C C   . LEU A 1 27 ? -0.179  6.605   10.126  1.00 22.61 ? 27  LEU A C   1 
ATOM   229  O O   . LEU A 1 27 ? -0.378  6.973   11.301  1.00 21.55 ? 27  LEU A O   1 
ATOM   230  C CB  . LEU A 1 27 ? -2.029  5.627   8.771   1.00 22.96 ? 27  LEU A CB  1 
ATOM   231  C CG  . LEU A 1 27 ? -3.360  5.762   8.054   1.00 24.63 ? 27  LEU A CG  1 
ATOM   232  C CD1 . LEU A 1 27 ? -3.802  4.366   7.627   1.00 26.65 ? 27  LEU A CD1 1 
ATOM   233  C CD2 . LEU A 1 27 ? -4.423  6.399   8.934   1.00 26.08 ? 27  LEU A CD2 1 
ATOM   234  N N   . GLU A 1 28 ? 0.929   5.959   9.750   1.00 22.82 ? 28  GLU A N   1 
ATOM   235  C CA  . GLU A 1 28 ? 1.990   5.667   10.721  1.00 23.46 ? 28  GLU A CA  1 
ATOM   236  C C   . GLU A 1 28 ? 2.588   6.952   11.311  1.00 22.69 ? 28  GLU A C   1 
ATOM   237  O O   . GLU A 1 28 ? 2.848   7.042   12.543  1.00 21.66 ? 28  GLU A O   1 
ATOM   238  C CB  . GLU A 1 28 ? 3.078   4.779   10.108  1.00 25.66 ? 28  GLU A CB  1 
ATOM   239  C CG  . GLU A 1 28 ? 2.639   3.320   9.941   1.00 29.39 ? 28  GLU A CG  1 
ATOM   240  C CD  . GLU A 1 28 ? 3.403   2.563   8.853   1.00 35.45 ? 28  GLU A CD  1 
ATOM   241  O OE1 . GLU A 1 28 ? 4.320   3.136   8.215   1.00 36.03 ? 28  GLU A OE1 1 
ATOM   242  O OE2 . GLU A 1 28 ? 3.082   1.372   8.640   1.00 38.67 ? 28  GLU A OE2 1 
ATOM   243  N N   . GLN A 1 29 ? 2.805   7.948   10.458  1.00 21.24 ? 29  GLN A N   1 
ATOM   244  C CA  . GLN A 1 29 ? 3.364   9.222   10.923  1.00 22.53 ? 29  GLN A CA  1 
ATOM   245  C C   . GLN A 1 29 ? 2.345   9.931   11.831  1.00 20.91 ? 29  GLN A C   1 
ATOM   246  O O   . GLN A 1 29 ? 2.726   10.540  12.845  1.00 20.78 ? 29  GLN A O   1 
ATOM   247  C CB  . GLN A 1 29 ? 3.771   10.113  9.752   1.00 23.03 ? 29  GLN A CB  1 
ATOM   248  C CG  . GLN A 1 29 ? 4.949   9.585   8.934   1.00 26.51 ? 29  GLN A CG  1 
ATOM   249  C CD  . GLN A 1 29 ? 5.134   10.302  7.579   1.00 29.44 ? 29  GLN A CD  1 
ATOM   250  O OE1 . GLN A 1 29 ? 4.475   11.308  7.283   1.00 36.14 ? 29  GLN A OE1 1 
ATOM   251  N NE2 . GLN A 1 29 ? 6.034   9.769   6.746   1.00 35.42 ? 29  GLN A NE2 1 
ATOM   252  N N   . GLU A 1 30 ? 1.061   9.852   11.485  1.00 19.10 ? 30  GLU A N   1 
ATOM   253  C CA  . GLU A 1 30 ? -0.002  10.467  12.325  1.00 18.92 ? 30  GLU A CA  1 
ATOM   254  C C   . GLU A 1 30 ? -0.047  9.832   13.713  1.00 19.21 ? 30  GLU A C   1 
ATOM   255  O O   . GLU A 1 30 ? -0.114  10.545  14.741  1.00 18.31 ? 30  GLU A O   1 
ATOM   256  C CB  . GLU A 1 30 ? -1.374  10.387  11.650  1.00 18.69 ? 30  GLU A CB  1 
ATOM   257  C CG  . GLU A 1 30 ? -1.513  11.300  10.464  1.00 20.84 ? 30  GLU A CG  1 
ATOM   258  C CD  . GLU A 1 30 ? -2.774  11.051  9.664   1.00 22.73 ? 30  GLU A CD  1 
ATOM   259  O OE1 . GLU A 1 30 ? -3.335  9.928   9.727   1.00 24.08 ? 30  GLU A OE1 1 
ATOM   260  O OE2 . GLU A 1 30 ? -3.201  11.976  8.965   1.00 26.01 ? 30  GLU A OE2 1 
ATOM   261  N N   . LEU A 1 31 ? 0.003   8.504   13.747  1.00 18.67 ? 31  LEU A N   1 
ATOM   262  C CA  . LEU A 1 31 ? -0.005  7.752   15.011  1.00 20.01 ? 31  LEU A CA  1 
ATOM   263  C C   . LEU A 1 31 ? 1.211   8.076   15.876  1.00 19.70 ? 31  LEU A C   1 
ATOM   264  O O   . LEU A 1 31 ? 1.091   8.302   17.105  1.00 18.27 ? 31  LEU A O   1 
ATOM   265  C CB  . LEU A 1 31 ? -0.119  6.249   14.748  1.00 21.34 ? 31  LEU A CB  1 
ATOM   266  C CG  . LEU A 1 31 ? -1.431  5.961   14.013  1.00 24.72 ? 31  LEU A CG  1 
ATOM   267  C CD1 . LEU A 1 31 ? -1.431  4.501   13.584  1.00 27.58 ? 31  LEU A CD1 1 
ATOM   268  C CD2 . LEU A 1 31 ? -2.741  6.375   14.783  1.00 26.82 ? 31  LEU A CD2 1 
ATOM   269  N N   . LEU A 1 32 ? 2.374   8.170   15.241  1.00 19.23 ? 32  LEU A N   1 
ATOM   270  C CA  . LEU A 1 32 ? 3.599   8.565   15.966  1.00 18.86 ? 32  LEU A CA  1 
ATOM   271  C C   . LEU A 1 32 ? 3.475   9.975   16.561  1.00 17.67 ? 32  LEU A C   1 
ATOM   272  O O   . LEU A 1 32 ? 3.871   10.214  17.731  1.00 17.89 ? 32  LEU A O   1 
ATOM   273  C CB  . LEU A 1 32 ? 4.817   8.518   15.054  1.00 21.07 ? 32  LEU A CB  1 
ATOM   274  C CG  . LEU A 1 32 ? 5.419   7.151   14.720  1.00 23.99 ? 32  LEU A CG  1 
ATOM   275  C CD1 . LEU A 1 32 ? 6.406   7.298   13.578  1.00 26.81 ? 32  LEU A CD1 1 
ATOM   276  C CD2 . LEU A 1 32 ? 6.111   6.565   15.950  1.00 25.48 ? 32  LEU A CD2 1 
ATOM   277  N N   . GLU A 1 33 ? 2.919   10.902  15.786  1.00 16.44 ? 33  GLU A N   1 
ATOM   278  C CA  . GLU A 1 33 ? 2.802   12.270  16.310  1.00 15.79 ? 33  GLU A CA  1 
ATOM   279  C C   . GLU A 1 33 ? 1.786   12.331  17.447  1.00 15.61 ? 33  GLU A C   1 
ATOM   280  O O   . GLU A 1 33 ? 1.979   13.040  18.453  1.00 14.85 ? 33  GLU A O   1 
ATOM   281  C CB  . GLU A 1 33 ? 2.420   13.260  15.194  1.00 15.60 ? 33  GLU A CB  1 
ATOM   282  C CG  . GLU A 1 33 ? 2.519   14.737  15.663  1.00 17.30 ? 33  GLU A CG  1 
ATOM   283  C CD  . GLU A 1 33 ? 2.344   15.768  14.543  1.00 19.35 ? 33  GLU A CD  1 
ATOM   284  O OE1 . GLU A 1 33 ? 1.976   15.383  13.427  1.00 23.48 ? 33  GLU A OE1 1 
ATOM   285  O OE2 . GLU A 1 33 ? 2.543   16.998  14.794  1.00 23.31 ? 33  GLU A OE2 1 
ATOM   286  N N   . LEU A 1 34 ? 0.682   11.615  17.279  1.00 14.70 ? 34  LEU A N   1 
ATOM   287  C CA  . LEU A 1 34 ? -0.365  11.550  18.328  1.00 15.61 ? 34  LEU A CA  1 
ATOM   288  C C   . LEU A 1 34 ? 0.166   10.886  19.582  1.00 15.89 ? 34  LEU A C   1 
ATOM   289  O O   . LEU A 1 34 ? -0.122  11.341  20.715  1.00 15.47 ? 34  LEU A O   1 
ATOM   290  C CB  . LEU A 1 34 ? -1.614  10.809  17.797  1.00 16.53 ? 34  LEU A CB  1 
ATOM   291  C CG  . LEU A 1 34 ? -2.507  11.629  16.860  1.00 18.20 ? 34  LEU A CG  1 
ATOM   292  C CD1 . LEU A 1 34 ? -3.342  10.652  16.020  1.00 20.87 ? 34  LEU A CD1 1 
ATOM   293  C CD2 . LEU A 1 34 ? -3.385  12.685  17.524  1.00 20.81 ? 34  LEU A CD2 1 
ATOM   294  N N   . ASP A 1 35 ? 0.945   9.820   19.405  1.00 14.69 ? 35  ASP A N   1 
ATOM   295  C CA  . ASP A 1 35 ? 1.552   9.121   20.553  1.00 16.22 ? 35  ASP A CA  1 
ATOM   296  C C   . ASP A 1 35 ? 2.477   10.058  21.324  1.00 14.70 ? 35  ASP A C   1 
ATOM   297  O O   . ASP A 1 35 ? 2.504   10.042  22.593  1.00 15.31 ? 35  ASP A O   1 
ATOM   298  C CB  . ASP A 1 35 ? 2.320   7.897   20.064  1.00 18.02 ? 35  ASP A CB  1 
ATOM   299  C CG  . ASP A 1 35 ? 1.399   6.725   19.729  1.00 23.14 ? 35  ASP A CG  1 
ATOM   300  O OD1 . ASP A 1 35 ? 0.180   6.778   20.059  1.00 27.13 ? 35  ASP A OD1 1 
ATOM   301  O OD2 . ASP A 1 35 ? 1.911   5.743   19.148  1.00 29.37 ? 35  ASP A OD2 1 
ATOM   302  N N   . LYS A 1 36 ? 3.229   10.871  20.576  1.00 13.00 ? 36  LYS A N   1 
ATOM   303  C CA  . LYS A 1 36 ? 4.175   11.797  21.213  1.00 12.48 ? 36  LYS A CA  1 
ATOM   304  C C   . LYS A 1 36 ? 3.381   12.778  22.075  1.00 11.30 ? 36  LYS A C   1 
ATOM   305  O O   . LYS A 1 36 ? 3.704   13.031  23.245  1.00 11.61 ? 36  LYS A O   1 
ATOM   306  C CB  . LYS A 1 36 ? 4.946   12.591  20.170  1.00 13.11 ? 36  LYS A CB  1 
ATOM   307  C CG  . LYS A 1 36 ? 5.940   13.541  20.793  1.00 18.32 ? 36  LYS A CG  1 
ATOM   308  C CD  . LYS A 1 36 ? 6.854   14.115  19.755  1.00 25.37 ? 36  LYS A CD  1 
ATOM   309  C CE  . LYS A 1 36 ? 6.264   15.350  19.231  1.00 28.68 ? 36  LYS A CE  1 
ATOM   310  N NZ  . LYS A 1 36 ? 6.534   16.380  20.265  1.00 31.96 ? 36  LYS A NZ  1 
ATOM   311  N N   . TRP A 1 37 ? 2.364   13.377  21.483  1.00 11.07 ? 37  TRP A N   1 
ATOM   312  C CA  . TRP A 1 37 ? 1.634   14.394  22.258  1.00 11.05 ? 37  TRP A CA  1 
ATOM   313  C C   . TRP A 1 37 ? 0.775   13.784  23.357  1.00 10.51 ? 37  TRP A C   1 
ATOM   314  O O   . TRP A 1 37 ? 0.640   14.394  24.422  1.00 11.00 ? 37  TRP A O   1 
ATOM   315  C CB  . TRP A 1 37 ? 0.875   15.354  21.329  1.00 11.49 ? 37  TRP A CB  1 
ATOM   316  C CG  . TRP A 1 37 ? 1.826   16.350  20.738  1.00 10.86 ? 37  TRP A CG  1 
ATOM   317  C CD1 . TRP A 1 37 ? 2.302   16.373  19.467  1.00 13.17 ? 37  TRP A CD1 1 
ATOM   318  C CD2 . TRP A 1 37 ? 2.452   17.435  21.425  1.00 12.97 ? 37  TRP A CD2 1 
ATOM   319  N NE1 . TRP A 1 37 ? 3.173   17.437  19.299  1.00 15.00 ? 37  TRP A NE1 1 
ATOM   320  C CE2 . TRP A 1 37 ? 3.270   18.110  20.490  1.00 13.91 ? 37  TRP A CE2 1 
ATOM   321  C CE3 . TRP A 1 37 ? 2.358   17.924  22.732  1.00 14.11 ? 37  TRP A CE3 1 
ATOM   322  C CZ2 . TRP A 1 37 ? 4.023   19.244  20.841  1.00 15.10 ? 37  TRP A CZ2 1 
ATOM   323  C CZ3 . TRP A 1 37 ? 3.106   19.029  23.083  1.00 13.56 ? 37  TRP A CZ3 1 
ATOM   324  C CH2 . TRP A 1 37 ? 3.918   19.689  22.130  1.00 12.95 ? 37  TRP A CH2 1 
ATOM   325  N N   . ALA A 1 38 ? 0.252   12.584  23.140  1.00 10.52 ? 38  ALA A N   1 
ATOM   326  C CA  . ALA A 1 38 ? -0.456  11.872  24.203  1.00 11.04 ? 38  ALA A CA  1 
ATOM   327  C C   . ALA A 1 38 ? 0.462   11.667  25.384  1.00 10.96 ? 38  ALA A C   1 
ATOM   328  O O   . ALA A 1 38 ? 0.051   11.872  26.555  1.00 11.19 ? 38  ALA A O   1 
ATOM   329  C CB  . ALA A 1 38 ? -1.012  10.524  23.701  1.00 13.02 ? 38  ALA A CB  1 
ATOM   330  N N   . SER A 1 39 ? 1.714   11.313  25.089  1.00 10.79 ? 39  SER A N   1 
ATOM   331  C CA  . SER A 1 39 ? 2.654   11.070  26.162  1.00 10.50 ? 39  SER A CA  1 
ATOM   332  C C   . SER A 1 39 ? 2.945   12.366  26.903  1.00 8.93  ? 39  SER A C   1 
ATOM   333  O O   . SER A 1 39 ? 3.048   12.364  28.129  1.00 8.44  ? 39  SER A O   1 
ATOM   334  C CB  . SER A 1 39 ? 3.958   10.445  25.650  1.00 13.76 ? 39  SER A CB  1 
ATOM   335  O OG  . SER A 1 39 ? 4.823   11.388  25.071  1.00 20.97 ? 39  SER A OG  1 
ATOM   336  N N   . LEU A 1 40 ? 3.050   13.473  26.156  1.00 8.34  ? 40  LEU A N   1 
ATOM   337  C CA  . LEU A 1 40 ? 3.355   14.750  26.848  1.00 7.13  ? 40  LEU A CA  1 
ATOM   338  C C   . LEU A 1 40 ? 2.165   15.238  27.678  1.00 7.96  ? 40  LEU A C   1 
ATOM   339  O O   . LEU A 1 40 ? 2.330   15.748  28.793  1.00 6.78  ? 40  LEU A O   1 
ATOM   340  C CB  . LEU A 1 40 ? 3.802   15.820  25.850  1.00 8.39  ? 40  LEU A CB  1 
ATOM   341  C CG  . LEU A 1 40 ? 5.170   15.510  25.239  1.00 8.17  ? 40  LEU A CG  1 
ATOM   342  C CD1 . LEU A 1 40 ? 5.464   16.463  24.076  1.00 11.60 ? 40  LEU A CD1 1 
ATOM   343  C CD2 . LEU A 1 40 ? 6.239   15.674  26.297  1.00 13.64 ? 40  LEU A CD2 1 
ATOM   344  N N   . TRP A 1 41 ? 0.947   15.075  27.158  1.00 6.49  ? 41  TRP A N   1 
ATOM   345  C CA  . TRP A 1 41 ? -0.233  15.480  27.959  1.00 6.62  ? 41  TRP A CA  1 
ATOM   346  C C   . TRP A 1 41 ? -0.463  14.568  29.148  1.00 7.41  ? 41  TRP A C   1 
ATOM   347  O O   . TRP A 1 41 ? -0.858  15.033  30.224  1.00 7.18  ? 41  TRP A O   1 
ATOM   348  C CB  . TRP A 1 41 ? -1.490  15.680  27.080  1.00 7.12  ? 41  TRP A CB  1 
ATOM   349  C CG  . TRP A 1 41 ? -1.314  16.894  26.241  1.00 7.38  ? 41  TRP A CG  1 
ATOM   350  C CD1 . TRP A 1 41 ? -1.126  16.955  24.890  1.00 8.22  ? 41  TRP A CD1 1 
ATOM   351  C CD2 . TRP A 1 41 ? -1.198  18.227  26.728  1.00 9.23  ? 41  TRP A CD2 1 
ATOM   352  N NE1 . TRP A 1 41 ? -0.925  18.282  24.504  1.00 10.68 ? 41  TRP A NE1 1 
ATOM   353  C CE2 . TRP A 1 41 ? -0.983  19.068  25.623  1.00 9.87  ? 41  TRP A CE2 1 
ATOM   354  C CE3 . TRP A 1 41 ? -1.311  18.805  28.019  1.00 9.00  ? 41  TRP A CE3 1 
ATOM   355  C CZ2 . TRP A 1 41 ? -0.857  20.470  25.750  1.00 10.69 ? 41  TRP A CZ2 1 
ATOM   356  C CZ3 . TRP A 1 41 ? -1.188  20.190  28.150  1.00 8.22  ? 41  TRP A CZ3 1 
ATOM   357  C CH2 . TRP A 1 41 ? -0.958  21.016  27.004  1.00 9.24  ? 41  TRP A CH2 1 
ATOM   358  N N   . ASN A 1 42 ? -0.190  13.282  28.972  1.00 6.77  ? 42  ASN A N   1 
ATOM   359  C CA  . ASN A 1 42 ? -0.228  12.376  30.124  1.00 6.34  ? 42  ASN A CA  1 
ATOM   360  C C   . ASN A 1 42 ? 0.788   12.819  31.175  1.00 6.21  ? 42  ASN A C   1 
ATOM   361  O O   . ASN A 1 42 ? 0.492   12.830  32.411  1.00 6.87  ? 42  ASN A O   1 
ATOM   362  C CB  . ASN A 1 42 ? 0.016   10.961  29.649  1.00 6.76  ? 42  ASN A CB  1 
ATOM   363  C CG  . ASN A 1 42 ? -0.044  9.969   30.772  1.00 10.66 ? 42  ASN A CG  1 
ATOM   364  O OD1 . ASN A 1 42 ? -1.084  9.844   31.472  1.00 12.24 ? 42  ASN A OD1 1 
ATOM   365  N ND2 . ASN A 1 42 ? 1.062   9.240   30.987  1.00 12.27 ? 42  ASN A ND2 1 
ATOM   366  N N   . TRP A 1 43 ? 1.989   13.215  30.715  1.00 6.53  ? 43  TRP A N   1 
ATOM   367  C CA  . TRP A 1 43 ? 3.024   13.690  31.661  1.00 5.91  ? 43  TRP A CA  1 
ATOM   368  C C   . TRP A 1 43 ? 2.494   14.930  32.415  1.00 5.87  ? 43  TRP A C   1 
ATOM   369  O O   . TRP A 1 43 ? 2.648   15.048  33.628  1.00 6.10  ? 43  TRP A O   1 
ATOM   370  C CB  . TRP A 1 43 ? 4.318   14.026  30.905  1.00 7.07  ? 43  TRP A CB  1 
ATOM   371  C CG  . TRP A 1 43 ? 5.254   14.864  31.765  1.00 6.18  ? 43  TRP A CG  1 
ATOM   372  C CD1 . TRP A 1 43 ? 6.163   14.414  32.668  1.00 6.60  ? 43  TRP A CD1 1 
ATOM   373  C CD2 . TRP A 1 43 ? 5.336   16.295  31.779  1.00 6.81  ? 43  TRP A CD2 1 
ATOM   374  N NE1 . TRP A 1 43 ? 6.813   15.481  33.265  1.00 6.73  ? 43  TRP A NE1 1 
ATOM   375  C CE2 . TRP A 1 43 ? 6.322   16.646  32.737  1.00 6.79  ? 43  TRP A CE2 1 
ATOM   376  C CE3 . TRP A 1 43 ? 4.699   17.313  31.049  1.00 6.45  ? 43  TRP A CE3 1 
ATOM   377  C CZ2 . TRP A 1 43 ? 6.648   17.971  33.039  1.00 7.14  ? 43  TRP A CZ2 1 
ATOM   378  C CZ3 . TRP A 1 43 ? 5.025   18.633  31.349  1.00 7.23  ? 43  TRP A CZ3 1 
ATOM   379  C CH2 . TRP A 1 43 ? 5.985   18.958  32.330  1.00 6.67  ? 43  TRP A CH2 1 
ATOM   380  N N   . PHE A 1 44 ? 1.895   15.870  31.684  1.00 4.57  ? 44  PHE A N   1 
ATOM   381  C CA  . PHE A 1 44 ? 1.362   17.066  32.320  1.00 5.07  ? 44  PHE A CA  1 
ATOM   382  C C   . PHE A 1 44 ? 0.328   16.716  33.383  1.00 4.98  ? 44  PHE A C   1 
ATOM   383  O O   . PHE A 1 44 ? 0.360   17.270  34.496  1.00 5.16  ? 44  PHE A O   1 
ATOM   384  C CB  . PHE A 1 44 ? 0.775   17.943  31.213  1.00 4.29  ? 44  PHE A CB  1 
ATOM   385  C CG  . PHE A 1 44 ? 0.050   19.160  31.717  1.00 7.18  ? 44  PHE A CG  1 
ATOM   386  C CD1 . PHE A 1 44 ? 0.758   20.300  32.143  1.00 7.67  ? 44  PHE A CD1 1 
ATOM   387  C CD2 . PHE A 1 44 ? -1.349  19.160  31.751  1.00 6.79  ? 44  PHE A CD2 1 
ATOM   388  C CE1 . PHE A 1 44 ? 0.026   21.469  32.598  1.00 8.81  ? 44  PHE A CE1 1 
ATOM   389  C CE2 . PHE A 1 44 ? -2.050  20.285  32.181  1.00 7.65  ? 44  PHE A CE2 1 
ATOM   390  C CZ  . PHE A 1 44 ? -1.375  21.437  32.577  1.00 9.83  ? 44  PHE A CZ  1 
ATOM   391  N N   . ASN A 1 45 ? -0.587  15.804  33.047  1.00 4.98  ? 45  ASN A N   1 
ATOM   392  C CA  . ASN A 1 45 ? -1.667  15.433  33.978  1.00 4.95  ? 45  ASN A CA  1 
ATOM   393  C C   . ASN A 1 45 ? -1.102  14.746  35.227  1.00 5.18  ? 45  ASN A C   1 
ATOM   394  O O   . ASN A 1 45 ? -1.518  15.049  36.361  1.00 6.62  ? 45  ASN A O   1 
ATOM   395  C CB  . ASN A 1 45 ? -2.641  14.509  33.283  1.00 6.79  ? 45  ASN A CB  1 
ATOM   396  C CG  . ASN A 1 45 ? -3.448  15.218  32.203  1.00 10.30 ? 45  ASN A CG  1 
ATOM   397  O OD1 . ASN A 1 45 ? -3.716  16.403  32.309  1.00 11.22 ? 45  ASN A OD1 1 
ATOM   398  N ND2 . ASN A 1 45 ? -3.901  14.451  31.199  1.00 13.37 ? 45  ASN A ND2 1 
ATOM   399  N N   . ILE A 1 46 ? -0.133  13.862  35.027  1.00 5.60  ? 46  ILE A N   1 
ATOM   400  C CA  . ILE A 1 46 ? 0.491   13.194  36.158  1.00 5.12  ? 46  ILE A CA  1 
ATOM   401  C C   . ILE A 1 46 ? 1.184   14.244  37.032  1.00 5.30  ? 46  ILE A C   1 
ATOM   402  O O   . ILE A 1 46 ? 1.127   14.197  38.253  1.00 6.67  ? 46  ILE A O   1 
ATOM   403  C CB  . ILE A 1 46 ? 1.527   12.121  35.675  1.00 5.12  ? 46  ILE A CB  1 
ATOM   404  C CG1 . ILE A 1 46 ? 0.794   10.931  35.052  1.00 7.90  ? 46  ILE A CG1 1 
ATOM   405  C CG2 . ILE A 1 46 ? 2.352   11.641  36.884  1.00 7.21  ? 46  ILE A CG2 1 
ATOM   406  C CD1 . ILE A 1 46 ? 1.738   9.940   34.358  1.00 8.97  ? 46  ILE A CD1 1 
ATOM   407  N N   . THR A 1 47 ? 1.917   15.168  36.389  1.00 4.80  ? 47  THR A N   1 
ATOM   408  C CA  . THR A 1 47 ? 2.675   16.184  37.124  1.00 5.05  ? 47  THR A CA  1 
ATOM   409  C C   . THR A 1 47 ? 1.728   17.011  37.974  1.00 5.13  ? 47  THR A C   1 
ATOM   410  O O   . THR A 1 47 ? 1.982   17.219  39.173  1.00 5.55  ? 47  THR A O   1 
ATOM   411  C CB  . THR A 1 47 ? 3.448   17.044  36.131  1.00 5.85  ? 47  THR A CB  1 
ATOM   412  O OG1 . THR A 1 47 ? 4.346   16.188  35.432  1.00 4.86  ? 47  THR A OG1 1 
ATOM   413  C CG2 . THR A 1 47 ? 4.288   18.127  36.863  1.00 6.10  ? 47  THR A CG2 1 
ATOM   414  N N   . ASN A 1 48 ? 0.572   17.405  37.404  1.00 5.90  ? 48  ASN A N   1 
ATOM   415  C CA  . ASN A 1 48 ? -0.397  18.138  38.229  1.00 5.55  ? 48  ASN A CA  1 
ATOM   416  C C   . ASN A 1 48 ? -0.898  17.315  39.389  1.00 5.92  ? 48  ASN A C   1 
ATOM   417  O O   . ASN A 1 48 ? -1.028  17.852  40.510  1.00 5.99  ? 48  ASN A O   1 
ATOM   418  C CB  . ASN A 1 48 ? -1.572  18.605  37.383  1.00 6.78  ? 48  ASN A CB  1 
ATOM   419  C CG  . ASN A 1 48 ? -1.197  19.732  36.483  1.00 8.82  ? 48  ASN A CG  1 
ATOM   420  O OD1 . ASN A 1 48 ? -0.459  20.634  36.875  1.00 14.95 ? 48  ASN A OD1 1 
ATOM   421  N ND2 . ASN A 1 48 ? -1.826  19.759  35.298  1.00 13.53 ? 48  ASN A ND2 1 
ATOM   422  N N   . TRP A 1 49 ? -1.129  16.013  39.161  1.00 4.95  ? 49  TRP A N   1 
ATOM   423  C CA  . TRP A 1 49 ? -1.655  15.156  40.231  1.00 6.00  ? 49  TRP A CA  1 
ATOM   424  C C   . TRP A 1 49 ? -0.626  15.023  41.375  1.00 6.96  ? 49  TRP A C   1 
ATOM   425  O O   . TRP A 1 49 ? -0.974  15.032  42.567  1.00 6.42  ? 49  TRP A O   1 
ATOM   426  C CB  . TRP A 1 49 ? -2.052  13.802  39.628  1.00 6.30  ? 49  TRP A CB  1 
ATOM   427  C CG  . TRP A 1 49 ? -2.664  12.808  40.556  1.00 6.99  ? 49  TRP A CG  1 
ATOM   428  C CD1 . TRP A 1 49 ? -3.989  12.612  40.790  1.00 7.40  ? 49  TRP A CD1 1 
ATOM   429  C CD2 . TRP A 1 49 ? -1.972  11.821  41.315  1.00 9.39  ? 49  TRP A CD2 1 
ATOM   430  N NE1 . TRP A 1 49 ? -4.190  11.568  41.681  1.00 9.76  ? 49  TRP A NE1 1 
ATOM   431  C CE2 . TRP A 1 49 ? -2.950  11.083  42.041  1.00 10.66 ? 49  TRP A CE2 1 
ATOM   432  C CE3 . TRP A 1 49 ? -0.609  11.514  41.494  1.00 10.13 ? 49  TRP A CE3 1 
ATOM   433  C CZ2 . TRP A 1 49 ? -2.618  10.011  42.878  1.00 16.13 ? 49  TRP A CZ2 1 
ATOM   434  C CZ3 . TRP A 1 49 ? -0.285  10.443  42.346  1.00 10.14 ? 49  TRP A CZ3 1 
ATOM   435  C CH2 . TRP A 1 49 ? -1.282  9.750   43.067  1.00 15.16 ? 49  TRP A CH2 1 
ATOM   436  N N   . LEU A 1 50 ? 0.658   14.956  41.009  1.00 5.70  ? 50  LEU A N   1 
ATOM   437  C CA  . LEU A 1 50 ? 1.696   14.742  42.015  1.00 7.79  ? 50  LEU A CA  1 
ATOM   438  C C   . LEU A 1 50 ? 1.866   15.936  42.944  1.00 8.66  ? 50  LEU A C   1 
ATOM   439  O O   . LEU A 1 50 ? 2.394   15.756  44.083  1.00 9.41  ? 50  LEU A O   1 
ATOM   440  C CB  . LEU A 1 50 ? 3.038   14.458  41.312  1.00 8.51  ? 50  LEU A CB  1 
ATOM   441  C CG  . LEU A 1 50 ? 3.164   13.086  40.682  1.00 9.12  ? 50  LEU A CG  1 
ATOM   442  C CD1 . LEU A 1 50 ? 4.482   13.107  39.831  1.00 13.44 ? 50  LEU A CD1 1 
ATOM   443  C CD2 . LEU A 1 50 ? 3.226   12.001  41.721  1.00 11.84 ? 50  LEU A CD2 1 
ATOM   444  N N   . TRP A 1 51 ? 1.430   17.112  42.495  1.00 8.21  ? 51  TRP A N   1 
ATOM   445  C CA  . TRP A 1 51 ? 1.590   18.341  43.303  1.00 9.71  ? 51  TRP A CA  1 
ATOM   446  C C   . TRP A 1 51 ? 0.914   18.172  44.684  1.00 11.37 ? 51  TRP A C   1 
ATOM   447  O O   . TRP A 1 51 ? 1.416   18.701  45.689  1.00 12.39 ? 51  TRP A O   1 
ATOM   448  C CB  . TRP A 1 51 ? 0.993   19.521  42.597  1.00 11.82 ? 51  TRP A CB  1 
ATOM   449  C CG  . TRP A 1 51 ? 1.178   20.768  43.348  1.00 13.27 ? 51  TRP A CG  1 
ATOM   450  C CD1 . TRP A 1 51 ? 2.357   21.433  43.544  1.00 15.24 ? 51  TRP A CD1 1 
ATOM   451  C CD2 . TRP A 1 51 ? 0.170   21.502  44.020  1.00 16.17 ? 51  TRP A CD2 1 
ATOM   452  N NE1 . TRP A 1 51 ? 2.136   22.568  44.289  1.00 16.95 ? 51  TRP A NE1 1 
ATOM   453  C CE2 . TRP A 1 51 ? 0.801   22.640  44.598  1.00 19.38 ? 51  TRP A CE2 1 
ATOM   454  C CE3 . TRP A 1 51 ? -1.205  21.329  44.186  1.00 19.13 ? 51  TRP A CE3 1 
ATOM   455  C CZ2 . TRP A 1 51 ? 0.103   23.595  45.336  1.00 21.25 ? 51  TRP A CZ2 1 
ATOM   456  C CZ3 . TRP A 1 51 ? -1.911  22.295  44.928  1.00 20.18 ? 51  TRP A CZ3 1 
ATOM   457  C CH2 . TRP A 1 51 ? -1.249  23.401  45.495  1.00 20.11 ? 51  TRP A CH2 1 
ATOM   458  N N   . TYR A 1 52 ? -0.222  17.461  44.728  1.00 10.91 ? 52  TYR A N   1 
ATOM   459  C CA  . TYR A 1 52 ? -1.011  17.402  45.953  1.00 13.52 ? 52  TYR A CA  1 
ATOM   460  C C   . TYR A 1 52 ? -0.425  16.535  47.024  1.00 15.90 ? 52  TYR A C   1 
ATOM   461  O O   . TYR A 1 52 ? -0.877  16.590  48.187  1.00 18.44 ? 52  TYR A O   1 
ATOM   462  C CB  . TYR A 1 52 ? -2.445  16.978  45.611  1.00 13.26 ? 52  TYR A CB  1 
ATOM   463  C CG  . TYR A 1 52 ? -3.122  17.976  44.693  1.00 14.68 ? 52  TYR A CG  1 
ATOM   464  C CD1 . TYR A 1 52 ? -3.799  19.096  45.198  1.00 17.75 ? 52  TYR A CD1 1 
ATOM   465  C CD2 . TYR A 1 52 ? -3.103  17.797  43.332  1.00 12.20 ? 52  TYR A CD2 1 
ATOM   466  C CE1 . TYR A 1 52 ? -4.407  20.024  44.322  1.00 19.20 ? 52  TYR A CE1 1 
ATOM   467  C CE2 . TYR A 1 52 ? -3.746  18.692  42.439  1.00 16.31 ? 52  TYR A CE2 1 
ATOM   468  C CZ  . TYR A 1 52 ? -4.377  19.824  42.962  1.00 18.78 ? 52  TYR A CZ  1 
ATOM   469  O OH  . TYR A 1 52 ? -4.999  20.703  42.079  1.00 21.01 ? 52  TYR A OH  1 
ATOM   470  N N   . ILE A 1 53 ? 0.555   15.716  46.661  1.00 16.64 ? 53  ILE A N   1 
ATOM   471  C CA  . ILE A 1 53 ? 1.229   14.865  47.642  1.00 19.63 ? 53  ILE A CA  1 
ATOM   472  C C   . ILE A 1 53 ? 2.044   15.747  48.587  1.00 21.96 ? 53  ILE A C   1 
ATOM   473  O O   . ILE A 1 53 ? 2.889   16.528  48.150  1.00 21.64 ? 53  ILE A O   1 
ATOM   474  C CB  . ILE A 1 53 ? 2.106   13.825  46.961  1.00 19.70 ? 53  ILE A CB  1 
ATOM   475  C CG1 . ILE A 1 53 ? 1.220   12.865  46.131  1.00 20.51 ? 53  ILE A CG1 1 
ATOM   476  C CG2 . ILE A 1 53 ? 2.883   13.011  47.973  1.00 22.48 ? 53  ILE A CG2 1 
ATOM   477  C CD1 . ILE A 1 53 ? 1.968   11.780  45.308  1.00 22.45 ? 53  ILE A CD1 1 
ATOM   478  N N   . LYS A 1 54 ? 1.752   15.618  49.871  1.00 25.29 ? 54  LYS A N   1 
ATOM   479  C CA  . LYS A 1 54 ? 2.455   16.366  50.920  1.00 27.44 ? 54  LYS A CA  1 
ATOM   480  C C   . LYS A 1 54 ? 3.598   15.502  51.453  1.00 29.42 ? 54  LYS A C   1 
ATOM   481  O O   . LYS A 1 54 ? 4.156   14.632  50.772  1.00 31.11 ? 54  LYS A O   1 
ATOM   482  C CB  . LYS A 1 54 ? 1.488   16.696  52.062  1.00 27.53 ? 54  LYS A CB  1 
ATOM   483  C CG  . LYS A 1 54 ? 0.585   17.899  51.820  1.00 29.46 ? 54  LYS A CG  1 
ATOM   484  O OXT . LYS A 1 54 ? 3.991   15.631  52.604  1.00 31.87 ? 54  LYS A OXT 1 
ATOM   485  N N   . TYR B 1 9  ? -10.164 3.472   18.244  1.00 87.06 ? 9   TYR B N   1 
ATOM   486  C CA  . TYR B 1 9  ? -9.197  3.102   19.387  1.00 89.89 ? 9   TYR B CA  1 
ATOM   487  C C   . TYR B 1 9  ? -8.332  1.864   18.892  1.00 87.93 ? 9   TYR B C   1 
ATOM   488  O O   . TYR B 1 9  ? -8.287  1.480   17.540  1.00 84.14 ? 9   TYR B O   1 
ATOM   489  C CB  . TYR B 1 9  ? -9.921  2.783   20.728  1.00 93.31 ? 9   TYR B CB  1 
ATOM   490  N N   . THR B 1 10 ? -7.644  1.196   19.987  1.00 91.16 ? 10  THR B N   1 
ATOM   491  C CA  . THR B 1 10 ? -6.608  -0.005  19.724  1.00 90.33 ? 10  THR B CA  1 
ATOM   492  C C   . THR B 1 10 ? -6.997  -0.916  18.502  1.00 86.01 ? 10  THR B C   1 
ATOM   493  O O   . THR B 1 10 ? -6.316  -0.964  17.426  1.00 83.06 ? 10  THR B O   1 
ATOM   494  N N   . SER B 1 11 ? -8.237  -1.572  18.724  1.00 85.97 ? 11  SER B N   1 
ATOM   495  C CA  . SER B 1 11 ? -8.835  -2.591  17.711  1.00 82.08 ? 11  SER B CA  1 
ATOM   496  C C   . SER B 1 11 ? -9.217  -1.928  16.379  1.00 77.83 ? 11  SER B C   1 
ATOM   497  O O   . SER B 1 11 ? -9.080  -2.548  15.303  1.00 74.73 ? 11  SER B O   1 
ATOM   498  N N   . LEU B 1 12 ? -9.687  -0.664  16.458  1.00 77.63 ? 12  LEU B N   1 
ATOM   499  C CA  . LEU B 1 12 ? -10.187 0.048   15.276  1.00 73.90 ? 12  LEU B CA  1 
ATOM   500  C C   . LEU B 1 12 ? -9.072  0.562   14.353  1.00 71.48 ? 12  LEU B C   1 
ATOM   501  O O   . LEU B 1 12 ? -9.129  0.351   13.131  1.00 68.19 ? 12  LEU B O   1 
ATOM   502  C CB  . LEU B 1 12 ? -11.119 1.190   15.717  1.00 75.72 ? 12  LEU B CB  1 
ATOM   503  C CG  . LEU B 1 12 ? -11.940 1.981   14.684  1.00 73.68 ? 12  LEU B CG  1 
ATOM   504  C CD1 . LEU B 1 12 ? -12.759 1.058   13.730  1.00 70.26 ? 12  LEU B CD1 1 
ATOM   505  C CD2 . LEU B 1 12 ? -12.865 2.939   15.456  1.00 76.10 ? 12  LEU B CD2 1 
ATOM   506  N N   . ILE B 1 13 ? -8.068  1.233   14.929  1.00 73.08 ? 13  ILE B N   1 
ATOM   507  C CA  . ILE B 1 13 ? -6.917  1.707   14.149  1.00 71.50 ? 13  ILE B CA  1 
ATOM   508  C C   . ILE B 1 13 ? -6.116  0.509   13.641  1.00 69.81 ? 13  ILE B C   1 
ATOM   509  O O   . ILE B 1 13 ? -5.588  0.534   12.526  1.00 67.23 ? 13  ILE B O   1 
ATOM   510  C CB  . ILE B 1 13 ? -5.984  2.657   14.945  1.00 74.48 ? 13  ILE B CB  1 
ATOM   511  C CG1 . ILE B 1 13 ? -6.792  3.697   15.727  1.00 76.94 ? 13  ILE B CG1 1 
ATOM   512  C CG2 . ILE B 1 13 ? -4.992  3.354   13.996  1.00 74.45 ? 13  ILE B CG2 1 
ATOM   513  C CD1 . ILE B 1 13 ? -5.993  4.294   16.889  1.00 77.94 ? 13  ILE B CD1 1 
ATOM   514  N N   . HIS B 1 14 ? -6.046  -0.543  14.466  1.00 71.45 ? 14  HIS B N   1 
ATOM   515  C CA  . HIS B 1 14 ? -5.435  -1.803  14.048  1.00 69.82 ? 14  HIS B CA  1 
ATOM   516  C C   . HIS B 1 14 ? -5.991  -2.249  12.687  1.00 65.43 ? 14  HIS B C   1 
ATOM   517  O O   . HIS B 1 14 ? -5.219  -2.614  11.780  1.00 63.41 ? 14  HIS B O   1 
ATOM   518  N N   . SER B 1 15 ? -7.329  -2.194  12.548  1.00 64.23 ? 15  SER B N   1 
ATOM   519  C CA  . SER B 1 15 ? -8.011  -2.641  11.319  1.00 60.72 ? 15  SER B CA  1 
ATOM   520  C C   . SER B 1 15 ? -7.738  -1.760  10.092  1.00 57.66 ? 15  SER B C   1 
ATOM   521  O O   . SER B 1 15 ? -7.867  -2.229  8.965   1.00 54.29 ? 15  SER B O   1 
ATOM   522  C CB  . SER B 1 15 ? -9.530  -2.723  11.530  1.00 61.28 ? 15  SER B CB  1 
ATOM   523  O OG  . SER B 1 15 ? -9.835  -3.459  12.739  1.00 66.01 ? 15  SER B OG  1 
ATOM   524  N N   . LEU B 1 16 ? -7.382  -0.485  10.321  1.00 58.43 ? 16  LEU B N   1 
ATOM   525  C CA  . LEU B 1 16 ? -7.197  0.481   9.225   1.00 56.60 ? 16  LEU B CA  1 
ATOM   526  C C   . LEU B 1 16 ? -5.896  0.270   8.421   1.00 54.79 ? 16  LEU B C   1 
ATOM   527  O O   . LEU B 1 16 ? -5.911  0.261   7.176   1.00 52.66 ? 16  LEU B O   1 
ATOM   528  C CB  . LEU B 1 16 ? -7.306  1.917   9.768   1.00 58.99 ? 16  LEU B CB  1 
ATOM   529  C CG  . LEU B 1 16 ? -7.643  3.070   8.782   1.00 58.06 ? 16  LEU B CG  1 
ATOM   530  C CD1 . LEU B 1 16 ? -8.890  2.779   7.894   1.00 57.22 ? 16  LEU B CD1 1 
ATOM   531  C CD2 . LEU B 1 16 ? -7.842  4.363   9.550   1.00 61.19 ? 16  LEU B CD2 1 
ATOM   532  N N   . ILE B 1 17 ? -4.787  0.092   9.138   1.00 56.69 ? 17  ILE B N   1 
ATOM   533  C CA  . ILE B 1 17 ? -3.492  -0.258  8.546   1.00 55.83 ? 17  ILE B CA  1 
ATOM   534  C C   . ILE B 1 17 ? -3.579  -1.656  7.925   1.00 53.59 ? 17  ILE B C   1 
ATOM   535  O O   . ILE B 1 17 ? -3.092  -1.882  6.804   1.00 51.55 ? 17  ILE B O   1 
ATOM   536  C CB  . ILE B 1 17 ? -2.351  -0.182  9.601   1.00 59.47 ? 17  ILE B CB  1 
ATOM   537  C CG1 . ILE B 1 17 ? -2.197  1.263   10.095  1.00 61.29 ? 17  ILE B CG1 1 
ATOM   538  C CG2 . ILE B 1 17 ? -1.026  -0.667  9.017   1.00 59.22 ? 17  ILE B CG2 1 
ATOM   539  C CD1 . ILE B 1 17 ? -1.550  1.330   11.526  1.00 66.03 ? 17  ILE B CD1 1 
ATOM   540  N N   . GLU B 1 18 ? -4.229  -2.583  8.653   1.00 54.43 ? 18  GLU B N   1 
ATOM   541  C CA  . GLU B 1 18 ? -4.561  -3.920  8.103   1.00 52.32 ? 18  GLU B CA  1 
ATOM   542  C C   . GLU B 1 18 ? -5.365  -3.840  6.806   1.00 48.60 ? 18  GLU B C   1 
ATOM   543  O O   . GLU B 1 18 ? -5.148  -4.632  5.875   1.00 46.53 ? 18  GLU B O   1 
ATOM   544  C CB  . GLU B 1 18 ? -5.357  -4.736  9.136   1.00 54.64 ? 18  GLU B CB  1 
ATOM   545  N N   . GLU B 1 19 ? -6.308  -2.897  6.750   1.00 48.21 ? 19  GLU B N   1 
ATOM   546  C CA  . GLU B 1 19 ? -7.096  -2.679  5.533   1.00 45.09 ? 19  GLU B CA  1 
ATOM   547  C C   . GLU B 1 19 ? -6.184  -2.226  4.399   1.00 43.00 ? 19  GLU B C   1 
ATOM   548  O O   . GLU B 1 19 ? -6.286  -2.727  3.277   1.00 40.33 ? 19  GLU B O   1 
ATOM   549  C CB  . GLU B 1 19 ? -8.191  -1.636  5.767   1.00 46.88 ? 19  GLU B CB  1 
ATOM   550  N N   . SER B 1 20 ? -5.297  -1.280  4.714   1.00 43.93 ? 20  SER B N   1 
ATOM   551  C CA  . SER B 1 20 ? -4.312  -0.786  3.760   1.00 42.47 ? 20  SER B CA  1 
ATOM   552  C C   . SER B 1 20 ? -3.404  -1.920  3.310   1.00 41.06 ? 20  SER B C   1 
ATOM   553  O O   . SER B 1 20 ? -3.181  -2.092  2.118   1.00 37.59 ? 20  SER B O   1 
ATOM   554  C CB  . SER B 1 20 ? -3.481  0.365   4.351   1.00 45.40 ? 20  SER B CB  1 
ATOM   555  O OG  . SER B 1 20 ? -2.491  0.770   3.400   1.00 46.81 ? 20  SER B OG  1 
ATOM   556  N N   . GLN B 1 21 ? -2.895  -2.704  4.258   1.00 42.43 ? 21  GLN B N   1 
ATOM   557  C CA  . GLN B 1 21 ? -2.049  -3.855  3.893   1.00 42.44 ? 21  GLN B CA  1 
ATOM   558  C C   . GLN B 1 21 ? -2.784  -4.899  3.045   1.00 39.29 ? 21  GLN B C   1 
ATOM   559  O O   . GLN B 1 21 ? -2.219  -5.432  2.087   1.00 37.41 ? 21  GLN B O   1 
ATOM   560  C CB  . GLN B 1 21 ? -1.436  -4.515  5.138   1.00 45.05 ? 21  GLN B CB  1 
ATOM   561  C CG  . GLN B 1 21 ? -0.382  -3.666  5.867   1.00 50.23 ? 21  GLN B CG  1 
ATOM   562  C CD  . GLN B 1 21 ? -0.097  -4.249  7.260   1.00 53.95 ? 21  GLN B CD  1 
ATOM   563  O OE1 . GLN B 1 21 ? 1.026   -4.155  7.776   1.00 60.59 ? 21  GLN B OE1 1 
ATOM   564  N NE2 . GLN B 1 21 ? -1.122  -4.839  7.889   1.00 57.41 ? 21  GLN B NE2 1 
ATOM   565  N N   . ASN B 1 22 ? -4.041  -5.182  3.386   1.00 39.07 ? 22  ASN B N   1 
ATOM   566  C CA  . ASN B 1 22 ? -4.863  -6.096  2.584   1.00 37.28 ? 22  ASN B CA  1 
ATOM   567  C C   . ASN B 1 22 ? -4.993  -5.617  1.136   1.00 33.96 ? 22  ASN B C   1 
ATOM   568  O O   . ASN B 1 22 ? -4.766  -6.394  0.195   1.00 32.32 ? 22  ASN B O   1 
ATOM   569  C CB  . ASN B 1 22 ? -6.256  -6.268  3.223   1.00 37.99 ? 22  ASN B CB  1 
ATOM   570  C CG  . ASN B 1 22 ? -7.265  -6.899  2.261   1.00 38.70 ? 22  ASN B CG  1 
ATOM   571  N N   . GLN B 1 23 ? -5.321  -4.334  0.962   1.00 33.90 ? 23  GLN B N   1 
ATOM   572  C CA  . GLN B 1 23 ? -5.402  -3.695  -0.371  1.00 32.55 ? 23  GLN B CA  1 
ATOM   573  C C   . GLN B 1 23 ? -4.119  -3.854  -1.188  1.00 31.13 ? 23  GLN B C   1 
ATOM   574  O O   . GLN B 1 23 ? -4.171  -4.238  -2.357  1.00 29.16 ? 23  GLN B O   1 
ATOM   575  C CB  . GLN B 1 23 ? -5.738  -2.206  -0.220  1.00 34.28 ? 23  GLN B CB  1 
ATOM   576  N N   . GLN B 1 24 ? -2.973  -3.555  -0.576  1.00 33.01 ? 24  GLN B N   1 
ATOM   577  C CA  . GLN B 1 24 ? -1.669  -3.729  -1.238  1.00 32.76 ? 24  GLN B CA  1 
ATOM   578  C C   . GLN B 1 24 ? -1.410  -5.177  -1.653  1.00 31.92 ? 24  GLN B C   1 
ATOM   579  O O   . GLN B 1 24 ? -0.891  -5.437  -2.747  1.00 29.65 ? 24  GLN B O   1 
ATOM   580  C CB  . GLN B 1 24 ? -0.524  -3.251  -0.334  1.00 34.93 ? 24  GLN B CB  1 
ATOM   581  C CG  . GLN B 1 24 ? -0.528  -1.758  -0.054  1.00 38.37 ? 24  GLN B CG  1 
ATOM   582  C CD  . GLN B 1 24 ? 0.355   -1.360  1.133   1.00 40.76 ? 24  GLN B CD  1 
ATOM   583  O OE1 . GLN B 1 24 ? 1.453   -1.890  1.301   1.00 43.54 ? 24  GLN B OE1 1 
ATOM   584  N NE2 . GLN B 1 24 ? -0.122  -0.418  1.954   1.00 43.05 ? 24  GLN B NE2 1 
ATOM   585  N N   . GLU B 1 25 ? -1.755  -6.118  -0.773  1.00 33.33 ? 25  GLU B N   1 
ATOM   586  C CA  . GLU B 1 25 ? -1.582  -7.555  -1.077  1.00 33.33 ? 25  GLU B CA  1 
ATOM   587  C C   . GLU B 1 25 ? -2.410  -7.990  -2.280  1.00 30.49 ? 25  GLU B C   1 
ATOM   588  O O   . GLU B 1 25 ? -1.933  -8.738  -3.148  1.00 29.86 ? 25  GLU B O   1 
ATOM   589  C CB  . GLU B 1 25 ? -1.958  -8.415  0.136   1.00 35.83 ? 25  GLU B CB  1 
ATOM   590  C CG  . GLU B 1 25 ? -0.910  -8.466  1.230   1.00 41.02 ? 25  GLU B CG  1 
ATOM   591  C CD  . GLU B 1 25 ? -1.432  -9.082  2.512   1.00 46.68 ? 25  GLU B CD  1 
ATOM   592  O OE1 . GLU B 1 25 ? -2.565  -9.631  2.514   1.00 49.57 ? 25  GLU B OE1 1 
ATOM   593  O OE2 . GLU B 1 25 ? -0.715  -9.006  3.531   1.00 49.96 ? 25  GLU B OE2 1 
ATOM   594  N N   . LYS B 1 26 ? -3.651  -7.524  -2.325  1.00 29.84 ? 26  LYS B N   1 
ATOM   595  C CA  . LYS B 1 26 ? -4.548  -7.807  -3.443  1.00 27.36 ? 26  LYS B CA  1 
ATOM   596  C C   . LYS B 1 26 ? -4.019  -7.209  -4.749  1.00 25.02 ? 26  LYS B C   1 
ATOM   597  O O   . LYS B 1 26 ? -4.014  -7.887  -5.778  1.00 23.86 ? 26  LYS B O   1 
ATOM   598  C CB  . LYS B 1 26 ? -5.957  -7.311  -3.134  1.00 28.33 ? 26  LYS B CB  1 
ATOM   599  C CG  . LYS B 1 26 ? -6.694  -8.197  -2.153  1.00 31.05 ? 26  LYS B CG  1 
ATOM   600  C CD  . LYS B 1 26 ? -8.041  -7.599  -1.748  1.00 36.96 ? 26  LYS B CD  1 
ATOM   601  N N   . LEU B 1 27 ? -3.555  -5.962  -4.695  1.00 24.89 ? 27  LEU B N   1 
ATOM   602  C CA  . LEU B 1 27 ? -2.958  -5.302  -5.870  1.00 23.02 ? 27  LEU B CA  1 
ATOM   603  C C   . LEU B 1 27 ? -1.681  -6.006  -6.333  1.00 22.43 ? 27  LEU B C   1 
ATOM   604  O O   . LEU B 1 27 ? -1.447  -6.144  -7.550  1.00 20.34 ? 27  LEU B O   1 
ATOM   605  C CB  . LEU B 1 27 ? -2.664  -3.827  -5.578  1.00 23.96 ? 27  LEU B CB  1 
ATOM   606  C CG  . LEU B 1 27 ? -3.885  -2.925  -5.472  1.00 23.74 ? 27  LEU B CG  1 
ATOM   607  C CD1 . LEU B 1 27 ? -3.506  -1.653  -4.741  1.00 26.13 ? 27  LEU B CD1 1 
ATOM   608  C CD2 . LEU B 1 27 ? -4.450  -2.632  -6.873  1.00 22.87 ? 27  LEU B CD2 1 
ATOM   609  N N   . GLU B 1 28 ? -0.856  -6.453  -5.390  1.00 24.18 ? 28  GLU B N   1 
ATOM   610  C CA  . GLU B 1 28 ? 0.298   -7.273  -5.752  1.00 25.08 ? 28  GLU B CA  1 
ATOM   611  C C   . GLU B 1 28 ? -0.110  -8.567  -6.472  1.00 23.59 ? 28  GLU B C   1 
ATOM   612  O O   . GLU B 1 28 ? 0.521   -8.949  -7.474  1.00 22.22 ? 28  GLU B O   1 
ATOM   613  C CB  . GLU B 1 28 ? 1.237   -7.564  -4.553  1.00 28.93 ? 28  GLU B CB  1 
ATOM   614  C CG  . GLU B 1 28 ? 2.479   -8.399  -4.993  1.00 33.10 ? 28  GLU B CG  1 
ATOM   615  C CD  . GLU B 1 28 ? 3.295   -7.741  -6.114  1.00 36.67 ? 28  GLU B CD  1 
ATOM   616  O OE1 . GLU B 1 28 ? 3.595   -6.530  -5.998  1.00 40.93 ? 28  GLU B OE1 1 
ATOM   617  O OE2 . GLU B 1 28 ? 3.640   -8.436  -7.107  1.00 36.86 ? 28  GLU B OE2 1 
ATOM   618  N N   . GLN B 1 29 ? -1.165  -9.230  -5.992  1.00 24.38 ? 29  GLN B N   1 
ATOM   619  C CA  . GLN B 1 29 ? -1.584  -10.480 -6.641  1.00 24.77 ? 29  GLN B CA  1 
ATOM   620  C C   . GLN B 1 29 ? -2.152  -10.189 -8.032  1.00 22.46 ? 29  GLN B C   1 
ATOM   621  O O   . GLN B 1 29 ? -1.911  -10.963 -8.989  1.00 21.12 ? 29  GLN B O   1 
ATOM   622  C CB  . GLN B 1 29 ? -2.579  -11.262 -5.791  1.00 26.96 ? 29  GLN B CB  1 
ATOM   623  C CG  . GLN B 1 29 ? -2.769  -12.747 -6.226  1.00 30.28 ? 29  GLN B CG  1 
ATOM   624  C CD  . GLN B 1 29 ? -1.465  -13.498 -6.503  1.00 34.71 ? 29  GLN B CD  1 
ATOM   625  O OE1 . GLN B 1 29 ? -0.565  -13.557 -5.655  1.00 40.02 ? 29  GLN B OE1 1 
ATOM   626  N NE2 . GLN B 1 29 ? -1.368  -14.094 -7.702  1.00 34.14 ? 29  GLN B NE2 1 
ATOM   627  N N   . GLU B 1 30 ? -2.864  -9.072  -8.172  1.00 22.08 ? 30  GLU B N   1 
ATOM   628  C CA  . GLU B 1 30 ? -3.381  -8.648  -9.492  1.00 21.22 ? 30  GLU B CA  1 
ATOM   629  C C   . GLU B 1 30 ? -2.250  -8.387  -10.474 1.00 19.48 ? 30  GLU B C   1 
ATOM   630  O O   . GLU B 1 30 ? -2.344  -8.761  -11.642 1.00 16.71 ? 30  GLU B O   1 
ATOM   631  C CB  . GLU B 1 30 ? -4.271  -7.406  -9.383  1.00 21.64 ? 30  GLU B CB  1 
ATOM   632  C CG  . GLU B 1 30 ? -5.643  -7.658  -8.746  1.00 24.70 ? 30  GLU B CG  1 
ATOM   633  C CD  . GLU B 1 30 ? -6.451  -6.383  -8.589  1.00 28.26 ? 30  GLU B CD  1 
ATOM   634  O OE1 . GLU B 1 30 ? -6.168  -5.385  -9.313  1.00 34.60 ? 30  GLU B OE1 1 
ATOM   635  O OE2 . GLU B 1 30 ? -7.367  -6.379  -7.740  1.00 36.06 ? 30  GLU B OE2 1 
ATOM   636  N N   . LEU B 1 31 ? -1.162  -7.796  -10.000 1.00 18.90 ? 31  LEU B N   1 
ATOM   637  C CA  . LEU B 1 31 ? 0.018   -7.564  -10.831 1.00 18.60 ? 31  LEU B CA  1 
ATOM   638  C C   . LEU B 1 31 ? 0.652   -8.871  -11.288 1.00 17.89 ? 31  LEU B C   1 
ATOM   639  O O   . LEU B 1 31 ? 1.020   -9.001  -12.458 1.00 16.88 ? 31  LEU B O   1 
ATOM   640  C CB  . LEU B 1 31 ? 1.057   -6.731  -10.039 1.00 20.38 ? 31  LEU B CB  1 
ATOM   641  C CG  . LEU B 1 31 ? 2.339   -6.263  -10.723 1.00 22.69 ? 31  LEU B CG  1 
ATOM   642  C CD1 . LEU B 1 31 ? 2.056   -5.368  -11.951 1.00 23.56 ? 31  LEU B CD1 1 
ATOM   643  C CD2 . LEU B 1 31 ? 3.195   -5.517  -9.691  1.00 24.30 ? 31  LEU B CD2 1 
ATOM   644  N N   . LEU B 1 32 ? 0.785   -9.841  -10.380 1.00 18.09 ? 32  LEU B N   1 
ATOM   645  C CA  . LEU B 1 32 ? 1.386   -11.118 -10.739 1.00 18.11 ? 32  LEU B CA  1 
ATOM   646  C C   . LEU B 1 32 ? 0.506   -11.816 -11.778 1.00 16.52 ? 32  LEU B C   1 
ATOM   647  O O   . LEU B 1 32 ? 1.017   -12.417 -12.740 1.00 15.75 ? 32  LEU B O   1 
ATOM   648  C CB  . LEU B 1 32 ? 1.592   -12.025 -9.513  1.00 20.54 ? 32  LEU B CB  1 
ATOM   649  C CG  . LEU B 1 32 ? 2.616   -11.549 -8.466  1.00 24.41 ? 32  LEU B CG  1 
ATOM   650  C CD1 . LEU B 1 32 ? 2.616   -12.505 -7.302  1.00 27.62 ? 32  LEU B CD1 1 
ATOM   651  C CD2 . LEU B 1 32 ? 4.014   -11.426 -9.068  1.00 26.82 ? 32  LEU B CD2 1 
ATOM   652  N N   . GLU B 1 33 ? -0.817  -11.744 -11.593 1.00 15.45 ? 33  GLU B N   1 
ATOM   653  C CA  . GLU B 1 33 ? -1.701  -12.368 -12.600 1.00 14.82 ? 33  GLU B CA  1 
ATOM   654  C C   . GLU B 1 33 ? -1.580  -11.635 -13.945 1.00 13.35 ? 33  GLU B C   1 
ATOM   655  O O   . GLU B 1 33 ? -1.548  -12.254 -14.996 1.00 12.39 ? 33  GLU B O   1 
ATOM   656  C CB  . GLU B 1 33 ? -3.159  -12.397 -12.131 1.00 16.45 ? 33  GLU B CB  1 
ATOM   657  C CG  . GLU B 1 33 ? -3.356  -13.255 -10.894 1.00 19.21 ? 33  GLU B CG  1 
ATOM   658  C CD  . GLU B 1 33 ? -2.860  -14.668 -11.058 1.00 24.92 ? 33  GLU B CD  1 
ATOM   659  O OE1 . GLU B 1 33 ? -3.023  -15.232 -12.139 1.00 24.53 ? 33  GLU B OE1 1 
ATOM   660  O OE2 . GLU B 1 33 ? -2.289  -15.240 -10.106 1.00 32.73 ? 33  GLU B OE2 1 
ATOM   661  N N   . LEU B 1 34 ? -1.518  -10.319 -13.914 1.00 13.19 ? 34  LEU B N   1 
ATOM   662  C CA  . LEU B 1 34 ? -1.379  -9.543  -15.148 1.00 12.91 ? 34  LEU B CA  1 
ATOM   663  C C   . LEU B 1 34 ? -0.033  -9.883  -15.823 1.00 12.90 ? 34  LEU B C   1 
ATOM   664  O O   . LEU B 1 34 ? 0.028   -10.046 -17.033 1.00 12.65 ? 34  LEU B O   1 
ATOM   665  C CB  . LEU B 1 34 ? -1.541  -8.027  -14.899 1.00 13.82 ? 34  LEU B CB  1 
ATOM   666  C CG  . LEU B 1 34 ? -1.367  -7.094  -16.105 1.00 14.58 ? 34  LEU B CG  1 
ATOM   667  C CD1 . LEU B 1 34 ? -2.344  -7.457  -17.235 1.00 17.68 ? 34  LEU B CD1 1 
ATOM   668  C CD2 . LEU B 1 34 ? -1.504  -5.635  -15.706 1.00 15.72 ? 34  LEU B CD2 1 
ATOM   669  N N   . ASP B 1 35 ? 1.024   -10.066 -15.031 1.00 13.70 ? 35  ASP B N   1 
ATOM   670  C CA  . ASP B 1 35 ? 2.320   -10.459 -15.591 1.00 14.33 ? 35  ASP B CA  1 
ATOM   671  C C   . ASP B 1 35 ? 2.232   -11.825 -16.311 1.00 13.30 ? 35  ASP B C   1 
ATOM   672  O O   . ASP B 1 35 ? 2.916   -12.043 -17.331 1.00 13.14 ? 35  ASP B O   1 
ATOM   673  C CB  . ASP B 1 35 ? 3.407   -10.541 -14.501 1.00 15.78 ? 35  ASP B CB  1 
ATOM   674  C CG  . ASP B 1 35 ? 3.836   -9.188  -13.962 1.00 19.42 ? 35  ASP B CG  1 
ATOM   675  O OD1 . ASP B 1 35 ? 3.535   -8.141  -14.574 1.00 20.73 ? 35  ASP B OD1 1 
ATOM   676  O OD2 . ASP B 1 35 ? 4.483   -9.195  -12.876 1.00 20.57 ? 35  ASP B OD2 1 
ATOM   677  N N   . LYS B 1 36 ? 1.451   -12.772 -15.756 1.00 12.10 ? 36  LYS B N   1 
ATOM   678  C CA  . LYS B 1 36 ? 1.286   -14.080 -16.395 1.00 11.78 ? 36  LYS B CA  1 
ATOM   679  C C   . LYS B 1 36 ? 0.576   -13.872 -17.725 1.00 10.62 ? 36  LYS B C   1 
ATOM   680  O O   . LYS B 1 36 ? 0.888   -14.541 -18.733 1.00 9.23  ? 36  LYS B O   1 
ATOM   681  C CB  . LYS B 1 36 ? 0.468   -15.034 -15.516 1.00 12.54 ? 36  LYS B CB  1 
ATOM   682  C CG  . LYS B 1 36 ? 1.167   -15.468 -14.210 1.00 15.61 ? 36  LYS B CG  1 
ATOM   683  C CD  . LYS B 1 36 ? 0.214   -16.396 -13.386 1.00 18.82 ? 36  LYS B CD  1 
ATOM   684  C CE  . LYS B 1 36 ? 0.860   -16.896 -12.134 1.00 26.16 ? 36  LYS B CE  1 
ATOM   685  N NZ  . LYS B 1 36 ? -0.141  -17.497 -11.203 1.00 29.49 ? 36  LYS B NZ  1 
ATOM   686  N N   . TRP B 1 37 ? -0.427  -13.004 -17.723 1.00 9.08  ? 37  TRP B N   1 
ATOM   687  C CA  . TRP B 1 37 ? -1.164  -12.751 -18.982 1.00 8.70  ? 37  TRP B CA  1 
ATOM   688  C C   . TRP B 1 37 ? -0.193  -12.129 -20.029 1.00 9.05  ? 37  TRP B C   1 
ATOM   689  O O   . TRP B 1 37 ? -0.151  -12.531 -21.224 1.00 8.55  ? 37  TRP B O   1 
ATOM   690  C CB  . TRP B 1 37 ? -2.388  -11.863 -18.765 1.00 8.94  ? 37  TRP B CB  1 
ATOM   691  C CG  . TRP B 1 37 ? -3.045  -11.620 -20.084 1.00 7.97  ? 37  TRP B CG  1 
ATOM   692  C CD1 . TRP B 1 37 ? -2.925  -10.493 -20.892 1.00 9.31  ? 37  TRP B CD1 1 
ATOM   693  C CD2 . TRP B 1 37 ? -3.856  -12.558 -20.801 1.00 6.74  ? 37  TRP B CD2 1 
ATOM   694  N NE1 . TRP B 1 37 ? -3.627  -10.713 -22.082 1.00 10.23 ? 37  TRP B NE1 1 
ATOM   695  C CE2 . TRP B 1 37 ? -4.186  -11.966 -22.045 1.00 8.32  ? 37  TRP B CE2 1 
ATOM   696  C CE3 . TRP B 1 37 ? -4.291  -13.870 -20.538 1.00 6.41  ? 37  TRP B CE3 1 
ATOM   697  C CZ2 . TRP B 1 37 ? -4.975  -12.626 -23.008 1.00 10.51 ? 37  TRP B CZ2 1 
ATOM   698  C CZ3 . TRP B 1 37 ? -5.073  -14.515 -21.472 1.00 10.83 ? 37  TRP B CZ3 1 
ATOM   699  C CH2 . TRP B 1 37 ? -5.429  -13.897 -22.695 1.00 9.36  ? 37  TRP B CH2 1 
ATOM   700  N N   . ALA B 1 38 ? 0.608   -11.168 -19.567 1.00 8.79  ? 38  ALA B N   1 
ATOM   701  C CA  . ALA B 1 38 ? 1.568   -10.489 -20.443 1.00 9.97  ? 38  ALA B CA  1 
ATOM   702  C C   . ALA B 1 38 ? 2.510   -11.536 -21.071 1.00 10.21 ? 38  ALA B C   1 
ATOM   703  O O   . ALA B 1 38 ? 2.809   -11.478 -22.275 1.00 10.48 ? 38  ALA B O   1 
ATOM   704  C CB  . ALA B 1 38 ? 2.373   -9.457  -19.652 1.00 11.51 ? 38  ALA B CB  1 
ATOM   705  N N   . SER B 1 39 ? 2.962   -12.496 -20.263 1.00 10.77 ? 39  SER B N   1 
ATOM   706  C CA  . SER B 1 39 ? 3.840   -13.570 -20.762 1.00 11.09 ? 39  SER B CA  1 
ATOM   707  C C   . SER B 1 39 ? 3.166   -14.421 -21.837 1.00 10.29 ? 39  SER B C   1 
ATOM   708  O O   . SER B 1 39 ? 3.790   -14.772 -22.847 1.00 10.50 ? 39  SER B O   1 
ATOM   709  C CB  . SER B 1 39 ? 4.242   -14.505 -19.636 1.00 13.02 ? 39  SER B CB  1 
ATOM   710  O OG  . SER B 1 39 ? 5.157   -15.513 -20.131 1.00 17.71 ? 39  SER B OG  1 
ATOM   711  N N   . LEU B 1 40 ? 1.892   -14.742 -21.613 1.00 9.53  ? 40  LEU B N   1 
ATOM   712  C CA  . LEU B 1 40 ? 1.123   -15.557 -22.565 1.00 8.05  ? 40  LEU B CA  1 
ATOM   713  C C   . LEU B 1 40 ? 0.996   -14.753 -23.866 1.00 8.08  ? 40  LEU B C   1 
ATOM   714  O O   . LEU B 1 40 ? 1.197   -15.261 -24.987 1.00 6.93  ? 40  LEU B O   1 
ATOM   715  C CB  . LEU B 1 40 ? -0.246  -15.884 -21.950 1.00 8.76  ? 40  LEU B CB  1 
ATOM   716  C CG  . LEU B 1 40 ? -1.168  -16.747 -22.824 1.00 7.49  ? 40  LEU B CG  1 
ATOM   717  C CD1 . LEU B 1 40 ? -2.065  -17.561 -21.927 1.00 8.15  ? 40  LEU B CD1 1 
ATOM   718  C CD2 . LEU B 1 40 ? -2.034  -15.797 -23.678 1.00 13.71 ? 40  LEU B CD2 1 
ATOM   719  N N   . TRP B 1 41 ? 0.568   -13.508 -23.734 1.00 7.95  ? 41  TRP B N   1 
ATOM   720  C CA  . TRP B 1 41 ? 0.314   -12.682 -24.910 1.00 8.77  ? 41  TRP B CA  1 
ATOM   721  C C   . TRP B 1 41 ? 1.603   -12.444 -25.698 1.00 7.94  ? 41  TRP B C   1 
ATOM   722  O O   . TRP B 1 41 ? 1.605   -12.493 -26.947 1.00 8.80  ? 41  TRP B O   1 
ATOM   723  C CB  . TRP B 1 41 ? -0.375  -11.378 -24.462 1.00 8.88  ? 41  TRP B CB  1 
ATOM   724  C CG  . TRP B 1 41 ? -0.722  -10.452 -25.595 1.00 8.36  ? 41  TRP B CG  1 
ATOM   725  C CD1 . TRP B 1 41 ? -0.189  -9.208  -25.840 1.00 8.39  ? 41  TRP B CD1 1 
ATOM   726  C CD2 . TRP B 1 41 ? -1.678  -10.697 -26.610 1.00 8.58  ? 41  TRP B CD2 1 
ATOM   727  N NE1 . TRP B 1 41 ? -0.777  -8.652  -26.968 1.00 9.99  ? 41  TRP B NE1 1 
ATOM   728  C CE2 . TRP B 1 41 ? -1.688  -9.555  -27.465 1.00 8.00  ? 41  TRP B CE2 1 
ATOM   729  C CE3 . TRP B 1 41 ? -2.555  -11.758 -26.879 1.00 8.01  ? 41  TRP B CE3 1 
ATOM   730  C CZ2 . TRP B 1 41 ? -2.512  -9.448  -28.590 1.00 10.45 ? 41  TRP B CZ2 1 
ATOM   731  C CZ3 . TRP B 1 41 ? -3.373  -11.663 -28.033 1.00 8.44  ? 41  TRP B CZ3 1 
ATOM   732  C CH2 . TRP B 1 41 ? -3.361  -10.521 -28.861 1.00 11.46 ? 41  TRP B CH2 1 
ATOM   733  N N   . ASN B 1 42 ? 2.698   -12.212 -24.990 1.00 7.72  ? 42  ASN B N   1 
ATOM   734  C CA  . ASN B 1 42 ? 3.977   -12.013 -25.630 1.00 8.64  ? 42  ASN B CA  1 
ATOM   735  C C   . ASN B 1 42 ? 4.417   -13.243 -26.394 1.00 8.77  ? 42  ASN B C   1 
ATOM   736  O O   . ASN B 1 42 ? 5.007   -13.103 -27.489 1.00 8.54  ? 42  ASN B O   1 
ATOM   737  C CB  . ASN B 1 42 ? 4.986   -11.634 -24.556 1.00 10.51 ? 42  ASN B CB  1 
ATOM   738  C CG  . ASN B 1 42 ? 6.335   -11.423 -25.085 1.00 15.83 ? 42  ASN B CG  1 
ATOM   739  O OD1 . ASN B 1 42 ? 6.610   -10.448 -25.805 1.00 18.20 ? 42  ASN B OD1 1 
ATOM   740  N ND2 . ASN B 1 42 ? 7.238   -12.325 -24.721 1.00 16.41 ? 42  ASN B ND2 1 
ATOM   741  N N   . TRP B 1 43 ? 4.155   -14.430 -25.839 1.00 7.92  ? 43  TRP B N   1 
ATOM   742  C CA  . TRP B 1 43 ? 4.485   -15.656 -26.544 1.00 6.37  ? 43  TRP B CA  1 
ATOM   743  C C   . TRP B 1 43 ? 3.746   -15.716 -27.880 1.00 6.16  ? 43  TRP B C   1 
ATOM   744  O O   . TRP B 1 43 ? 4.339   -16.076 -28.937 1.00 6.67  ? 43  TRP B O   1 
ATOM   745  C CB  . TRP B 1 43 ? 4.167   -16.913 -25.677 1.00 5.77  ? 43  TRP B CB  1 
ATOM   746  C CG  . TRP B 1 43 ? 4.483   -18.163 -26.471 1.00 5.14  ? 43  TRP B CG  1 
ATOM   747  C CD1 . TRP B 1 43 ? 5.677   -18.781 -26.545 1.00 5.27  ? 43  TRP B CD1 1 
ATOM   748  C CD2 . TRP B 1 43 ? 3.580   -18.888 -27.298 1.00 6.71  ? 43  TRP B CD2 1 
ATOM   749  N NE1 . TRP B 1 43 ? 5.588   -19.878 -27.392 1.00 5.61  ? 43  TRP B NE1 1 
ATOM   750  C CE2 . TRP B 1 43 ? 4.304   -19.966 -27.864 1.00 6.31  ? 43  TRP B CE2 1 
ATOM   751  C CE3 . TRP B 1 43 ? 2.208   -18.755 -27.580 1.00 9.05  ? 43  TRP B CE3 1 
ATOM   752  C CZ2 . TRP B 1 43 ? 3.719   -20.882 -28.725 1.00 8.40  ? 43  TRP B CZ2 1 
ATOM   753  C CZ3 . TRP B 1 43 ? 1.610   -19.672 -28.446 1.00 7.66  ? 43  TRP B CZ3 1 
ATOM   754  C CH2 . TRP B 1 43 ? 2.371   -20.700 -29.042 1.00 9.05  ? 43  TRP B CH2 1 
ATOM   755  N N   . PHE B 1 44 ? 2.461   -15.411 -27.884 1.00 5.23  ? 44  PHE B N   1 
ATOM   756  C CA  . PHE B 1 44 ? 1.701   -15.409 -29.148 1.00 5.75  ? 44  PHE B CA  1 
ATOM   757  C C   . PHE B 1 44 ? 2.306   -14.417 -30.097 1.00 5.57  ? 44  PHE B C   1 
ATOM   758  O O   . PHE B 1 44 ? 2.503   -14.712 -31.297 1.00 7.43  ? 44  PHE B O   1 
ATOM   759  C CB  . PHE B 1 44 ? 0.226   -15.040 -28.896 1.00 5.47  ? 44  PHE B CB  1 
ATOM   760  C CG  . PHE B 1 44 ? -0.652  -16.214 -28.573 1.00 7.47  ? 44  PHE B CG  1 
ATOM   761  C CD1 . PHE B 1 44 ? -1.267  -16.956 -29.569 1.00 8.21  ? 44  PHE B CD1 1 
ATOM   762  C CD2 . PHE B 1 44 ? -0.903  -16.536 -27.229 1.00 8.37  ? 44  PHE B CD2 1 
ATOM   763  C CE1 . PHE B 1 44 ? -2.088  -18.060 -29.257 1.00 8.67  ? 44  PHE B CE1 1 
ATOM   764  C CE2 . PHE B 1 44 ? -1.725  -17.615 -26.890 1.00 7.80  ? 44  PHE B CE2 1 
ATOM   765  C CZ  . PHE B 1 44 ? -2.315  -18.371 -27.888 1.00 8.66  ? 44  PHE B CZ  1 
ATOM   766  N N   . ASN B 1 45 ? 2.637   -13.230 -29.581 1.00 5.87  ? 45  ASN B N   1 
ATOM   767  C CA  . ASN B 1 45 ? 3.181   -12.177 -30.460 1.00 5.31  ? 45  ASN B CA  1 
ATOM   768  C C   . ASN B 1 45 ? 4.501   -12.585 -31.085 1.00 6.38  ? 45  ASN B C   1 
ATOM   769  O O   . ASN B 1 45 ? 4.725   -12.350 -32.281 1.00 6.52  ? 45  ASN B O   1 
ATOM   770  C CB  . ASN B 1 45 ? 3.390   -10.893 -29.693 1.00 6.53  ? 45  ASN B CB  1 
ATOM   771  C CG  . ASN B 1 45 ? 2.114   -10.103 -29.514 1.00 9.85  ? 45  ASN B CG  1 
ATOM   772  O OD1 . ASN B 1 45 ? 1.279   -10.129 -30.371 1.00 16.70 ? 45  ASN B OD1 1 
ATOM   773  N ND2 . ASN B 1 45 ? 2.094   -9.220  -28.484 1.00 14.63 ? 45  ASN B ND2 1 
ATOM   774  N N   . ILE B 1 46 ? 5.392   -13.163 -30.291 1.00 6.34  ? 46  ILE B N   1 
ATOM   775  C CA  . ILE B 1 46 ? 6.706   -13.521 -30.850 1.00 6.70  ? 46  ILE B CA  1 
ATOM   776  C C   . ILE B 1 46 ? 6.535   -14.676 -31.851 1.00 6.93  ? 46  ILE B C   1 
ATOM   777  O O   . ILE B 1 46 ? 7.177   -14.654 -32.921 1.00 7.58  ? 46  ILE B O   1 
ATOM   778  C CB  . ILE B 1 46 ? 7.689   -13.889 -29.718 1.00 5.53  ? 46  ILE B CB  1 
ATOM   779  C CG1 . ILE B 1 46 ? 8.001   -12.638 -28.869 1.00 6.16  ? 46  ILE B CG1 1 
ATOM   780  C CG2 . ILE B 1 46 ? 9.041   -14.453 -30.286 1.00 7.78  ? 46  ILE B CG2 1 
ATOM   781  C CD1 . ILE B 1 46 ? 8.850   -12.942 -27.656 1.00 9.75  ? 46  ILE B CD1 1 
ATOM   782  N N   . THR B 1 47 ? 5.721   -15.672 -31.506 1.00 6.68  ? 47  THR B N   1 
ATOM   783  C CA  . THR B 1 47 ? 5.534   -16.811 -32.443 1.00 5.90  ? 47  THR B CA  1 
ATOM   784  C C   . THR B 1 47 ? 5.014   -16.261 -33.792 1.00 6.74  ? 47  THR B C   1 
ATOM   785  O O   . THR B 1 47 ? 5.443   -16.667 -34.879 1.00 7.70  ? 47  THR B O   1 
ATOM   786  C CB  . THR B 1 47 ? 4.553   -17.844 -31.888 1.00 6.70  ? 47  THR B CB  1 
ATOM   787  O OG1 . THR B 1 47 ? 4.948   -18.234 -30.574 1.00 5.53  ? 47  THR B OG1 1 
ATOM   788  C CG2 . THR B 1 47 ? 4.499   -19.072 -32.794 1.00 7.25  ? 47  THR B CG2 1 
ATOM   789  N N   . ASN B 1 48 ? 4.029   -15.361 -33.710 1.00 5.98  ? 48  ASN B N   1 
ATOM   790  C CA  . ASN B 1 48 ? 3.436   -14.785 -34.902 1.00 6.24  ? 48  ASN B CA  1 
ATOM   791  C C   . ASN B 1 48 ? 4.466   -14.024 -35.758 1.00 7.84  ? 48  ASN B C   1 
ATOM   792  O O   . ASN B 1 48 ? 4.487   -14.140 -36.965 1.00 9.17  ? 48  ASN B O   1 
ATOM   793  C CB  . ASN B 1 48 ? 2.264   -13.872 -34.494 1.00 7.36  ? 48  ASN B CB  1 
ATOM   794  C CG  . ASN B 1 48 ? 1.539   -13.271 -35.703 1.00 11.98 ? 48  ASN B CG  1 
ATOM   795  O OD1 . ASN B 1 48 ? 1.610   -12.042 -35.934 1.00 19.47 ? 48  ASN B OD1 1 
ATOM   796  N ND2 . ASN B 1 48 ? 0.867   -14.109 -36.482 1.00 11.07 ? 48  ASN B ND2 1 
ATOM   797  N N   . TRP B 1 49 ? 5.291   -13.228 -35.096 1.00 8.98  ? 49  TRP B N   1 
ATOM   798  C CA  . TRP B 1 49 ? 6.325   -12.463 -35.793 1.00 9.80  ? 49  TRP B CA  1 
ATOM   799  C C   . TRP B 1 49 ? 7.332   -13.391 -36.457 1.00 9.86  ? 49  TRP B C   1 
ATOM   800  O O   . TRP B 1 49 ? 7.698   -13.175 -37.617 1.00 10.41 ? 49  TRP B O   1 
ATOM   801  C CB  . TRP B 1 49 ? 6.992   -11.534 -34.789 1.00 11.56 ? 49  TRP B CB  1 
ATOM   802  C CG  . TRP B 1 49 ? 8.145   -10.751 -35.361 1.00 13.78 ? 49  TRP B CG  1 
ATOM   803  C CD1 . TRP B 1 49 ? 8.063   -9.731  -36.264 1.00 19.39 ? 49  TRP B CD1 1 
ATOM   804  C CD2 . TRP B 1 49 ? 9.541   -10.961 -35.117 1.00 17.84 ? 49  TRP B CD2 1 
ATOM   805  N NE1 . TRP B 1 49 ? 9.326   -9.272  -36.582 1.00 20.22 ? 49  TRP B NE1 1 
ATOM   806  C CE2 . TRP B 1 49 ? 10.249  -10.023 -35.903 1.00 20.53 ? 49  TRP B CE2 1 
ATOM   807  C CE3 . TRP B 1 49 ? 10.267  -11.862 -34.308 1.00 19.39 ? 49  TRP B CE3 1 
ATOM   808  C CZ2 . TRP B 1 49 ? 11.656  -9.924  -35.890 1.00 23.72 ? 49  TRP B CZ2 1 
ATOM   809  C CZ3 . TRP B 1 49 ? 11.667  -11.773 -34.302 1.00 17.56 ? 49  TRP B CZ3 1 
ATOM   810  C CH2 . TRP B 1 49 ? 12.347  -10.808 -35.098 1.00 22.47 ? 49  TRP B CH2 1 
ATOM   811  N N   . LEU B 1 50 ? 7.763   -14.441 -35.739 1.00 8.78  ? 50  LEU B N   1 
ATOM   812  C CA  . LEU B 1 50 ? 8.758   -15.385 -36.318 1.00 8.24  ? 50  LEU B CA  1 
ATOM   813  C C   . LEU B 1 50 ? 8.124   -16.100 -37.493 1.00 8.92  ? 50  LEU B C   1 
ATOM   814  O O   . LEU B 1 50 ? 8.780   -16.309 -38.512 1.00 8.81  ? 50  LEU B O   1 
ATOM   815  C CB  . LEU B 1 50 ? 9.224   -16.386 -35.283 1.00 8.35  ? 50  LEU B CB  1 
ATOM   816  C CG  . LEU B 1 50 ? 10.109  -15.729 -34.197 1.00 6.62  ? 50  LEU B CG  1 
ATOM   817  C CD1 . LEU B 1 50 ? 10.368  -16.766 -33.107 1.00 11.24 ? 50  LEU B CD1 1 
ATOM   818  C CD2 . LEU B 1 50 ? 11.411  -15.152 -34.741 1.00 11.89 ? 50  LEU B CD2 1 
ATOM   819  N N   . TRP B 1 51 ? 6.846   -16.449 -37.379 1.00 6.86  ? 51  TRP B N   1 
ATOM   820  C CA  . TRP B 1 51 ? 6.188   -17.042 -38.543 1.00 8.57  ? 51  TRP B CA  1 
ATOM   821  C C   . TRP B 1 51 ? 6.181   -16.104 -39.740 1.00 10.88 ? 51  TRP B C   1 
ATOM   822  O O   . TRP B 1 51 ? 6.383   -16.551 -40.874 1.00 11.05 ? 51  TRP B O   1 
ATOM   823  C CB  . TRP B 1 51 ? 4.754   -17.457 -38.175 1.00 9.67  ? 51  TRP B CB  1 
ATOM   824  C CG  . TRP B 1 51 ? 3.996   -18.093 -39.314 1.00 11.09 ? 51  TRP B CG  1 
ATOM   825  C CD1 . TRP B 1 51 ? 3.035   -17.482 -40.060 1.00 13.21 ? 51  TRP B CD1 1 
ATOM   826  C CD2 . TRP B 1 51 ? 4.074   -19.449 -39.785 1.00 12.16 ? 51  TRP B CD2 1 
ATOM   827  N NE1 . TRP B 1 51 ? 2.516   -18.359 -40.988 1.00 17.02 ? 51  TRP B NE1 1 
ATOM   828  C CE2 . TRP B 1 51 ? 3.153   -19.564 -40.859 1.00 14.70 ? 51  TRP B CE2 1 
ATOM   829  C CE3 . TRP B 1 51 ? 4.842   -20.566 -39.439 1.00 12.37 ? 51  TRP B CE3 1 
ATOM   830  C CZ2 . TRP B 1 51 ? 2.984   -20.753 -41.583 1.00 17.46 ? 51  TRP B CZ2 1 
ATOM   831  C CZ3 . TRP B 1 51 ? 4.656   -21.763 -40.156 1.00 15.79 ? 51  TRP B CZ3 1 
ATOM   832  C CH2 . TRP B 1 51 ? 3.735   -21.835 -41.217 1.00 15.50 ? 51  TRP B CH2 1 
ATOM   833  N N   . TYR B 1 52 ? 6.021   -14.812 -39.524 1.00 12.58 ? 52  TYR B N   1 
ATOM   834  C CA  . TYR B 1 52 ? 5.886   -13.932 -40.676 1.00 16.88 ? 52  TYR B CA  1 
ATOM   835  C C   . TYR B 1 52 ? 7.228   -13.596 -41.271 1.00 17.78 ? 52  TYR B C   1 
ATOM   836  O O   . TYR B 1 52 ? 7.299   -13.287 -42.455 1.00 19.34 ? 52  TYR B O   1 
ATOM   837  C CB  . TYR B 1 52 ? 5.082   -12.704 -40.319 1.00 20.94 ? 52  TYR B CB  1 
ATOM   838  C CG  . TYR B 1 52 ? 3.602   -13.009 -40.488 1.00 25.18 ? 52  TYR B CG  1 
ATOM   839  C CD1 . TYR B 1 52 ? 3.104   -13.373 -41.748 1.00 31.09 ? 52  TYR B CD1 1 
ATOM   840  C CD2 . TYR B 1 52 ? 2.728   -13.013 -39.418 1.00 26.06 ? 52  TYR B CD2 1 
ATOM   841  C CE1 . TYR B 1 52 ? 1.769   -13.691 -41.936 1.00 33.76 ? 52  TYR B CE1 1 
ATOM   842  C CE2 . TYR B 1 52 ? 1.361   -13.304 -39.611 1.00 31.72 ? 52  TYR B CE2 1 
ATOM   843  C CZ  . TYR B 1 52 ? 0.903   -13.662 -40.868 1.00 31.57 ? 52  TYR B CZ  1 
ATOM   844  O OH  . TYR B 1 52 ? -0.443  -13.970 -41.084 1.00 34.08 ? 52  TYR B OH  1 
ATOM   845  N N   . ILE B 1 53 ? 8.285   -13.691 -40.465 1.00 15.79 ? 53  ILE B N   1 
ATOM   846  C CA  . ILE B 1 53 ? 9.640   -13.377 -40.991 1.00 16.93 ? 53  ILE B CA  1 
ATOM   847  C C   . ILE B 1 53 ? 10.483  -14.568 -41.453 1.00 15.75 ? 53  ILE B C   1 
ATOM   848  O O   . ILE B 1 53 ? 11.598  -14.399 -41.994 1.00 17.69 ? 53  ILE B O   1 
ATOM   849  C CB  . ILE B 1 53 ? 10.481  -12.494 -40.039 1.00 18.58 ? 53  ILE B CB  1 
ATOM   850  C CG1 . ILE B 1 53 ? 10.932  -13.266 -38.799 1.00 17.05 ? 53  ILE B CG1 1 
ATOM   851  C CG2 . ILE B 1 53 ? 9.807   -11.147 -39.810 1.00 20.47 ? 53  ILE B CG2 1 
ATOM   852  C CD1 . ILE B 1 53 ? 12.061  -12.598 -38.047 1.00 25.80 ? 53  ILE B CD1 1 
ATOM   853  N N   . LYS B 1 54 ? 9.943   -15.761 -41.302 1.00 13.36 ? 54  LYS B N   1 
ATOM   854  C CA  . LYS B 1 54 ? 10.622  -17.011 -41.619 1.00 13.21 ? 54  LYS B CA  1 
ATOM   855  C C   . LYS B 1 54 ? 11.081  -17.101 -43.079 1.00 16.35 ? 54  LYS B C   1 
ATOM   856  O O   . LYS B 1 54 ? 12.013  -17.847 -43.405 1.00 17.96 ? 54  LYS B O   1 
ATOM   857  C CB  . LYS B 1 54 ? 9.712   -18.188 -41.307 1.00 12.17 ? 54  LYS B CB  1 
ATOM   858  C CG  . LYS B 1 54 ? 8.539   -18.385 -42.288 1.00 12.22 ? 54  LYS B CG  1 
ATOM   859  C CD  . LYS B 1 54 ? 7.627   -19.511 -41.785 1.00 10.18 ? 54  LYS B CD  1 
ATOM   860  C CE  . LYS B 1 54 ? 6.409   -19.608 -42.708 1.00 10.61 ? 54  LYS B CE  1 
ATOM   861  N NZ  . LYS B 1 54 ? 5.604   -18.314 -42.879 1.00 14.06 ? 54  LYS B NZ  1 
ATOM   862  O OXT . LYS B 1 54 ? 10.545  -16.398 -43.939 1.00 17.57 ? 54  LYS B OXT 1 
HETATM 863  O O1  . HEZ C 2 .  ? 6.957   23.166  25.274  1.00 31.46 ? 55  HEZ A O1  1 
HETATM 864  C C1  . HEZ C 2 .  ? 6.463   22.009  24.608  1.00 29.07 ? 55  HEZ A C1  1 
HETATM 865  C C2  . HEZ C 2 .  ? 7.431   20.845  24.796  1.00 31.02 ? 55  HEZ A C2  1 
HETATM 866  C C3  . HEZ C 2 .  ? 7.294   19.848  23.654  1.00 33.75 ? 55  HEZ A C3  1 
HETATM 867  C C4  . HEZ C 2 .  ? 8.480   19.902  22.699  1.00 35.89 ? 55  HEZ A C4  1 
HETATM 868  C C5  . HEZ C 2 .  ? 8.375   18.813  21.638  1.00 37.68 ? 55  HEZ A C5  1 
HETATM 869  C C6  . HEZ C 2 .  ? 8.032   19.412  20.286  1.00 37.64 ? 55  HEZ A C6  1 
HETATM 870  O O6  . HEZ C 2 .  ? 7.831   18.378  19.307  1.00 40.17 ? 55  HEZ A O6  1 
HETATM 871  O O1  . HEZ D 2 .  ? 9.394   28.299  26.528  1.00 25.51 ? 56  HEZ A O1  1 
HETATM 872  C C1  . HEZ D 2 .  ? 8.394   27.629  25.750  1.00 30.61 ? 56  HEZ A C1  1 
HETATM 873  C C2  . HEZ D 2 .  ? 8.792   26.187  25.436  1.00 31.73 ? 56  HEZ A C2  1 
HETATM 874  C C3  . HEZ D 2 .  ? 10.115  26.090  24.664  1.00 33.33 ? 56  HEZ A C3  1 
HETATM 875  C C4  . HEZ D 2 .  ? 10.505  24.628  24.530  1.00 33.14 ? 56  HEZ A C4  1 
HETATM 876  C C5  . HEZ D 2 .  ? 11.765  24.417  23.714  1.00 32.94 ? 56  HEZ A C5  1 
HETATM 877  C C6  . HEZ D 2 .  ? 11.750  23.031  23.091  1.00 33.34 ? 56  HEZ A C6  1 
HETATM 878  O O6  . HEZ D 2 .  ? 13.067  22.502  23.228  1.00 35.26 ? 56  HEZ A O6  1 
HETATM 879  O O1  . HEZ E 2 .  ? 8.210   35.147  20.560  1.00 31.73 ? 57  HEZ A O1  1 
HETATM 880  C C1  . HEZ E 2 .  ? 7.940   34.347  19.382  1.00 27.92 ? 57  HEZ A C1  1 
HETATM 881  C C2  . HEZ E 2 .  ? 8.448   32.908  19.440  1.00 28.50 ? 57  HEZ A C2  1 
HETATM 882  C C3  . HEZ E 2 .  ? 8.950   32.510  20.820  1.00 27.25 ? 57  HEZ A C3  1 
HETATM 883  C C4  . HEZ E 2 .  ? 9.537   31.120  20.798  1.00 27.51 ? 57  HEZ A C4  1 
HETATM 884  C C5  . HEZ E 2 .  ? 10.209  30.830  22.127  1.00 30.62 ? 57  HEZ A C5  1 
HETATM 885  C C6  . HEZ E 2 .  ? 10.958  29.515  22.063  1.00 32.35 ? 57  HEZ A C6  1 
HETATM 886  O O6  . HEZ E 2 .  ? 11.302  29.112  23.391  1.00 38.69 ? 57  HEZ A O6  1 
HETATM 887  O O1  . HEZ F 2 .  ? 10.300  5.756   29.764  1.00 29.82 ? 58  HEZ A O1  1 
HETATM 888  C C1  . HEZ F 2 .  ? 10.824  6.607   28.745  1.00 31.38 ? 58  HEZ A C1  1 
HETATM 889  C C2  . HEZ F 2 .  ? 10.222  8.004   28.676  1.00 35.59 ? 58  HEZ A C2  1 
HETATM 890  C C3  . HEZ F 2 .  ? 10.654  8.660   27.363  1.00 35.83 ? 58  HEZ A C3  1 
HETATM 891  C C4  . HEZ F 2 .  ? 11.172  10.085  27.548  1.00 36.62 ? 58  HEZ A C4  1 
HETATM 892  C C5  . HEZ F 2 .  ? 12.676  10.152  27.327  1.00 37.51 ? 58  HEZ A C5  1 
HETATM 893  C C6  . HEZ F 2 .  ? 13.062  11.264  26.356  1.00 38.59 ? 58  HEZ A C6  1 
HETATM 894  O O6  . HEZ F 2 .  ? 12.343  11.148  25.122  1.00 39.28 ? 58  HEZ A O6  1 
HETATM 895  O O1  . HEZ G 2 .  ? 7.721   11.662  25.107  1.00 44.05 ? 59  HEZ A O1  1 
HETATM 896  C C1  . HEZ G 2 .  ? 8.206   12.728  24.281  1.00 46.14 ? 59  HEZ A C1  1 
HETATM 897  C C2  . HEZ G 2 .  ? 9.200   12.187  23.251  1.00 47.35 ? 59  HEZ A C2  1 
HETATM 898  C C3  . HEZ G 2 .  ? 9.706   13.275  22.303  1.00 47.99 ? 59  HEZ A C3  1 
HETATM 899  C C4  . HEZ G 2 .  ? 10.532  12.680  21.165  1.00 47.91 ? 59  HEZ A C4  1 
HETATM 900  C C5  . HEZ G 2 .  ? 10.494  13.553  19.912  1.00 47.12 ? 59  HEZ A C5  1 
HETATM 901  C C6  . HEZ G 2 .  ? 10.242  12.704  18.667  1.00 47.48 ? 59  HEZ A C6  1 
HETATM 902  O O6  . HEZ G 2 .  ? 9.649   13.483  17.620  1.00 46.32 ? 59  HEZ A O6  1 
HETATM 903  O O1  . HEZ H 2 .  ? -3.630  -9.162  -24.516 1.00 11.61 ? 55  HEZ B O1  1 
HETATM 904  C C1  . HEZ H 2 .  ? -4.876  -9.404  -25.186 1.00 11.17 ? 55  HEZ B C1  1 
HETATM 905  C C2  . HEZ H 2 .  ? -5.959  -8.798  -24.332 1.00 13.62 ? 55  HEZ B C2  1 
HETATM 906  C C3  . HEZ H 2 .  ? -7.317  -8.959  -24.974 1.00 16.03 ? 55  HEZ B C3  1 
HETATM 907  C C4  . HEZ H 2 .  ? -8.262  -8.172  -24.066 1.00 18.74 ? 55  HEZ B C4  1 
HETATM 908  C C5  . HEZ H 2 .  ? -9.702  -8.623  -24.225 1.00 24.98 ? 55  HEZ B C5  1 
HETATM 909  C C6  . HEZ H 2 .  ? -10.443 -7.825  -23.156 1.00 19.18 ? 55  HEZ B C6  1 
HETATM 910  O O6  . HEZ H 2 .  ? -10.443 -8.489  -21.871 1.00 20.45 ? 55  HEZ B O6  1 
HETATM 911  O O1  . HEZ I 2 .  ? -13.932 -13.201 -15.788 1.00 36.88 ? 56  HEZ B O1  1 
HETATM 912  C C1  . HEZ I 2 .  ? -12.555 -13.497 -16.061 1.00 34.72 ? 56  HEZ B C1  1 
HETATM 913  C C2  . HEZ I 2 .  ? -12.226 -13.331 -17.540 1.00 31.86 ? 56  HEZ B C2  1 
HETATM 914  C C3  . HEZ I 2 .  ? -11.260 -12.169 -17.731 1.00 29.47 ? 56  HEZ B C3  1 
HETATM 915  C C4  . HEZ I 2 .  ? -10.469 -12.260 -19.021 1.00 27.67 ? 56  HEZ B C4  1 
HETATM 916  C C5  . HEZ I 2 .  ? -9.411  -11.169 -19.108 1.00 30.41 ? 56  HEZ B C5  1 
HETATM 917  C C6  . HEZ I 2 .  ? -8.639  -11.281 -20.412 1.00 30.74 ? 56  HEZ B C6  1 
HETATM 918  O O6  . HEZ I 2 .  ? -7.546  -10.356 -20.392 1.00 33.92 ? 56  HEZ B O6  1 
HETATM 919  O O1  . HEZ J 2 .  ? -0.664  -23.070 -15.310 1.00 44.19 ? 57  HEZ B O1  1 
HETATM 920  C C1  . HEZ J 2 .  ? 0.155   -22.147 -16.036 1.00 43.50 ? 57  HEZ B C1  1 
HETATM 921  C C2  . HEZ J 2 .  ? 1.007   -21.318 -15.086 1.00 42.44 ? 57  HEZ B C2  1 
HETATM 922  C C3  . HEZ J 2 .  ? 2.403   -21.113 -15.675 1.00 41.54 ? 57  HEZ B C3  1 
HETATM 923  C C4  . HEZ J 2 .  ? 3.158   -20.019 -14.933 1.00 41.02 ? 57  HEZ B C4  1 
HETATM 924  C C5  . HEZ J 2 .  ? 2.859   -18.615 -15.467 1.00 41.08 ? 57  HEZ B C5  1 
HETATM 925  C C6  . HEZ J 2 .  ? 4.079   -18.118 -16.236 1.00 40.68 ? 57  HEZ B C6  1 
HETATM 926  O O6  . HEZ J 2 .  ? 4.059   -16.698 -16.415 1.00 37.27 ? 57  HEZ B O6  1 
HETATM 927  O O   . HOH K 3 .  ? 1.401   13.165  10.459  1.00 40.70 ? 60  HOH A O   1 
HETATM 928  O O   . HOH K 3 .  ? 3.435   10.057  29.627  1.00 9.94  ? 61  HOH A O   1 
HETATM 929  O O   . HOH K 3 .  ? 4.715   5.772   19.167  1.00 43.80 ? 62  HOH A O   1 
HETATM 930  O O   . HOH K 3 .  ? -4.134  17.966  34.696  1.00 16.94 ? 63  HOH A O   1 
HETATM 931  O O   . HOH K 3 .  ? 2.267   22.664  56.865  1.00 63.48 ? 64  HOH A O   1 
HETATM 932  O O   . HOH K 3 .  ? -3.489  11.412  31.406  1.00 17.23 ? 65  HOH A O   1 
HETATM 933  O O   . HOH K 3 .  ? -4.904  2.643   1.844   1.00 35.88 ? 66  HOH A O   1 
HETATM 934  O O   . HOH K 3 .  ? -7.018  -7.868  -12.463 1.00 48.12 ? 67  HOH A O   1 
HETATM 935  O O   . HOH K 3 .  ? 4.605   10.745  32.263  1.00 11.75 ? 68  HOH A O   1 
HETATM 936  O O   . HOH K 3 .  ? 11.392  27.449  27.855  1.00 21.09 ? 69  HOH A O   1 
HETATM 937  O O   . HOH K 3 .  ? 5.398   11.681  13.050  1.00 24.05 ? 70  HOH A O   1 
HETATM 938  O O   . HOH K 3 .  ? -8.926  -3.725  -20.984 1.00 41.29 ? 71  HOH A O   1 
HETATM 939  O O   . HOH K 3 .  ? 9.243   3.268   31.344  1.00 29.08 ? 72  HOH A O   1 
HETATM 940  O O   . HOH K 3 .  ? -3.897  16.315  36.790  1.00 25.26 ? 73  HOH A O   1 
HETATM 941  O O   . HOH K 3 .  ? -5.180  -6.329  -20.627 1.00 54.71 ? 74  HOH A O   1 
HETATM 942  O O   . HOH K 3 .  ? 9.019   1.683   29.464  1.00 45.82 ? 75  HOH A O   1 
HETATM 943  O O   . HOH K 3 .  ? 5.057   1.817   5.893   1.00 45.05 ? 76  HOH A O   1 
HETATM 944  O O   . HOH K 3 .  ? -7.293  9.702   6.760   1.00 43.77 ? 77  HOH A O   1 
HETATM 945  O O   . HOH K 3 .  ? -6.385  -0.194  -18.792 1.00 43.57 ? 78  HOH A O   1 
HETATM 946  O O   . HOH K 3 .  ? 4.790   17.955  16.793  1.00 22.41 ? 79  HOH A O   1 
HETATM 947  O O   . HOH K 3 .  ? 0.527   6.776   -6.864  1.00 34.29 ? 80  HOH A O   1 
HETATM 948  O O   . HOH K 3 .  ? -2.841  11.814  26.999  1.00 30.79 ? 81  HOH A O   1 
HETATM 949  O O   . HOH K 3 .  ? 1.171   -3.949  -28.576 1.00 36.89 ? 82  HOH A O   1 
HETATM 950  O O   . HOH K 3 .  ? 6.100   12.536  15.592  1.00 34.12 ? 83  HOH A O   1 
HETATM 951  O O   . HOH K 3 .  ? -2.692  -5.653  -35.167 1.00 33.22 ? 84  HOH A O   1 
HETATM 952  O O   . HOH K 3 .  ? -1.912  8.417   33.557  1.00 40.23 ? 85  HOH A O   1 
HETATM 953  O O   . HOH K 3 .  ? 4.300   16.622  45.768  1.00 31.19 ? 86  HOH A O   1 
HETATM 954  O O   . HOH K 3 .  ? -8.281  -0.989  -27.465 1.00 23.99 ? 87  HOH A O   1 
HETATM 955  O O   . HOH K 3 .  ? -5.350  11.828  7.557   1.00 35.10 ? 88  HOH A O   1 
HETATM 956  O O   . HOH K 3 .  ? -2.386  16.996  55.707  1.00 33.25 ? 89  HOH A O   1 
HETATM 957  O O   . HOH K 3 .  ? -2.674  12.838  21.015  1.00 33.40 ? 90  HOH A O   1 
HETATM 958  O O   . HOH K 3 .  ? -2.676  18.519  49.368  1.00 32.38 ? 91  HOH A O   1 
HETATM 959  O O   . HOH K 3 .  ? 6.004   8.905   19.115  1.00 31.65 ? 92  HOH A O   1 
HETATM 960  O O   . HOH K 3 .  ? 0.468   20.578  47.650  1.00 43.59 ? 93  HOH A O   1 
HETATM 961  O O   . HOH K 3 .  ? 1.556   7.809   24.012  1.00 33.51 ? 94  HOH A O   1 
HETATM 962  O O   . HOH K 3 .  ? 0.392   7.689   26.632  1.00 43.27 ? 95  HOH A O   1 
HETATM 963  O O   . HOH K 3 .  ? 4.552   -0.502  -6.948  1.00 44.58 ? 96  HOH A O   1 
HETATM 964  O O   . HOH K 3 .  ? 7.627   34.203  16.106  1.00 34.83 ? 97  HOH A O   1 
HETATM 965  O O   . HOH K 3 .  ? -2.707  14.625  22.603  1.00 41.21 ? 98  HOH A O   1 
HETATM 966  O O   . HOH K 3 .  ? -4.743  1.919   -22.040 1.00 52.55 ? 99  HOH A O   1 
HETATM 967  O O   . HOH K 3 .  ? 3.320   3.686   -12.199 1.00 39.64 ? 100 HOH A O   1 
HETATM 968  O O   . HOH K 3 .  ? 5.320   1.776   -13.092 1.00 45.03 ? 101 HOH A O   1 
HETATM 969  O O   . HOH K 3 .  ? 6.955   1.745   -11.036 1.00 49.83 ? 102 HOH A O   1 
HETATM 970  O O   . HOH K 3 .  ? 4.876   -2.798  -18.238 1.00 41.96 ? 103 HOH A O   1 
HETATM 971  O O   . HOH K 3 .  ? -1.751  8.962   -12.391 1.00 56.83 ? 104 HOH A O   1 
HETATM 972  O O   . HOH K 3 .  ? -4.980  22.470  36.236  1.00 35.64 ? 105 HOH A O   1 
HETATM 973  O O   . HOH L 3 .  ? 6.498   -14.595 -22.958 1.00 11.34 ? 58  HOH B O   1 
HETATM 974  O O   . HOH L 3 .  ? 7.747   -14.881 -20.285 1.00 15.43 ? 59  HOH B O   1 
HETATM 975  O O   . HOH L 3 .  ? 3.220   -10.487 -33.778 1.00 18.04 ? 60  HOH B O   1 
HETATM 976  O O   . HOH L 3 .  ? 2.702   -5.090  -2.213  1.00 41.25 ? 61  HOH B O   1 
HETATM 977  O O   . HOH L 3 .  ? -0.410  -8.167  -31.085 1.00 18.45 ? 62  HOH B O   1 
HETATM 978  O O   . HOH L 3 .  ? -3.937  -12.452 -40.638 1.00 44.88 ? 63  HOH B O   1 
HETATM 979  O O   . HOH L 3 .  ? 2.450   -6.979  -16.812 1.00 23.88 ? 64  HOH B O   1 
HETATM 980  O O   . HOH L 3 .  ? 6.902   -8.167  -39.597 1.00 47.87 ? 65  HOH B O   1 
HETATM 981  O O   . HOH L 3 .  ? 3.161   -18.760 -44.360 1.00 20.29 ? 66  HOH B O   1 
HETATM 982  O O   . HOH L 3 .  ? 0.462   -6.490  -28.651 1.00 18.03 ? 67  HOH B O   1 
HETATM 983  O O   . HOH L 3 .  ? 0.880   -10.210 -45.554 1.00 48.50 ? 68  HOH B O   1 
HETATM 984  O O   . HOH L 3 .  ? 3.184   -2.669  -0.397  1.00 41.38 ? 69  HOH B O   1 
HETATM 985  O O   . HOH L 3 .  ? 3.478   -15.333 -44.452 1.00 47.75 ? 70  HOH B O   1 
HETATM 986  O O   . HOH L 3 .  ? 9.827   -11.175 -23.931 1.00 24.99 ? 71  HOH B O   1 
HETATM 987  O O   . HOH L 3 .  ? -14.776 -15.598 -16.027 1.00 23.86 ? 72  HOH B O   1 
HETATM 988  O O   . HOH L 3 .  ? -7.945  -2.096  -10.614 1.00 45.39 ? 73  HOH B O   1 
HETATM 989  O O   . HOH L 3 .  ? -6.396  -11.076 -11.241 1.00 25.47 ? 74  HOH B O   1 
HETATM 990  O O   . HOH L 3 .  ? -4.811  -9.139  -12.825 1.00 25.10 ? 75  HOH B O   1 
HETATM 991  O O   . HOH L 3 .  ? 5.689   -7.235  -11.791 1.00 35.65 ? 76  HOH B O   1 
HETATM 992  O O   . HOH L 3 .  ? 3.594   -13.619 -12.351 1.00 25.67 ? 77  HOH B O   1 
HETATM 993  O O   . HOH L 3 .  ? 0.182   -17.851 -42.530 1.00 34.59 ? 78  HOH B O   1 
HETATM 994  O O   . HOH L 3 .  ? 0.584   -5.594  2.345   1.00 47.57 ? 79  HOH B O   1 
HETATM 995  O O   . HOH L 3 .  ? 5.409   -10.886 -17.981 1.00 34.23 ? 80  HOH B O   1 
HETATM 996  O O   . HOH L 3 .  ? -4.226  -17.312 -13.132 1.00 36.65 ? 81  HOH B O   1 
HETATM 997  O O   . HOH L 3 .  ? 8.530   -14.837 -44.450 1.00 28.79 ? 82  HOH B O   1 
HETATM 998  O O   . HOH L 3 .  ? -11.119 -0.141  18.961  1.00 38.64 ? 83  HOH B O   1 
HETATM 999  O O   . HOH L 3 .  ? 6.151   -10.789 -20.536 1.00 56.43 ? 84  HOH B O   1 
HETATM 1000 O O   . HOH L 3 .  ? 1.199   -12.436 -4.273  1.00 41.84 ? 85  HOH B O   1 
HETATM 1001 O O   . HOH L 3 .  ? 5.952   -8.325  -21.948 1.00 58.19 ? 86  HOH B O   1 
HETATM 1002 O O   . HOH L 3 .  ? 4.537   -15.441 -5.344  1.00 37.69 ? 87  HOH B O   1 
HETATM 1003 O O   . HOH L 3 .  ? -0.763  -10.111 -36.918 1.00 41.60 ? 88  HOH B O   1 
HETATM 1004 O O   . HOH L 3 .  ? -12.305 4.957   19.419  1.00 49.50 ? 89  HOH B O   1 
# 
loop_
_atom_site_anisotrop.id 
_atom_site_anisotrop.type_symbol 
_atom_site_anisotrop.pdbx_label_atom_id 
_atom_site_anisotrop.pdbx_label_alt_id 
_atom_site_anisotrop.pdbx_label_comp_id 
_atom_site_anisotrop.pdbx_label_asym_id 
_atom_site_anisotrop.pdbx_label_seq_id 
_atom_site_anisotrop.pdbx_PDB_ins_code 
_atom_site_anisotrop.U[1][1] 
_atom_site_anisotrop.U[2][2] 
_atom_site_anisotrop.U[3][3] 
_atom_site_anisotrop.U[1][2] 
_atom_site_anisotrop.U[1][3] 
_atom_site_anisotrop.U[2][3] 
_atom_site_anisotrop.pdbx_auth_seq_id 
_atom_site_anisotrop.pdbx_auth_comp_id 
_atom_site_anisotrop.pdbx_auth_asym_id 
_atom_site_anisotrop.pdbx_auth_atom_id 
1   N N   . GLU A 1  ? 0.5165  0.3401 0.1094 -0.1048 -0.0229 -0.0811 1  GLU A N   
2   C CA  . GLU A 1  ? 0.4469  0.2895 0.0839 -0.0752 -0.0296 -0.0798 1  GLU A CA  
3   C C   . GLU A 1  ? 0.4012  0.2545 0.0659 -0.0598 -0.0321 -0.0771 1  GLU A C   
4   O O   . GLU A 1  ? 0.4143  0.2612 0.0696 -0.0675 -0.0299 -0.0748 1  GLU A O   
5   C CB  . GLU A 1  ? 0.4309  0.3130 0.0900 -0.0720 -0.0256 -0.0915 1  GLU A CB  
6   C CG  . GLU A 1  ? 0.4827  0.3474 0.1276 -0.0731 -0.0286 -0.0895 1  GLU A CG  
7   C CD  . GLU A 1  ? 0.4214  0.2654 0.0782 -0.0518 -0.0387 -0.0811 1  GLU A CD  
8   O OE1 . GLU A 1  ? 0.4216  0.2722 0.1009 -0.0383 -0.0415 -0.0789 1  GLU A OE1 
9   O OE2 . GLU A 1  ? 0.4327  0.2566 0.0741 -0.0510 -0.0433 -0.0784 1  GLU A OE2 
10  N N   . TRP A 2  ? 0.3352  0.2012 0.0289 -0.0404 -0.0362 -0.0776 2  TRP A N   
11  C CA  . TRP A 2  ? 0.3087  0.1775 0.0216 -0.0281 -0.0389 -0.0747 2  TRP A CA  
12  C C   . TRP A 2  ? 0.3091  0.2024 0.0313 -0.0305 -0.0337 -0.0811 2  TRP A C   
13  O O   . TRP A 2  ? 0.2903  0.1805 0.0216 -0.0238 -0.0355 -0.0774 2  TRP A O   
14  C CB  . TRP A 2  ? 0.3003  0.1707 0.0293 -0.0135 -0.0433 -0.0759 2  TRP A CB  
15  C CG  . TRP A 2  ? 0.2985  0.1516 0.0231 -0.0113 -0.0483 -0.0711 2  TRP A CG  
16  C CD1 . TRP A 2  ? 0.3278  0.1792 0.0492 -0.0106 -0.0497 -0.0734 2  TRP A CD1 
17  C CD2 . TRP A 2  ? 0.2814  0.1236 0.0058 -0.0079 -0.0532 -0.0667 2  TRP A CD2 
18  N NE1 . TRP A 2  ? 0.3249  0.1669 0.0440 -0.0076 -0.0550 -0.0713 2  TRP A NE1 
19  C CE2 . TRP A 2  ? 0.2805  0.1202 0.0024 -0.0049 -0.0577 -0.0688 2  TRP A CE2 
20  C CE3 . TRP A 2  ? 0.3391  0.1786 0.0660 -0.0060 -0.0548 -0.0636 2  TRP A CE3 
21  C CZ2 . TRP A 2  ? 0.3182  0.1593 0.0408 0.0014  -0.0644 -0.0710 2  TRP A CZ2 
22  C CZ3 . TRP A 2  ? 0.3300  0.1681 0.0573 0.0006  -0.0617 -0.0649 2  TRP A CZ3 
23  C CH2 . TRP A 2  ? 0.2975  0.1397 0.0232 0.0047  -0.0665 -0.0701 2  TRP A CH2 
24  N N   . ASP A 3  ? 0.3388  0.2624 0.0589 -0.0405 -0.0273 -0.0933 3  ASP A N   
25  C CA  . ASP A 3  ? 0.3461  0.3014 0.0745 -0.0440 -0.0223 -0.1030 3  ASP A CA  
26  C C   . ASP A 3  ? 0.3643  0.2995 0.0765 -0.0597 -0.0189 -0.0944 3  ASP A C   
27  O O   . ASP A 3  ? 0.3585  0.3084 0.0821 -0.0561 -0.0177 -0.0969 3  ASP A O   
28  C CB  . ASP A 3  ? 0.3753  0.3798 0.1041 -0.0557 -0.0148 -0.1233 3  ASP A CB  
29  C CG  . ASP A 3  ? 0.4493  0.4830 0.1967 -0.0317 -0.0207 -0.1376 3  ASP A CG  
30  O OD1 . ASP A 3  ? 0.5327  0.5427 0.2874 -0.0074 -0.0305 -0.1314 3  ASP A OD1 
31  O OD2 . ASP A 3  ? 0.5432  0.6226 0.2924 -0.0384 -0.0160 -0.1571 3  ASP A OD2 
32  N N   . ARG A 4  ? 0.4074  0.3050 0.0877 -0.0754 -0.0188 -0.0851 4  ARG A N   
33  C CA  . ARG A 4  ? 0.4389  0.3017 0.0922 -0.0866 -0.0194 -0.0759 4  ARG A CA  
34  C C   . ARG A 4  ? 0.4035  0.2568 0.0782 -0.0651 -0.0269 -0.0675 4  ARG A C   
35  O O   . ARG A 4  ? 0.3972  0.2559 0.0756 -0.0676 -0.0246 -0.0671 4  ARG A O   
36  C CB  . ARG A 4  ? 0.4802  0.2882 0.0863 -0.0965 -0.0246 -0.0672 4  ARG A CB  
37  C CG  . ARG A 4  ? 0.5416  0.3013 0.1113 -0.1004 -0.0303 -0.0580 4  ARG A CG  
38  C CD  . ARG A 4  ? 0.6307  0.3257 0.1453 -0.1004 -0.0414 -0.0509 4  ARG A CD  
39  N NE  . ARG A 4  ? 0.7063  0.3992 0.2423 -0.0700 -0.0541 -0.0483 4  ARG A NE  
40  C CZ  . ARG A 4  ? 0.7619  0.4168 0.2648 -0.0619 -0.0651 -0.0468 4  ARG A CZ  
41  N NH1 . ARG A 4  ? 0.8450  0.4497 0.2845 -0.0820 -0.0658 -0.0454 4  ARG A NH1 
42  N NH2 . ARG A 4  ? 0.7839  0.4515 0.3133 -0.0353 -0.0753 -0.0484 4  ARG A NH2 
43  N N   . GLU A 5  ? 0.3805  0.2237 0.0690 -0.0464 -0.0350 -0.0627 5  GLU A N   
44  C CA  . GLU A 5  ? 0.3617  0.2013 0.0689 -0.0305 -0.0408 -0.0577 5  GLU A CA  
45  C C   . GLU A 5  ? 0.3284  0.1947 0.0610 -0.0247 -0.0371 -0.0620 5  GLU A C   
46  O O   . GLU A 5  ? 0.3251  0.1892 0.0635 -0.0218 -0.0378 -0.0587 5  GLU A O   
47  C CB  . GLU A 5  ? 0.3710  0.2074 0.0892 -0.0178 -0.0471 -0.0568 5  GLU A CB  
48  C CG  . GLU A 5  ? 0.4386  0.2509 0.1378 -0.0124 -0.0561 -0.0541 5  GLU A CG  
49  C CD  . GLU A 5  ? 0.4932  0.2851 0.1628 -0.0196 -0.0575 -0.0542 5  GLU A CD  
50  O OE1 . GLU A 5  ? 0.5183  0.3198 0.1840 -0.0330 -0.0494 -0.0571 5  GLU A OE1 
51  O OE2 . GLU A 5  ? 0.5362  0.3040 0.1842 -0.0105 -0.0678 -0.0539 5  GLU A OE2 
52  N N   . ILE A 6  ? 0.2990  0.1880 0.0429 -0.0201 -0.0350 -0.0706 6  ILE A N   
53  C CA  . ILE A 6  ? 0.2955  0.2029 0.0548 -0.0085 -0.0355 -0.0772 6  ILE A CA  
54  C C   . ILE A 6  ? 0.2981  0.2252 0.0586 -0.0165 -0.0302 -0.0815 6  ILE A C   
55  O O   . ILE A 6  ? 0.3145  0.2420 0.0836 -0.0088 -0.0318 -0.0801 6  ILE A O   
56  C CB  . ILE A 6  ? 0.2904  0.2163 0.0534 0.0030  -0.0378 -0.0895 6  ILE A CB  
57  C CG1 . ILE A 6  ? 0.2871  0.1870 0.0453 0.0101  -0.0432 -0.0843 6  ILE A CG1 
58  C CG2 . ILE A 6  ? 0.3163  0.2601 0.0861 0.0199  -0.0416 -0.1006 6  ILE A CG2 
59  C CD1 . ILE A 6  ? 0.3046  0.2147 0.0593 0.0203  -0.0464 -0.0955 6  ILE A CD1 
60  N N   . ASN A 7  ? 0.3218  0.2632 0.0694 -0.0358 -0.0230 -0.0872 7  ASN A N   
61  C CA  . ASN A 7  ? 0.3491  0.3130 0.0930 -0.0506 -0.0157 -0.0940 7  ASN A CA  
62  C C   . ASN A 7  ? 0.3578  0.2873 0.0902 -0.0557 -0.0171 -0.0799 7  ASN A C   
63  O O   . ASN A 7  ? 0.3535  0.2956 0.0943 -0.0551 -0.0151 -0.0818 7  ASN A O   
64  C CB  . ASN A 7  ? 0.3855  0.3675 0.1077 -0.0788 -0.0058 -0.1042 7  ASN A CB  
65  C CG  . ASN A 7  ? 0.3978  0.4324 0.1360 -0.0738 -0.0035 -0.1248 7  ASN A CG  
66  O OD1 . ASN A 7  ? 0.4582  0.5193 0.2210 -0.0472 -0.0099 -0.1347 7  ASN A OD1 
67  N ND2 . ASN A 7  ? 0.4699  0.5172 0.1890 -0.0981 0.0044  -0.1330 7  ASN A ND2 
68  N N   . ASN A 8  ? 0.3755  0.2625 0.0871 -0.0582 -0.0219 -0.0677 8  ASN A N   
69  C CA  . ASN A 8  ? 0.4157  0.2679 0.1125 -0.0571 -0.0269 -0.0567 8  ASN A CA  
70  C C   . ASN A 8  ? 0.3960  0.2554 0.1222 -0.0376 -0.0316 -0.0531 8  ASN A C   
71  O O   . ASN A 8  ? 0.4062  0.2610 0.1319 -0.0384 -0.0314 -0.0500 8  ASN A O   
72  C CB  . ASN A 8  ? 0.4473  0.2570 0.1157 -0.0544 -0.0354 -0.0493 8  ASN A CB  
73  C CG  . ASN A 8  ? 0.5081  0.2881 0.1280 -0.0777 -0.0324 -0.0498 8  ASN A CG  
74  O OD1 . ASN A 8  ? 0.5834  0.3256 0.1727 -0.0750 -0.0404 -0.0458 8  ASN A OD1 
75  N ND2 . ASN A 8  ? 0.5239  0.3203 0.1317 -0.1024 -0.0211 -0.0563 8  ASN A ND2 
76  N N   . TYR A 9  ? 0.4027  0.2695 0.1486 -0.0233 -0.0353 -0.0540 9  TYR A N   
77  C CA  . TYR A 9  ? 0.3944  0.2620 0.1587 -0.0107 -0.0388 -0.0515 9  TYR A CA  
78  C C   . TYR A 9  ? 0.3819  0.2683 0.1574 -0.0072 -0.0357 -0.0566 9  TYR A C   
79  O O   . TYR A 9  ? 0.3671  0.2498 0.1493 -0.0032 -0.0369 -0.0531 9  TYR A O   
80  C CB  . TYR A 9  ? 0.4143  0.2785 0.1845 -0.0033 -0.0423 -0.0526 9  TYR A CB  
81  C CG  . TYR A 9  ? 0.4309  0.2888 0.2083 0.0010  -0.0451 -0.0508 9  TYR A CG  
82  C CD1 . TYR A 9  ? 0.4905  0.3483 0.2731 0.0008  -0.0456 -0.0479 9  TYR A CD1 
83  C CD2 . TYR A 9  ? 0.5114  0.3628 0.2858 0.0013  -0.0465 -0.0532 9  TYR A CD2 
84  C CE1 . TYR A 9  ? 0.5004  0.3564 0.2864 -0.0009 -0.0464 -0.0487 9  TYR A CE1 
85  C CE2 . TYR A 9  ? 0.5202  0.3652 0.2930 -0.0032 -0.0470 -0.0537 9  TYR A CE2 
86  C CZ  . TYR A 9  ? 0.4965  0.3460 0.2757 -0.0052 -0.0464 -0.0520 9  TYR A CZ  
87  O OH  . TYR A 9  ? 0.5507  0.3976 0.3255 -0.0149 -0.0451 -0.0548 9  TYR A OH  
88  N N   . THR A 10 ? 0.3733  0.2840 0.1505 -0.0076 -0.0324 -0.0672 10 THR A N   
89  C CA  . THR A 10 ? 0.3769  0.3145 0.1639 0.0002  -0.0315 -0.0777 10 THR A CA  
90  C C   . THR A 10 ? 0.3827  0.3273 0.1683 -0.0124 -0.0261 -0.0758 10 THR A C   
91  O O   . THR A 10 ? 0.3640  0.3130 0.1585 -0.0042 -0.0276 -0.0761 10 THR A O   
92  C CB  . THR A 10 ? 0.3793  0.3549 0.1690 0.0038  -0.0300 -0.0959 10 THR A CB  
93  O OG1 . THR A 10 ? 0.3961  0.3588 0.1829 0.0179  -0.0367 -0.0975 10 THR A OG1 
94  C CG2 . THR A 10 ? 0.3938  0.4046 0.1936 0.0176  -0.0319 -0.1118 10 THR A CG2 
95  N N   . SER A 11 ? 0.3955  0.3349 0.1637 -0.0335 -0.0203 -0.0736 11 SER A N   
96  C CA  . SER A 11 ? 0.4208  0.3572 0.1769 -0.0495 -0.0152 -0.0715 11 SER A CA  
97  C C   . SER A 11 ? 0.4219  0.3257 0.1779 -0.0411 -0.0211 -0.0578 11 SER A C   
98  O O   . SER A 11 ? 0.4100  0.3188 0.1700 -0.0425 -0.0194 -0.0572 11 SER A O   
99  C CB  . SER A 11 ? 0.4657  0.3862 0.1862 -0.0772 -0.0090 -0.0714 11 SER A CB  
100 O OG  . SER A 11 ? 0.5127  0.4667 0.2326 -0.0883 -0.0025 -0.0856 11 SER A OG  
101 N N   . LEU A 12 ? 0.4246  0.3014 0.1775 -0.0321 -0.0283 -0.0493 12 LEU A N   
102 C CA  . LEU A 12 ? 0.4246  0.2821 0.1802 -0.0229 -0.0346 -0.0413 12 LEU A CA  
103 C C   . LEU A 12 ? 0.3995  0.2727 0.1797 -0.0122 -0.0346 -0.0422 12 LEU A C   
104 O O   . LEU A 12 ? 0.4015  0.2712 0.1850 -0.0110 -0.0353 -0.0387 12 LEU A O   
105 C CB  . LEU A 12 ? 0.4364  0.2762 0.1868 -0.0145 -0.0424 -0.0382 12 LEU A CB  
106 C CG  . LEU A 12 ? 0.4404  0.2748 0.1977 -0.0034 -0.0495 -0.0362 12 LEU A CG  
107 C CD1 . LEU A 12 ? 0.4596  0.2738 0.1970 -0.0042 -0.0532 -0.0327 12 LEU A CD1 
108 C CD2 . LEU A 12 ? 0.4524  0.2829 0.2060 0.0048  -0.0571 -0.0392 12 LEU A CD2 
109 N N   . ILE A 13 ? 0.3775  0.2614 0.1686 -0.0042 -0.0350 -0.0471 13 ILE A N   
110 C CA  . ILE A 13 ? 0.3677  0.2533 0.1682 0.0059  -0.0370 -0.0484 13 ILE A CA  
111 C C   . ILE A 13 ? 0.3746  0.2784 0.1799 0.0061  -0.0338 -0.0530 13 ILE A C   
112 O O   . ILE A 13 ? 0.3637  0.2625 0.1737 0.0092  -0.0348 -0.0495 13 ILE A O   
113 C CB  . ILE A 13 ? 0.3786  0.2584 0.1747 0.0162  -0.0408 -0.0539 13 ILE A CB  
114 C CG1 . ILE A 13 ? 0.3709  0.2330 0.1616 0.0119  -0.0426 -0.0494 13 ILE A CG1 
115 C CG2 . ILE A 13 ? 0.3802  0.2480 0.1709 0.0274  -0.0451 -0.0560 13 ILE A CG2 
116 C CD1 . ILE A 13 ? 0.3931  0.2439 0.1720 0.0180  -0.0461 -0.0544 13 ILE A CD1 
117 N N   . HIS A 14 ? 0.3738  0.3034 0.1781 0.0004  -0.0293 -0.0625 14 HIS A N   
118 C CA  . HIS A 14 ? 0.3882  0.3448 0.1976 -0.0033 -0.0249 -0.0705 14 HIS A CA  
119 C C   . HIS A 14 ? 0.3919  0.3326 0.1950 -0.0162 -0.0218 -0.0604 14 HIS A C   
120 O O   . HIS A 14 ? 0.3990  0.3484 0.2098 -0.0130 -0.0212 -0.0614 14 HIS A O   
121 C CB  . HIS A 14 ? 0.3874  0.3837 0.1947 -0.0146 -0.0182 -0.0865 14 HIS A CB  
122 C CG  . HIS A 14 ? 0.4071  0.4334 0.2239 0.0052  -0.0233 -0.1034 14 HIS A CG  
123 N ND1 . HIS A 14 ? 0.4339  0.4782 0.2589 0.0282  -0.0302 -0.1151 14 HIS A ND1 
124 C CD2 . HIS A 14 ? 0.4139  0.4528 0.2287 0.0086  -0.0245 -0.1123 14 HIS A CD2 
125 C CE1 . HIS A 14 ? 0.4424  0.5072 0.2673 0.0475  -0.0372 -0.1316 14 HIS A CE1 
126 N NE2 . HIS A 14 ? 0.4352  0.4993 0.2561 0.0352  -0.0331 -0.1300 14 HIS A NE2 
127 N N   . SER A 15 ? 0.4060  0.3200 0.1907 -0.0284 -0.0216 -0.0518 15 SER A N   
128 C CA  . SER A 15 ? 0.4221  0.3105 0.1907 -0.0363 -0.0223 -0.0431 15 SER A CA  
129 C C   . SER A 15 ? 0.3999  0.2801 0.1846 -0.0213 -0.0281 -0.0366 15 SER A C   
130 O O   . SER A 15 ? 0.3924  0.2706 0.1774 -0.0230 -0.0274 -0.0341 15 SER A O   
131 C CB  . SER A 15 ? 0.4421  0.2937 0.1792 -0.0438 -0.0263 -0.0370 15 SER A CB  
132 O OG  . SER A 15 ? 0.4927  0.3428 0.2025 -0.0661 -0.0193 -0.0422 15 SER A OG  
133 N N   . LEU A 16 ? 0.3860  0.2625 0.1818 -0.0098 -0.0330 -0.0351 16 LEU A N   
134 C CA  . LEU A 16 ? 0.3738  0.2468 0.1818 -0.0015 -0.0366 -0.0319 16 LEU A CA  
135 C C   . LEU A 16 ? 0.3700  0.2536 0.1887 0.0031  -0.0346 -0.0342 16 LEU A C   
136 O O   . LEU A 16 ? 0.3702  0.2515 0.1938 0.0041  -0.0351 -0.0309 16 LEU A O   
137 C CB  . LEU A 16 ? 0.3755  0.2445 0.1864 0.0025  -0.0402 -0.0328 16 LEU A CB  
138 C CG  . LEU A 16 ? 0.3749  0.2365 0.1765 0.0032  -0.0452 -0.0328 16 LEU A CG  
139 C CD1 . LEU A 16 ? 0.3881  0.2542 0.1942 0.0040  -0.0465 -0.0366 16 LEU A CD1 
140 C CD2 . LEU A 16 ? 0.3930  0.2515 0.1923 0.0087  -0.0513 -0.0328 16 LEU A CD2 
141 N N   . ILE A 17 ? 0.3699  0.2645 0.1898 0.0087  -0.0340 -0.0413 17 ILE A N   
142 C CA  . ILE A 17 ? 0.3648  0.2669 0.1879 0.0190  -0.0354 -0.0468 17 ILE A CA  
143 C C   . ILE A 17 ? 0.3707  0.2907 0.2003 0.0130  -0.0309 -0.0478 17 ILE A C   
144 O O   . ILE A 17 ? 0.3507  0.2679 0.1843 0.0180  -0.0322 -0.0461 17 ILE A O   
145 C CB  . ILE A 17 ? 0.3758  0.2920 0.1952 0.0322  -0.0387 -0.0597 17 ILE A CB  
146 C CG1 . ILE A 17 ? 0.3785  0.2648 0.1831 0.0397  -0.0451 -0.0580 17 ILE A CG1 
147 C CG2 . ILE A 17 ? 0.3691  0.3029 0.1906 0.0470  -0.0422 -0.0706 17 ILE A CG2 
148 C CD1 . ILE A 17 ? 0.4162  0.3106 0.2124 0.0536  -0.0502 -0.0704 17 ILE A CD1 
149 N N   . GLU A 18 ? 0.3730  0.3074 0.1983 -0.0005 -0.0252 -0.0509 18 GLU A N   
150 C CA  . GLU A 18 ? 0.3894  0.3368 0.2128 -0.0125 -0.0196 -0.0525 18 GLU A CA  
151 C C   . GLU A 18 ? 0.3856  0.3051 0.2036 -0.0157 -0.0215 -0.0400 18 GLU A C   
152 O O   . GLU A 18 ? 0.3844  0.3102 0.2070 -0.0165 -0.0197 -0.0398 18 GLU A O   
153 C CB  . GLU A 18 ? 0.4163  0.3780 0.2240 -0.0338 -0.0118 -0.0595 18 GLU A CB  
154 C CG  . GLU A 18 ? 0.4635  0.4718 0.2808 -0.0315 -0.0086 -0.0786 18 GLU A CG  
155 C CD  . GLU A 18 ? 0.5450  0.5603 0.3448 -0.0525 -0.0021 -0.0842 18 GLU A CD  
156 O OE1 . GLU A 18 ? 0.6002  0.5866 0.3720 -0.0759 0.0025  -0.0761 18 GLU A OE1 
157 O OE2 . GLU A 18 ? 0.5663  0.6114 0.3749 -0.0450 -0.0027 -0.0974 18 GLU A OE2 
158 N N   . GLU A 19 ? 0.3865  0.2794 0.1952 -0.0151 -0.0261 -0.0320 19 GLU A N   
159 C CA  . GLU A 19 ? 0.3949  0.2680 0.1989 -0.0126 -0.0307 -0.0247 19 GLU A CA  
160 C C   . GLU A 19 ? 0.3680  0.2500 0.1926 -0.0027 -0.0321 -0.0239 19 GLU A C   
161 O O   . GLU A 19 ? 0.3670  0.2471 0.1939 -0.0025 -0.0324 -0.0211 19 GLU A O   
162 C CB  . GLU A 19 ? 0.4150  0.2677 0.2068 -0.0078 -0.0381 -0.0221 19 GLU A CB  
163 C CG  . GLU A 19 ? 0.4528  0.2937 0.2414 0.0015  -0.0462 -0.0202 19 GLU A CG  
164 C CD  . GLU A 19 ? 0.5522  0.3678 0.3136 -0.0025 -0.0489 -0.0170 19 GLU A CD  
165 O OE1 . GLU A 19 ? 0.6062  0.4040 0.3402 -0.0172 -0.0448 -0.0158 19 GLU A OE1 
166 O OE2 . GLU A 19 ? 0.5815  0.3936 0.3444 0.0071  -0.0550 -0.0170 19 GLU A OE2 
167 N N   . SER A 20 ? 0.3564  0.2425 0.1895 0.0036  -0.0331 -0.0264 20 SER A N   
168 C CA  . SER A 20 ? 0.3590  0.2420 0.1985 0.0085  -0.0344 -0.0257 20 SER A CA  
169 C C   . SER A 20 ? 0.3604  0.2526 0.2037 0.0126  -0.0326 -0.0282 20 SER A C   
170 O O   . SER A 20 ? 0.3600  0.2492 0.2070 0.0132  -0.0329 -0.0253 20 SER A O   
171 C CB  . SER A 20 ? 0.3729  0.2448 0.2053 0.0111  -0.0366 -0.0282 20 SER A CB  
172 O OG  . SER A 20 ? 0.4088  0.2665 0.2344 0.0102  -0.0377 -0.0274 20 SER A OG  
173 N N   . GLN A 21 ? 0.3605  0.2698 0.2036 0.0155  -0.0311 -0.0360 21 GLN A N   
174 C CA  . GLN A 21 ? 0.3743  0.3038 0.2224 0.0215  -0.0301 -0.0436 21 GLN A CA  
175 C C   . GLN A 21 ? 0.3709  0.3068 0.2225 0.0097  -0.0250 -0.0394 21 GLN A C   
176 O O   . GLN A 21 ? 0.3543  0.2938 0.2114 0.0140  -0.0254 -0.0394 21 GLN A O   
177 C CB  . GLN A 21 ? 0.3741  0.3348 0.2233 0.0263  -0.0292 -0.0587 21 GLN A CB  
178 C CG  . GLN A 21 ? 0.3967  0.3473 0.2373 0.0447  -0.0375 -0.0653 21 GLN A CG  
179 C CD  . GLN A 21 ? 0.4109  0.3999 0.2542 0.0522  -0.0380 -0.0838 21 GLN A CD  
180 O OE1 . GLN A 21 ? 0.4738  0.4624 0.3078 0.0753  -0.0478 -0.0956 21 GLN A OE1 
181 N NE2 . GLN A 21 ? 0.4470  0.4661 0.2967 0.0322  -0.0283 -0.0880 21 GLN A NE2 
182 N N   . ASN A 22 ? 0.3777  0.3080 0.2195 -0.0051 -0.0214 -0.0358 22 ASN A N   
183 C CA  . ASN A 22 ? 0.3946  0.3164 0.2275 -0.0165 -0.0187 -0.0309 22 ASN A CA  
184 C C   . ASN A 22 ? 0.3952  0.2993 0.2335 -0.0088 -0.0236 -0.0225 22 ASN A C   
185 O O   . ASN A 22 ? 0.3847  0.2898 0.2234 -0.0118 -0.0221 -0.0208 22 ASN A O   
186 C CB  . ASN A 22 ? 0.4250  0.3265 0.2302 -0.0329 -0.0169 -0.0284 22 ASN A CB  
187 C CG  . ASN A 22 ? 0.4526  0.3780 0.2486 -0.0493 -0.0087 -0.0394 22 ASN A CG  
188 O OD1 . ASN A 22 ? 0.5109  0.4759 0.3219 -0.0499 -0.0036 -0.0513 22 ASN A OD1 
189 N ND2 . ASN A 22 ? 0.5061  0.4108 0.2756 -0.0624 -0.0078 -0.0380 22 ASN A ND2 
190 N N   . GLN A 23 ? 0.3913  0.2842 0.2335 -0.0012 -0.0288 -0.0191 23 GLN A N   
191 C CA  . GLN A 23 ? 0.3990  0.2864 0.2482 0.0037  -0.0325 -0.0157 23 GLN A CA  
192 C C   . GLN A 23 ? 0.3804  0.2747 0.2401 0.0073  -0.0308 -0.0164 23 GLN A C   
193 O O   . GLN A 23 ? 0.3796  0.2743 0.2440 0.0074  -0.0311 -0.0140 23 GLN A O   
194 C CB  . GLN A 23 ? 0.3969  0.2818 0.2477 0.0066  -0.0368 -0.0171 23 GLN A CB  
195 C CG  . GLN A 23 ? 0.4133  0.2884 0.2510 0.0093  -0.0428 -0.0178 23 GLN A CG  
196 C CD  . GLN A 23 ? 0.4489  0.3321 0.2908 0.0130  -0.0469 -0.0232 23 GLN A CD  
197 O OE1 . GLN A 23 ? 0.5127  0.4061 0.3645 0.0085  -0.0436 -0.0256 23 GLN A OE1 
198 N NE2 . GLN A 23 ? 0.5281  0.4034 0.3566 0.0204  -0.0548 -0.0264 23 GLN A NE2 
199 N N   . GLN A 24 ? 0.3740  0.2701 0.2327 0.0123  -0.0307 -0.0206 24 GLN A N   
200 C CA  . GLN A 24 ? 0.3848  0.2768 0.2421 0.0197  -0.0323 -0.0225 24 GLN A CA  
201 C C   . GLN A 24 ? 0.3790  0.2885 0.2439 0.0212  -0.0298 -0.0250 24 GLN A C   
202 O O   . GLN A 24 ? 0.3813  0.2863 0.2482 0.0234  -0.0304 -0.0227 24 GLN A O   
203 C CB  . GLN A 24 ? 0.4038  0.2872 0.2482 0.0307  -0.0366 -0.0292 24 GLN A CB  
204 C CG  . GLN A 24 ? 0.4464  0.3039 0.2725 0.0394  -0.0423 -0.0302 24 GLN A CG  
205 C CD  . GLN A 24 ? 0.5198  0.3571 0.3214 0.0553  -0.0506 -0.0381 24 GLN A CD  
206 O OE1 . GLN A 24 ? 0.5183  0.3546 0.3163 0.0549  -0.0512 -0.0401 24 GLN A OE1 
207 N NE2 . GLN A 24 ? 0.5732  0.3912 0.3538 0.0720  -0.0591 -0.0438 24 GLN A NE2 
208 N N   . GLU A 25 ? 0.3711  0.3019 0.2380 0.0170  -0.0260 -0.0308 25 GLU A N   
209 C CA  . GLU A 25 ? 0.3784  0.3329 0.2502 0.0125  -0.0214 -0.0364 25 GLU A CA  
210 C C   . GLU A 25 ? 0.3708  0.3131 0.2412 0.0025  -0.0193 -0.0273 25 GLU A C   
211 O O   . GLU A 25 ? 0.3583  0.3104 0.2346 0.0034  -0.0178 -0.0286 25 GLU A O   
212 C CB  . GLU A 25 ? 0.3890  0.3720 0.2576 0.0014  -0.0155 -0.0472 25 GLU A CB  
213 C CG  . GLU A 25 ? 0.4277  0.4365 0.3006 0.0159  -0.0188 -0.0624 25 GLU A CG  
214 C CD  . GLU A 25 ? 0.4879  0.5201 0.3558 0.0019  -0.0128 -0.0717 25 GLU A CD  
215 O OE1 . GLU A 25 ? 0.5158  0.5433 0.3714 -0.0227 -0.0048 -0.0676 25 GLU A OE1 
216 O OE2 . GLU A 25 ? 0.5263  0.5772 0.3970 0.0152  -0.0167 -0.0839 25 GLU A OE2 
217 N N   . LYS A 26 ? 0.3700  0.2903 0.2305 -0.0038 -0.0208 -0.0194 26 LYS A N   
218 C CA  . LYS A 26 ? 0.3850  0.2890 0.2384 -0.0076 -0.0225 -0.0129 26 LYS A CA  
219 C C   . LYS A 26 ? 0.3709  0.2755 0.2390 0.0016  -0.0255 -0.0101 26 LYS A C   
220 O O   . LYS A 26 ? 0.3687  0.2739 0.2389 0.0006  -0.0248 -0.0082 26 LYS A O   
221 C CB  . LYS A 26 ? 0.4119  0.2908 0.2467 -0.0083 -0.0282 -0.0091 26 LYS A CB  
222 C CG  . LYS A 26 ? 0.4554  0.3130 0.2741 -0.0071 -0.0334 -0.0054 26 LYS A CG  
223 C CD  . LYS A 26 ? 0.5240  0.3539 0.3183 0.0000  -0.0436 -0.0051 26 LYS A CD  
224 C CE  . LYS A 26 ? 0.5741  0.3724 0.3387 0.0042  -0.0519 -0.0033 26 LYS A CE  
225 N NZ  . LYS A 26 ? 0.6497  0.4118 0.3777 0.0153  -0.0654 -0.0055 26 LYS A NZ  
226 N N   . LEU A 27 ? 0.3621  0.2650 0.2364 0.0072  -0.0281 -0.0105 27 LEU A N   
227 C CA  . LEU A 27 ? 0.3610  0.2622 0.2419 0.0095  -0.0293 -0.0095 27 LEU A CA  
228 C C   . LEU A 27 ? 0.3572  0.2615 0.2403 0.0135  -0.0277 -0.0106 27 LEU A C   
229 O O   . LEU A 27 ? 0.3423  0.2468 0.2297 0.0129  -0.0275 -0.0084 27 LEU A O   
230 C CB  . LEU A 27 ? 0.3677  0.2610 0.2437 0.0078  -0.0306 -0.0114 27 LEU A CB  
231 C CG  . LEU A 27 ? 0.3866  0.2854 0.2639 0.0039  -0.0326 -0.0139 27 LEU A CG  
232 C CD1 . LEU A 27 ? 0.4185  0.3082 0.2857 -0.0020 -0.0318 -0.0166 27 LEU A CD1 
233 C CD2 . LEU A 27 ? 0.3976  0.3102 0.2830 0.0019  -0.0341 -0.0171 27 LEU A CD2 
234 N N   . GLU A 28 ? 0.3590  0.2694 0.2386 0.0199  -0.0278 -0.0163 28 GLU A N   
235 C CA  . GLU A 28 ? 0.3643  0.2826 0.2443 0.0295  -0.0290 -0.0217 28 GLU A CA  
236 C C   . GLU A 28 ? 0.3446  0.2825 0.2349 0.0234  -0.0243 -0.0219 28 GLU A C   
237 O O   . GLU A 28 ? 0.3301  0.2693 0.2236 0.0278  -0.0252 -0.0219 28 GLU A O   
238 C CB  . GLU A 28 ? 0.3902  0.3201 0.2645 0.0426  -0.0327 -0.0335 28 GLU A CB  
239 C CG  . GLU A 28 ? 0.4554  0.3527 0.3083 0.0527  -0.0402 -0.0338 28 GLU A CG  
240 C CD  . GLU A 28 ? 0.5310  0.4386 0.3773 0.0652  -0.0447 -0.0452 28 GLU A CD  
241 O OE1 . GLU A 28 ? 0.5199  0.4678 0.3814 0.0645  -0.0407 -0.0549 28 GLU A OE1 
242 O OE2 . GLU A 28 ? 0.5910  0.4653 0.4130 0.0739  -0.0521 -0.0458 28 GLU A OE2 
243 N N   . GLN A 29 ? 0.3234  0.2710 0.2127 0.0113  -0.0196 -0.0220 29 GLN A N   
244 C CA  . GLN A 29 ? 0.3369  0.2942 0.2248 0.0003  -0.0145 -0.0222 29 GLN A CA  
245 C C   . GLN A 29 ? 0.3234  0.2599 0.2113 -0.0002 -0.0171 -0.0122 29 GLN A C   
246 O O   . GLN A 29 ? 0.3188  0.2609 0.2098 -0.0020 -0.0152 -0.0119 29 GLN A O   
247 C CB  . GLN A 29 ? 0.3483  0.3067 0.2198 -0.0176 -0.0093 -0.0245 29 GLN A CB  
248 C CG  . GLN A 29 ? 0.3803  0.3730 0.2540 -0.0213 -0.0046 -0.0390 29 GLN A CG  
249 C CD  . GLN A 29 ? 0.4273  0.4136 0.2777 -0.0433 0.0011  -0.0405 29 GLN A CD  
250 O OE1 . GLN A 29 ? 0.5332  0.4814 0.3585 -0.0552 0.0003  -0.0303 29 GLN A OE1 
251 N NE2 . GLN A 29 ? 0.4904  0.5114 0.3441 -0.0477 0.0053  -0.0549 29 GLN A NE2 
252 N N   . GLU A 30 ? 0.3074  0.2259 0.1925 0.0025  -0.0217 -0.0068 30 GLU A N   
253 C CA  . GLU A 30 ? 0.3076  0.2167 0.1948 0.0051  -0.0256 -0.0024 30 GLU A CA  
254 C C   . GLU A 30 ? 0.3047  0.2208 0.2045 0.0091  -0.0250 -0.0023 30 GLU A C   
255 O O   . GLU A 30 ? 0.2916  0.2092 0.1951 0.0089  -0.0250 -0.0004 30 GLU A O   
256 C CB  . GLU A 30 ? 0.3079  0.2100 0.1923 0.0089  -0.0314 -0.0029 30 GLU A CB  
257 C CG  . GLU A 30 ? 0.3481  0.2325 0.2111 0.0081  -0.0354 -0.0026 30 GLU A CG  
258 C CD  . GLU A 30 ? 0.3729  0.2565 0.2342 0.0158  -0.0425 -0.0064 30 GLU A CD  
259 O OE1 . GLU A 30 ? 0.3793  0.2792 0.2564 0.0158  -0.0409 -0.0095 30 GLU A OE1 
260 O OE2 . GLU A 30 ? 0.4286  0.2922 0.2674 0.0214  -0.0504 -0.0075 30 GLU A OE2 
261 N N   . LEU A 31 ? 0.2984  0.2125 0.1983 0.0124  -0.0252 -0.0043 31 LEU A N   
262 C CA  . LEU A 31 ? 0.3184  0.2254 0.2165 0.0149  -0.0260 -0.0043 31 LEU A CA  
263 C C   . LEU A 31 ? 0.3103  0.2263 0.2119 0.0209  -0.0251 -0.0062 31 LEU A C   
264 O O   . LEU A 31 ? 0.2920  0.2059 0.1961 0.0206  -0.0249 -0.0041 31 LEU A O   
265 C CB  . LEU A 31 ? 0.3473  0.2349 0.2285 0.0170  -0.0287 -0.0065 31 LEU A CB  
266 C CG  . LEU A 31 ? 0.3920  0.2764 0.2707 0.0070  -0.0282 -0.0063 31 LEU A CG  
267 C CD1 . LEU A 31 ? 0.4448  0.3035 0.2997 0.0067  -0.0305 -0.0083 31 LEU A CD1 
268 C CD2 . LEU A 31 ? 0.4132  0.3076 0.2981 -0.0040 -0.0264 -0.0072 31 LEU A CD2 
269 N N   . LEU A 32 ? 0.2984  0.2307 0.2015 0.0246  -0.0238 -0.0124 32 LEU A N   
270 C CA  . LEU A 32 ? 0.2846  0.2383 0.1937 0.0289  -0.0221 -0.0190 32 LEU A CA  
271 C C   . LEU A 32 ? 0.2661  0.2244 0.1810 0.0176  -0.0176 -0.0138 32 LEU A C   
272 O O   . LEU A 32 ? 0.2649  0.2298 0.1850 0.0207  -0.0172 -0.0146 32 LEU A O   
273 C CB  . LEU A 32 ? 0.3021  0.2857 0.2128 0.0303  -0.0200 -0.0316 32 LEU A CB  
274 C CG  . LEU A 32 ? 0.3399  0.3278 0.2439 0.0495  -0.0273 -0.0431 32 LEU A CG  
275 C CD1 . LEU A 32 ? 0.3609  0.3877 0.2700 0.0461  -0.0234 -0.0573 32 LEU A CD1 
276 C CD2 . LEU A 32 ? 0.3597  0.3495 0.2589 0.0695  -0.0347 -0.0514 32 LEU A CD2 
277 N N   . GLU A 33 ? 0.2555  0.2050 0.1642 0.0064  -0.0157 -0.0088 33 GLU A N   
278 C CA  . GLU A 33 ? 0.2513  0.1940 0.1545 -0.0020 -0.0140 -0.0045 33 GLU A CA  
279 C C   . GLU A 33 ? 0.2495  0.1829 0.1605 0.0045  -0.0181 0.0010  33 GLU A C   
280 O O   . GLU A 33 ? 0.2386  0.1738 0.1519 0.0031  -0.0171 0.0025  33 GLU A O   
281 C CB  . GLU A 33 ? 0.2634  0.1851 0.1442 -0.0121 -0.0149 -0.0015 33 GLU A CB  
282 C CG  . GLU A 33 ? 0.2981  0.2009 0.1582 -0.0216 -0.0147 0.0018  33 GLU A CG  
283 C CD  . GLU A 33 ? 0.3498  0.2161 0.1696 -0.0327 -0.0173 0.0039  33 GLU A CD  
284 O OE1 . GLU A 33 ? 0.4071  0.2654 0.2198 -0.0310 -0.0199 0.0035  33 GLU A OE1 
285 O OE2 . GLU A 33 ? 0.4198  0.2580 0.2079 -0.0433 -0.0179 0.0061  33 GLU A OE2 
286 N N   . LEU A 34 ? 0.2393  0.1660 0.1534 0.0090  -0.0219 0.0022  34 LEU A N   
287 C CA  . LEU A 34 ? 0.2484  0.1752 0.1695 0.0108  -0.0243 0.0034  34 LEU A CA  
288 C C   . LEU A 34 ? 0.2502  0.1783 0.1752 0.0121  -0.0223 0.0035  34 LEU A C   
289 O O   . LEU A 34 ? 0.2422  0.1731 0.1725 0.0112  -0.0221 0.0048  34 LEU A O   
290 C CB  . LEU A 34 ? 0.2599  0.1872 0.1810 0.0095  -0.0267 0.0005  34 LEU A CB  
291 C CG  . LEU A 34 ? 0.2818  0.2104 0.1992 0.0134  -0.0323 -0.0025 34 LEU A CG  
292 C CD1 . LEU A 34 ? 0.3138  0.2479 0.2313 0.0108  -0.0329 -0.0072 34 LEU A CD1 
293 C CD2 . LEU A 34 ? 0.3114  0.2481 0.2310 0.0197  -0.0381 -0.0067 34 LEU A CD2 
294 N N   . ASP A 35 ? 0.2387  0.1621 0.1572 0.0167  -0.0224 0.0010  35 ASP A N   
295 C CA  . ASP A 35 ? 0.2629  0.1785 0.1748 0.0234  -0.0241 -0.0006 35 ASP A CA  
296 C C   . ASP A 35 ? 0.2342  0.1674 0.1568 0.0260  -0.0219 -0.0019 35 ASP A C   
297 O O   . ASP A 35 ? 0.2437  0.1722 0.1657 0.0281  -0.0228 -0.0006 35 ASP A O   
298 C CB  . ASP A 35 ? 0.2945  0.1993 0.1908 0.0349  -0.0288 -0.0066 35 ASP A CB  
299 C CG  . ASP A 35 ? 0.3768  0.2510 0.2513 0.0303  -0.0316 -0.0046 35 ASP A CG  
300 O OD1 . ASP A 35 ? 0.4301  0.2976 0.3031 0.0156  -0.0286 -0.0007 35 ASP A OD1 
301 O OD2 . ASP A 35 ? 0.4668  0.3258 0.3233 0.0407  -0.0369 -0.0095 35 ASP A OD2 
302 N N   . LYS A 36 ? 0.2043  0.1568 0.1329 0.0227  -0.0185 -0.0052 36 LYS A N   
303 C CA  . LYS A 36 ? 0.1892  0.1611 0.1240 0.0198  -0.0147 -0.0086 36 LYS A CA  
304 C C   . LYS A 36 ? 0.1769  0.1383 0.1143 0.0138  -0.0141 -0.0005 36 LYS A C   
305 O O   . LYS A 36 ? 0.1773  0.1441 0.1199 0.0158  -0.0135 -0.0005 36 LYS A O   
306 C CB  . LYS A 36 ? 0.1927  0.1818 0.1235 0.0078  -0.0091 -0.0139 36 LYS A CB  
307 C CG  . LYS A 36 ? 0.2510  0.2620 0.1831 -0.0017 -0.0032 -0.0197 36 LYS A CG  
308 C CD  . LYS A 36 ? 0.3368  0.3685 0.2585 -0.0198 0.0043  -0.0292 36 LYS A CD  
309 C CE  . LYS A 36 ? 0.3985  0.3961 0.2951 -0.0384 0.0065  -0.0195 36 LYS A CE  
310 N NZ  . LYS A 36 ? 0.4432  0.4376 0.3334 -0.0478 0.0096  -0.0177 36 LYS A NZ  
311 N N   . TRP A 37 ? 0.1802  0.1280 0.1123 0.0087  -0.0157 0.0045  37 TRP A N   
312 C CA  . TRP A 37 ? 0.1825  0.1229 0.1145 0.0076  -0.0177 0.0085  37 TRP A CA  
313 C C   . TRP A 37 ? 0.1714  0.1142 0.1138 0.0117  -0.0197 0.0092  37 TRP A C   
314 O O   . TRP A 37 ? 0.1751  0.1207 0.1220 0.0118  -0.0198 0.0104  37 TRP A O   
315 C CB  . TRP A 37 ? 0.1992  0.1224 0.1150 0.0064  -0.0225 0.0099  37 TRP A CB  
316 C CG  . TRP A 37 ? 0.2030  0.1133 0.0962 -0.0047 -0.0195 0.0102  37 TRP A CG  
317 C CD1 . TRP A 37 ? 0.2403  0.1434 0.1166 -0.0136 -0.0171 0.0085  37 TRP A CD1 
318 C CD2 . TRP A 37 ? 0.2366  0.1394 0.1168 -0.0131 -0.0170 0.0113  37 TRP A CD2 
319 N NE1 . TRP A 37 ? 0.2769  0.1670 0.1262 -0.0307 -0.0125 0.0078  37 TRP A NE1 
320 C CE2 . TRP A 37 ? 0.2634  0.1517 0.1136 -0.0308 -0.0124 0.0096  37 TRP A CE2 
321 C CE3 . TRP A 37 ? 0.2477  0.1531 0.1353 -0.0097 -0.0178 0.0130  37 TRP A CE3 
322 C CZ2 . TRP A 37 ? 0.2919  0.1662 0.1158 -0.0482 -0.0079 0.0092  37 TRP A CZ2 
323 C CZ3 . TRP A 37 ? 0.2519  0.1449 0.1184 -0.0225 -0.0144 0.0135  37 TRP A CZ3 
324 C CH2 . TRP A 37 ? 0.2612  0.1372 0.0938 -0.0428 -0.0093 0.0115  37 TRP A CH2 
325 N N   . ALA A 38 ? 0.1729  0.1126 0.1144 0.0117  -0.0204 0.0078  38 ALA A N   
326 C CA  . ALA A 38 ? 0.1804  0.1174 0.1215 0.0079  -0.0202 0.0071  38 ALA A CA  
327 C C   . ALA A 38 ? 0.1820  0.1138 0.1206 0.0114  -0.0192 0.0086  38 ALA A C   
328 O O   . ALA A 38 ? 0.1836  0.1167 0.1247 0.0076  -0.0186 0.0093  38 ALA A O   
329 C CB  . ALA A 38 ? 0.2141  0.1387 0.1419 0.0023  -0.0203 0.0050  38 ALA A CB  
330 N N   . SER A 39 ? 0.1815  0.1124 0.1160 0.0198  -0.0200 0.0065  39 SER A N   
331 C CA  . SER A 39 ? 0.1796  0.1091 0.1105 0.0281  -0.0215 0.0043  39 SER A CA  
332 C C   . SER A 39 ? 0.1485  0.0960 0.0946 0.0251  -0.0181 0.0058  39 SER A C   
333 O O   . SER A 39 ? 0.1436  0.0879 0.0892 0.0272  -0.0187 0.0067  39 SER A O   
334 C CB  . SER A 39 ? 0.2205  0.1570 0.1453 0.0421  -0.0250 -0.0043 39 SER A CB  
335 O OG  . SER A 39 ? 0.2962  0.2648 0.2359 0.0396  -0.0204 -0.0095 39 SER A OG  
336 N N   . LEU A 40 ? 0.1348  0.0945 0.0875 0.0191  -0.0151 0.0064  40 LEU A N   
337 C CA  . LEU A 40 ? 0.1152  0.0830 0.0728 0.0143  -0.0124 0.0079  40 LEU A CA  
338 C C   . LEU A 40 ? 0.1272  0.0871 0.0883 0.0131  -0.0146 0.0126  40 LEU A C   
339 O O   . LEU A 40 ? 0.1092  0.0730 0.0752 0.0132  -0.0138 0.0137  40 LEU A O   
340 C CB  . LEU A 40 ? 0.1339  0.1029 0.0821 0.0044  -0.0093 0.0070  40 LEU A CB  
341 C CG  . LEU A 40 ? 0.1236  0.1154 0.0712 0.0012  -0.0046 -0.0024 40 LEU A CG  
342 C CD1 . LEU A 40 ? 0.1752  0.1616 0.1040 -0.0159 -0.0002 -0.0036 40 LEU A CD1 
343 C CD2 . LEU A 40 ? 0.1819  0.1984 0.1378 0.0026  -0.0016 -0.0095 40 LEU A CD2 
344 N N   . TRP A 41 ? 0.1106  0.0656 0.0705 0.0125  -0.0177 0.0127  41 TRP A N   
345 C CA  . TRP A 41 ? 0.1084  0.0692 0.0742 0.0124  -0.0204 0.0113  41 TRP A CA  
346 C C   . TRP A 41 ? 0.1168  0.0795 0.0851 0.0076  -0.0178 0.0107  41 TRP A C   
347 O O   . TRP A 41 ? 0.1090  0.0801 0.0835 0.0061  -0.0177 0.0097  41 TRP A O   
348 C CB  . TRP A 41 ? 0.1134  0.0794 0.0778 0.0149  -0.0256 0.0061  41 TRP A CB  
349 C CG  . TRP A 41 ? 0.1261  0.0777 0.0765 0.0214  -0.0310 0.0070  41 TRP A CG  
350 C CD1 . TRP A 41 ? 0.1460  0.0837 0.0826 0.0217  -0.0327 0.0078  41 TRP A CD1 
351 C CD2 . TRP A 41 ? 0.1570  0.0971 0.0966 0.0261  -0.0354 0.0079  41 TRP A CD2 
352 N NE1 . TRP A 41 ? 0.1940  0.1064 0.1055 0.0246  -0.0383 0.0092  41 TRP A NE1 
353 C CE2 . TRP A 41 ? 0.1840  0.0957 0.0955 0.0278  -0.0405 0.0093  41 TRP A CE2 
354 C CE3 . TRP A 41 ? 0.1496  0.0965 0.0956 0.0286  -0.0363 0.0073  41 TRP A CE3 
355 C CZ2 . TRP A 41 ? 0.2146  0.0957 0.0961 0.0312  -0.0472 0.0104  41 TRP A CZ2 
356 C CZ3 . TRP A 41 ? 0.1548  0.0786 0.0789 0.0343  -0.0428 0.0081  41 TRP A CZ3 
357 C CH2 . TRP A 41 ? 0.1921  0.0791 0.0801 0.0352  -0.0487 0.0098  41 TRP A CH2 
358 N N   . ASN A 42 ? 0.1170  0.0661 0.0739 0.0050  -0.0167 0.0110  42 ASN A N   
359 C CA  . ASN A 42 ? 0.1211  0.0552 0.0645 -0.0006 -0.0157 0.0113  42 ASN A CA  
360 C C   . ASN A 42 ? 0.1185  0.0523 0.0653 0.0072  -0.0159 0.0136  42 ASN A C   
361 O O   . ASN A 42 ? 0.1289  0.0595 0.0727 0.0019  -0.0149 0.0141  42 ASN A O   
362 C CB  . ASN A 42 ? 0.1446  0.0502 0.0623 -0.0011 -0.0176 0.0110  42 ASN A CB  
363 C CG  . ASN A 42 ? 0.2153  0.0878 0.1018 -0.0080 -0.0187 0.0115  42 ASN A CG  
364 O OD1 . ASN A 42 ? 0.2379  0.1104 0.1167 -0.0270 -0.0146 0.0097  42 ASN A OD1 
365 N ND2 . ASN A 42 ? 0.2531  0.0967 0.1164 0.0071  -0.0252 0.0114  42 ASN A ND2 
366 N N   . TRP A 43 ? 0.1178  0.0594 0.0709 0.0177  -0.0166 0.0130  43 TRP A N   
367 C CA  . TRP A 43 ? 0.1052  0.0556 0.0638 0.0244  -0.0163 0.0121  43 TRP A CA  
368 C C   . TRP A 43 ? 0.0965  0.0581 0.0683 0.0180  -0.0137 0.0152  43 TRP A C   
369 O O   . TRP A 43 ? 0.0989  0.0604 0.0722 0.0187  -0.0134 0.0161  43 TRP A O   
370 C CB  . TRP A 43 ? 0.1116  0.0813 0.0757 0.0306  -0.0152 0.0063  43 TRP A CB  
371 C CG  . TRP A 43 ? 0.0905  0.0803 0.0639 0.0317  -0.0127 0.0030  43 TRP A CG  
372 C CD1 . TRP A 43 ? 0.0940  0.0912 0.0655 0.0437  -0.0157 -0.0037 43 TRP A CD1 
373 C CD2 . TRP A 43 ? 0.0926  0.0935 0.0727 0.0203  -0.0076 0.0052  43 TRP A CD2 
374 N NE1 . TRP A 43 ? 0.0839  0.1045 0.0671 0.0387  -0.0110 -0.0063 43 TRP A NE1 
375 C CE2 . TRP A 43 ? 0.0841  0.1038 0.0702 0.0226  -0.0055 -0.0001 43 TRP A CE2 
376 C CE3 . TRP A 43 ? 0.0929  0.0842 0.0679 0.0099  -0.0061 0.0100  43 TRP A CE3 
377 C CZ2 . TRP A 43 ? 0.0853  0.1137 0.0722 0.0104  -0.0003 0.0005  43 TRP A CZ2 
378 C CZ3 . TRP A 43 ? 0.1049  0.0961 0.0739 0.0004  -0.0031 0.0110  43 TRP A CZ3 
379 C CH2 . TRP A 43 ? 0.0897  0.0991 0.0647 -0.0014 0.0008  0.0069  43 TRP A CH2 
380 N N   . PHE A 44 ? 0.0762  0.0440 0.0536 0.0142  -0.0136 0.0162  44 PHE A N   
381 C CA  . PHE A 44 ? 0.0788  0.0520 0.0619 0.0131  -0.0145 0.0171  44 PHE A CA  
382 C C   . PHE A 44 ? 0.0740  0.0531 0.0624 0.0099  -0.0151 0.0153  44 PHE A C   
383 O O   . PHE A 44 ? 0.0726  0.0570 0.0664 0.0101  -0.0146 0.0158  44 PHE A O   
384 C CB  . PHE A 44 ? 0.0730  0.0409 0.0489 0.0146  -0.0187 0.0162  44 PHE A CB  
385 C CG  . PHE A 44 ? 0.1109  0.0778 0.0842 0.0197  -0.0243 0.0144  44 PHE A CG  
386 C CD1 . PHE A 44 ? 0.1247  0.0796 0.0873 0.0187  -0.0244 0.0174  44 PHE A CD1 
387 C CD2 . PHE A 44 ? 0.0995  0.0800 0.0784 0.0258  -0.0303 0.0068  44 PHE A CD2 
388 C CE1 . PHE A 44 ? 0.1453  0.0915 0.0980 0.0273  -0.0328 0.0147  44 PHE A CE1 
389 C CE2 . PHE A 44 ? 0.1110  0.0938 0.0856 0.0366  -0.0389 0.0011  44 PHE A CE2 
390 C CZ  . PHE A 44 ? 0.1512  0.1118 0.1103 0.0392  -0.0412 0.0059  44 PHE A CZ  
391 N N   . ASN A 45 ? 0.0751  0.0549 0.0595 0.0039  -0.0150 0.0117  45 ASN A N   
392 C CA  . ASN A 45 ? 0.0704  0.0617 0.0557 -0.0068 -0.0133 0.0062  45 ASN A CA  
393 C C   . ASN A 45 ? 0.0835  0.0569 0.0564 -0.0128 -0.0102 0.0101  45 ASN A C   
394 O O   . ASN A 45 ? 0.0971  0.0806 0.0739 -0.0190 -0.0085 0.0078  45 ASN A O   
395 C CB  . ASN A 45 ? 0.0951  0.0906 0.0725 -0.0180 -0.0120 -0.0002 45 ASN A CB  
396 C CG  . ASN A 45 ? 0.1280  0.1464 0.1171 -0.0100 -0.0168 -0.0077 45 ASN A CG  
397 O OD1 . ASN A 45 ? 0.1314  0.1643 0.1305 0.0019  -0.0224 -0.0114 45 ASN A OD1 
398 N ND2 . ASN A 45 ? 0.1691  0.1872 0.1518 -0.0155 -0.0163 -0.0111 45 ASN A ND2 
399 N N   . ILE A 46 ? 0.1037  0.0501 0.0591 -0.0082 -0.0113 0.0143  46 ILE A N   
400 C CA  . ILE A 46 ? 0.1129  0.0337 0.0478 -0.0076 -0.0123 0.0166  46 ILE A CA  
401 C C   . ILE A 46 ? 0.1036  0.0407 0.0572 0.0013  -0.0122 0.0184  46 ILE A C   
402 O O   . ILE A 46 ? 0.1255  0.0555 0.0723 -0.0029 -0.0115 0.0191  46 ILE A O   
403 C CB  . ILE A 46 ? 0.1316  0.0216 0.0415 0.0052  -0.0179 0.0169  46 ILE A CB  
404 C CG1 . ILE A 46 ? 0.1862  0.0475 0.0663 -0.0067 -0.0185 0.0159  46 ILE A CG1 
405 C CG2 . ILE A 46 ? 0.1747  0.0379 0.0611 0.0148  -0.0231 0.0169  46 ILE A CG2 
406 C CD1 . ILE A 46 ? 0.2183  0.0496 0.0728 0.0103  -0.0265 0.0144  46 ILE A CD1 
407 N N   . THR A 47 ? 0.0851  0.0405 0.0570 0.0112  -0.0123 0.0187  47 THR A N   
408 C CA  . THR A 47 ? 0.0793  0.0486 0.0641 0.0163  -0.0112 0.0195  47 THR A CA  
409 C C   . THR A 47 ? 0.0735  0.0531 0.0684 0.0096  -0.0099 0.0203  47 THR A C   
410 O O   . THR A 47 ? 0.0779  0.0585 0.0746 0.0098  -0.0092 0.0212  47 THR A O   
411 C CB  . THR A 47 ? 0.0822  0.0651 0.0749 0.0191  -0.0099 0.0184  47 THR A CB  
412 O OG1 . THR A 47 ? 0.0721  0.0547 0.0578 0.0260  -0.0112 0.0139  47 THR A OG1 
413 C CG2 . THR A 47 ? 0.0784  0.0747 0.0785 0.0189  -0.0073 0.0179  47 THR A CG2 
414 N N   . ASN A 48 ? 0.0778  0.0679 0.0783 0.0056  -0.0111 0.0174  48 ASN A N   
415 C CA  . ASN A 48 ? 0.0643  0.0720 0.0746 0.0031  -0.0120 0.0131  48 ASN A CA  
416 C C   . ASN A 48 ? 0.0708  0.0788 0.0753 -0.0094 -0.0083 0.0108  48 ASN A C   
417 O O   . ASN A 48 ? 0.0659  0.0844 0.0772 -0.0107 -0.0076 0.0097  48 ASN A O   
418 C CB  . ASN A 48 ? 0.0726  0.0972 0.0878 0.0061  -0.0167 0.0051  48 ASN A CB  
419 C CG  . ASN A 48 ? 0.1036  0.1175 0.1138 0.0183  -0.0223 0.0073  48 ASN A CG  
420 O OD1 . ASN A 48 ? 0.1861  0.1893 0.1924 0.0219  -0.0229 0.0118  48 ASN A OD1 
421 N ND2 . ASN A 48 ? 0.1647  0.1793 0.1699 0.0231  -0.0272 0.0026  48 ASN A ND2 
422 N N   . TRP A 49 ? 0.0705  0.0617 0.0560 -0.0206 -0.0061 0.0102  49 TRP A N   
423 C CA  . TRP A 49 ? 0.0943  0.0744 0.0595 -0.0394 -0.0020 0.0076  49 TRP A CA  
424 C C   . TRP A 49 ? 0.1193  0.0735 0.0716 -0.0337 -0.0031 0.0144  49 TRP A C   
425 O O   . TRP A 49 ? 0.1147  0.0690 0.0603 -0.0450 -0.0003 0.0128  49 TRP A O   
426 C CB  . TRP A 49 ? 0.1166  0.0711 0.0515 -0.0545 -0.0003 0.0060  49 TRP A CB  
427 C CG  . TRP A 49 ? 0.1455  0.0764 0.0435 -0.0818 0.0047  0.0026  49 TRP A CG  
428 C CD1 . TRP A 49 ? 0.1430  0.1009 0.0370 -0.1098 0.0120  -0.0096 49 TRP A CD1 
429 C CD2 . TRP A 49 ? 0.2113  0.0831 0.0623 -0.0855 0.0022  0.0092  49 TRP A CD2 
430 N NE1 . TRP A 49 ? 0.2036  0.1196 0.0475 -0.1379 0.0167  -0.0098 49 TRP A NE1 
431 C CE2 . TRP A 49 ? 0.2452  0.1011 0.0587 -0.1211 0.0093  0.0030  49 TRP A CE2 
432 C CE3 . TRP A 49 ? 0.2398  0.0718 0.0733 -0.0614 -0.0064 0.0171  49 TRP A CE3 
433 C CZ2 . TRP A 49 ? 0.3595  0.1449 0.1084 -0.1342 0.0071  0.0076  49 TRP A CZ2 
434 C CZ3 . TRP A 49 ? 0.2812  0.0489 0.0551 -0.0676 -0.0110 0.0196  49 TRP A CZ3 
435 C CH2 . TRP A 49 ? 0.3690  0.1084 0.0985 -0.1040 -0.0045 0.0165  49 TRP A CH2 
436 N N   . LEU A 50 ? 0.1095  0.0475 0.0597 -0.0154 -0.0074 0.0196  50 LEU A N   
437 C CA  . LEU A 50 ? 0.1473  0.0649 0.0839 -0.0055 -0.0106 0.0223  50 LEU A CA  
438 C C   . LEU A 50 ? 0.1413  0.0847 0.1030 -0.0026 -0.0085 0.0231  50 LEU A C   
439 O O   . LEU A 50 ? 0.1598  0.0885 0.1093 0.0007  -0.0101 0.0243  50 LEU A O   
440 C CB  . LEU A 50 ? 0.1597  0.0706 0.0932 0.0156  -0.0163 0.0214  50 LEU A CB  
441 C CG  . LEU A 50 ? 0.1915  0.0652 0.0898 0.0194  -0.0221 0.0199  50 LEU A CG  
442 C CD1 . LEU A 50 ? 0.2378  0.1268 0.1459 0.0424  -0.0272 0.0143  50 LEU A CD1 
443 C CD2 . LEU A 50 ? 0.2599  0.0811 0.1090 0.0186  -0.0282 0.0202  50 LEU A CD2 
444 N N   . TRP A 51 ? 0.1157  0.0907 0.1054 -0.0024 -0.0064 0.0220  51 TRP A N   
445 C CA  . TRP A 51 ? 0.1223  0.1162 0.1306 0.0013  -0.0057 0.0226  51 TRP A CA  
446 C C   . TRP A 51 ? 0.1446  0.1392 0.1482 -0.0097 -0.0035 0.0208  51 TRP A C   
447 O O   . TRP A 51 ? 0.1546  0.1522 0.1640 -0.0057 -0.0032 0.0228  51 TRP A O   
448 C CB  . TRP A 51 ? 0.1371  0.1508 0.1612 0.0043  -0.0072 0.0201  51 TRP A CB  
449 C CG  . TRP A 51 ? 0.1490  0.1722 0.1828 0.0088  -0.0082 0.0207  51 TRP A CG  
450 C CD1 . TRP A 51 ? 0.1754  0.1943 0.2096 0.0132  -0.0071 0.0244  51 TRP A CD1 
451 C CD2 . TRP A 51 ? 0.1771  0.2178 0.2195 0.0091  -0.0106 0.0150  51 TRP A CD2 
452 N NE1 . TRP A 51 ? 0.1935  0.2182 0.2324 0.0150  -0.0087 0.0240  51 TRP A NE1 
453 C CE2 . TRP A 51 ? 0.2182  0.2558 0.2626 0.0152  -0.0119 0.0182  51 TRP A CE2 
454 C CE3 . TRP A 51 ? 0.2049  0.2690 0.2530 0.0042  -0.0119 0.0047  51 TRP A CE3 
455 C CZ2 . TRP A 51 ? 0.2357  0.2861 0.2857 0.0202  -0.0162 0.0129  51 TRP A CZ2 
456 C CZ3 . TRP A 51 ? 0.2073  0.2942 0.2654 0.0100  -0.0162 -0.0035 51 TRP A CZ3 
457 C CH2 . TRP A 51 ? 0.2098  0.2864 0.2679 0.0197  -0.0190 0.0015  51 TRP A CH2 
458 N N   . TYR A 52 ? 0.1425  0.1377 0.1346 -0.0265 -0.0009 0.0157  52 TYR A N   
459 C CA  . TYR A 52 ? 0.1740  0.1786 0.1612 -0.0429 0.0030  0.0108  52 TYR A CA  
460 C C   . TYR A 52 ? 0.2283  0.1929 0.1830 -0.0497 0.0035  0.0159  52 TYR A C   
461 O O   . TYR A 52 ? 0.2612  0.2298 0.2096 -0.0636 0.0071  0.0131  52 TYR A O   
462 C CB  . TYR A 52 ? 0.1639  0.1919 0.1480 -0.0638 0.0073  -0.0011 52 TYR A CB  
463 C CG  . TYR A 52 ? 0.1574  0.2281 0.1724 -0.0512 0.0033  -0.0098 52 TYR A CG  
464 C CD1 . TYR A 52 ? 0.1747  0.2867 0.2132 -0.0442 0.0006  -0.0203 52 TYR A CD1 
465 C CD2 . TYR A 52 ? 0.1274  0.1934 0.1429 -0.0437 0.0004  -0.0090 52 TYR A CD2 
466 C CE1 . TYR A 52 ? 0.1775  0.3185 0.2336 -0.0262 -0.0075 -0.0301 52 TYR A CE1 
467 C CE2 . TYR A 52 ? 0.1627  0.2594 0.1975 -0.0295 -0.0057 -0.0178 52 TYR A CE2 
468 C CZ  . TYR A 52 ? 0.1768  0.3078 0.2291 -0.0190 -0.0108 -0.0285 52 TYR A CZ  
469 O OH  . TYR A 52 ? 0.1952  0.3468 0.2563 0.0006  -0.0210 -0.0389 52 TYR A OH  
470 N N   . ILE A 53 ? 0.2590  0.1841 0.1889 -0.0385 -0.0014 0.0216  53 ILE A N   
471 C CA  . ILE A 53 ? 0.3265  0.2038 0.2157 -0.0369 -0.0056 0.0250  53 ILE A CA  
472 C C   . ILE A 53 ? 0.3437  0.2367 0.2540 -0.0217 -0.0073 0.0270  53 ILE A C   
473 O O   . ILE A 53 ? 0.3212  0.2396 0.2613 -0.0027 -0.0092 0.0274  53 ILE A O   
474 C CB  . ILE A 53 ? 0.3526  0.1871 0.2087 -0.0207 -0.0144 0.0265  53 ILE A CB  
475 C CG1 . ILE A 53 ? 0.3804  0.1914 0.2074 -0.0401 -0.0122 0.0250  53 ILE A CG1 
476 C CG2 . ILE A 53 ? 0.4224  0.2021 0.2296 -0.0103 -0.0235 0.0275  53 ILE A CG2 
477 C CD1 . ILE A 53 ? 0.4324  0.1979 0.2228 -0.0232 -0.0222 0.0254  53 ILE A CD1 
478 N N   . LYS A 54 ? 0.3970  0.2751 0.2888 -0.0340 -0.0055 0.0273  54 LYS A N   
479 C CA  . LYS A 54 ? 0.4152  0.3048 0.3226 -0.0218 -0.0069 0.0289  54 LYS A CA  
480 C C   . LYS A 54 ? 0.4698  0.3112 0.3370 -0.0035 -0.0171 0.0299  54 LYS A C   
481 O O   . LYS A 54 ? 0.5103  0.3213 0.3504 0.0104  -0.0252 0.0285  54 LYS A O   
482 C CB  . LYS A 54 ? 0.4121  0.3137 0.3202 -0.0445 -0.0001 0.0270  54 LYS A CB  
483 C CG  . LYS A 54 ? 0.4013  0.3619 0.3560 -0.0504 0.0059  0.0217  54 LYS A CG  
484 O OXT . LYS A 54 ? 0.5076  0.3383 0.3651 0.0008  -0.0196 0.0305  54 LYS A OXT 
485 N N   . TYR B 9  ? 1.3689  1.4871 0.4521 0.1907  0.1601  -0.4594 9  TYR B N   
486 C CA  . TYR B 9  ? 1.4179  1.5616 0.4358 0.2018  0.1404  -0.4688 9  TYR B CA  
487 C C   . TYR B 9  ? 1.3918  1.5439 0.4051 0.2060  0.1207  -0.4341 9  TYR B C   
488 O O   . TYR B 9  ? 1.3293  1.4670 0.4006 0.1935  0.1180  -0.4096 9  TYR B O   
489 C CB  . TYR B 9  ? 1.4829  1.6316 0.4307 0.2190  0.1625  -0.4670 9  TYR B CB  
490 N N   . THR B 10 ? 1.4503  1.6249 0.3885 0.2286  0.1067  -0.4311 10 THR B N   
491 C CA  . THR B 10 ? 1.4438  1.6294 0.3591 0.2445  0.0829  -0.4013 10 THR B CA  
492 C C   . THR B 10 ? 1.3869  1.5395 0.3417 0.2347  0.0961  -0.3576 10 THR B C   
493 O O   . THR B 10 ? 1.3294  1.4885 0.3382 0.2238  0.0766  -0.3540 10 THR B O   
494 N N   . SER B 11 ? 1.4069  1.5251 0.3346 0.2348  0.1349  -0.3289 11 SER B N   
495 C CA  . SER B 11 ? 1.3593  1.4449 0.3144 0.2226  0.1565  -0.2882 11 SER B CA  
496 C C   . SER B 11 ? 1.2724  1.3618 0.3230 0.1979  0.1560  -0.2967 11 SER B C   
497 O O   . SER B 11 ? 1.2244  1.3028 0.3123 0.1888  0.1533  -0.2735 11 SER B O   
498 N N   . LEU B 12 ? 1.2549  1.3561 0.3385 0.1903  0.1593  -0.3300 12 LEU B N   
499 C CA  . LEU B 12 ? 1.1830  1.2807 0.3441 0.1747  0.1627  -0.3380 12 LEU B CA  
500 C C   . LEU B 12 ? 1.1367  1.2365 0.3427 0.1661  0.1315  -0.3488 12 LEU B C   
501 O O   . LEU B 12 ? 1.0813  1.1719 0.3377 0.1563  0.1299  -0.3326 12 LEU B O   
502 C CB  . LEU B 12 ? 1.2023  1.3028 0.3718 0.1763  0.1804  -0.3681 12 LEU B CB  
503 C CG  . LEU B 12 ? 1.1569  1.2515 0.3913 0.1713  0.1906  -0.3769 12 LEU B CG  
504 C CD1 . LEU B 12 ? 1.0989  1.1996 0.3712 0.1645  0.2077  -0.3467 12 LEU B CD1 
505 C CD2 . LEU B 12 ? 1.1907  1.2891 0.4117 0.1818  0.2106  -0.4058 12 LEU B CD2 
506 N N   . ILE B 13 ? 1.1583  1.2727 0.3456 0.1678  0.1087  -0.3789 13 ILE B N   
507 C CA  . ILE B 13 ? 1.1229  1.2443 0.3494 0.1545  0.0823  -0.3945 13 ILE B CA  
508 C C   . ILE B 13 ? 1.0975  1.2310 0.3240 0.1592  0.0649  -0.3644 13 ILE B C   
509 O O   . ILE B 13 ? 1.0496  1.1805 0.3243 0.1464  0.0533  -0.3597 13 ILE B O   
510 C CB  . ILE B 13 ? 1.1594  1.3040 0.3665 0.1502  0.0638  -0.4407 13 ILE B CB  
511 C CG1 . ILE B 13 ? 1.2018  1.3314 0.3902 0.1510  0.0830  -0.4700 13 ILE B CG1 
512 C CG2 . ILE B 13 ? 1.1421  1.2872 0.3995 0.1267  0.0467  -0.4629 13 ILE B CG2 
513 C CD1 . ILE B 13 ? 1.2174  1.3782 0.3659 0.1514  0.0674  -0.5132 13 ILE B CD1 
514 N N   . HIS B 14 ? 1.1355  1.2768 0.3023 0.1799  0.0655  -0.3433 14 HIS B N   
515 C CA  . HIS B 14 ? 1.1193  1.2602 0.2734 0.1911  0.0545  -0.3100 14 HIS B CA  
516 C C   . HIS B 14 ? 1.0546  1.1684 0.2631 0.1751  0.0680  -0.2819 14 HIS B C   
517 O O   . HIS B 14 ? 1.0168  1.1358 0.2566 0.1713  0.0505  -0.2719 14 HIS B O   
518 N N   . SER B 15 ? 1.0422  1.1345 0.2638 0.1663  0.0989  -0.2729 15 SER B N   
519 C CA  . SER B 15 ? 0.9865  1.0622 0.2582 0.1522  0.1137  -0.2500 15 SER B CA  
520 C C   . SER B 15 ? 0.9235  1.0020 0.2652 0.1383  0.0996  -0.2638 15 SER B C   
521 O O   . SER B 15 ? 0.8704  0.9412 0.2511 0.1300  0.1012  -0.2445 15 SER B O   
522 C CB  . SER B 15 ? 0.9960  1.0644 0.2678 0.1468  0.1498  -0.2454 15 SER B CB  
523 O OG  . SER B 15 ? 1.0835  1.1417 0.2828 0.1569  0.1690  -0.2341 15 SER B OG  
524 N N   . LEU B 16 ? 0.9281  1.0121 0.2800 0.1351  0.0889  -0.2978 16 LEU B N   
525 C CA  . LEU B 16 ? 0.8912  0.9624 0.2970 0.1221  0.0826  -0.3120 16 LEU B CA  
526 C C   . LEU B 16 ? 0.8575  0.9362 0.2880 0.1120  0.0583  -0.3096 16 LEU B C   
527 O O   . LEU B 16 ? 0.8209  0.8855 0.2944 0.1033  0.0581  -0.2972 16 LEU B O   
528 C CB  . LEU B 16 ? 0.9272  0.9876 0.3267 0.1201  0.0865  -0.3502 16 LEU B CB  
529 C CG  . LEU B 16 ? 0.9141  0.9396 0.3524 0.1136  0.0945  -0.3633 16 LEU B CG  
530 C CD1 . LEU B 16 ? 0.8958  0.9137 0.3646 0.1238  0.1117  -0.3391 16 LEU B CD1 
531 C CD2 . LEU B 16 ? 0.9678  0.9737 0.3836 0.1152  0.1036  -0.4002 16 LEU B CD2 
532 N N   . ILE B 17 ? 0.8818  0.9882 0.2840 0.1153  0.0378  -0.3231 17 ILE B N   
533 C CA  . ILE B 17 ? 0.8569  0.9860 0.2786 0.1094  0.0138  -0.3233 17 ILE B CA  
534 C C   . ILE B 17 ? 0.8299  0.9537 0.2526 0.1196  0.0141  -0.2813 17 ILE B C   
535 O O   . ILE B 17 ? 0.7914  0.9139 0.2534 0.1101  0.0059  -0.2713 17 ILE B O   
536 C CB  . ILE B 17 ? 0.8988  1.0747 0.2862 0.1169  -0.0095 -0.3519 17 ILE B CB  
537 C CG1 . ILE B 17 ? 0.9194  1.0982 0.3110 0.0991  -0.0078 -0.3994 17 ILE B CG1 
538 C CG2 . ILE B 17 ? 0.8761  1.0891 0.2849 0.1153  -0.0349 -0.3533 17 ILE B CG2 
539 C CD1 . ILE B 17 ? 0.9793  1.2076 0.3221 0.1122  -0.0244 -0.4297 17 ILE B CD1 
540 N N   . GLU B 18 ? 0.8591  0.9740 0.2351 0.1371  0.0274  -0.2578 18 GLU B N   
541 C CA  . GLU B 18 ? 0.8413  0.9356 0.2111 0.1430  0.0378  -0.2180 18 GLU B CA  
542 C C   . GLU B 18 ? 0.7816  0.8566 0.2085 0.1249  0.0526  -0.2059 18 GLU B C   
543 O O   . GLU B 18 ? 0.7511  0.8183 0.1985 0.1216  0.0502  -0.1838 18 GLU B O   
544 C CB  . GLU B 18 ? 0.8985  0.9731 0.2045 0.1575  0.0607  -0.1990 18 GLU B CB  
545 N N   . GLU B 19 ? 0.7709  0.8403 0.2206 0.1167  0.0676  -0.2212 19 GLU B N   
546 C CA  . GLU B 19 ? 0.7174  0.7765 0.2192 0.1063  0.0789  -0.2143 19 GLU B CA  
547 C C   . GLU B 19 ? 0.6782  0.7345 0.2213 0.0971  0.0598  -0.2190 19 GLU B C   
548 O O   . GLU B 19 ? 0.6353  0.6865 0.2105 0.0919  0.0604  -0.2007 19 GLU B O   
549 C CB  . GLU B 19 ? 0.7377  0.7941 0.2493 0.1084  0.0959  -0.2335 19 GLU B CB  
550 N N   . SER B 20 ? 0.6894  0.7498 0.2299 0.0926  0.0452  -0.2461 20 SER B N   
551 C CA  . SER B 20 ? 0.6606  0.7179 0.2350 0.0787  0.0307  -0.2557 20 SER B CA  
552 C C   . SER B 20 ? 0.6345  0.7114 0.2141 0.0798  0.0146  -0.2363 20 SER B C   
553 O O   . SER B 20 ? 0.5814  0.6506 0.1960 0.0716  0.0119  -0.2245 20 SER B O   
554 C CB  . SER B 20 ? 0.6990  0.7613 0.2647 0.0676  0.0221  -0.2947 20 SER B CB  
555 O OG  . SER B 20 ? 0.7070  0.7665 0.3050 0.0486  0.0127  -0.3052 20 SER B OG  
556 N N   . GLN B 21 ? 0.6572  0.7576 0.1972 0.0940  0.0044  -0.2324 21 GLN B N   
557 C CA  . GLN B 21 ? 0.6536  0.7693 0.1897 0.1033  -0.0104 -0.2125 21 GLN B CA  
558 C C   . GLN B 21 ? 0.6194  0.7079 0.1657 0.1043  0.0044  -0.1767 21 GLN B C   
559 O O   . GLN B 21 ? 0.5867  0.6770 0.1576 0.1015  -0.0044 -0.1641 21 GLN B O   
560 C CB  . GLN B 21 ? 0.6976  0.8379 0.1762 0.1279  -0.0231 -0.2133 21 GLN B CB  
561 C CG  . GLN B 21 ? 0.7493  0.9363 0.2228 0.1272  -0.0449 -0.2537 21 GLN B CG  
562 C CD  . GLN B 21 ? 0.8116  1.0215 0.2170 0.1586  -0.0546 -0.2540 21 GLN B CD  
563 O OE1 . GLN B 21 ? 0.8818  1.1451 0.2751 0.1706  -0.0798 -0.2789 21 GLN B OE1 
564 N NE2 . GLN B 21 ? 0.8835  1.0563 0.2417 0.1727  -0.0334 -0.2288 21 GLN B NE2 
565 N N   . ASN B 22 ? 0.6292  0.6966 0.1585 0.1058  0.0281  -0.1640 22 ASN B N   
566 C CA  . ASN B 22 ? 0.6086  0.6559 0.1521 0.1001  0.0463  -0.1376 22 ASN B CA  
567 C C   . ASN B 22 ? 0.5462  0.5937 0.1503 0.0860  0.0436  -0.1390 22 ASN B C   
568 O O   . ASN B 22 ? 0.5211  0.5634 0.1437 0.0822  0.0416  -0.1214 22 ASN B O   
569 C CB  . ASN B 22 ? 0.6282  0.6645 0.1509 0.0983  0.0753  -0.1337 22 ASN B CB  
570 C CG  . ASN B 22 ? 0.6289  0.6584 0.1831 0.0846  0.0961  -0.1188 22 ASN B CG  
571 N N   . GLN B 23 ? 0.5370  0.5855 0.1655 0.0808  0.0445  -0.1598 23 GLN B N   
572 C CA  . GLN B 23 ? 0.5072  0.5477 0.1818 0.0727  0.0425  -0.1620 23 GLN B CA  
573 C C   . GLN B 23 ? 0.4820  0.5251 0.1756 0.0654  0.0240  -0.1594 23 GLN B C   
574 O O   . GLN B 23 ? 0.4492  0.4875 0.1713 0.0610  0.0241  -0.1451 23 GLN B O   
575 C CB  . GLN B 23 ? 0.5319  0.5594 0.2111 0.0735  0.0469  -0.1863 23 GLN B CB  
576 N N   . GLN B 24 ? 0.5059  0.5631 0.1852 0.0636  0.0085  -0.1763 24 GLN B N   
577 C CA  . GLN B 24 ? 0.4911  0.5637 0.1898 0.0561  -0.0089 -0.1791 24 GLN B CA  
578 C C   . GLN B 24 ? 0.4792  0.5587 0.1750 0.0657  -0.0141 -0.1517 24 GLN B C   
579 O O   . GLN B 24 ? 0.4402  0.5212 0.1651 0.0590  -0.0200 -0.1442 24 GLN B O   
580 C CB  . GLN B 24 ? 0.5132  0.6171 0.1968 0.0537  -0.0250 -0.2082 24 GLN B CB  
581 C CG  . GLN B 24 ? 0.5595  0.6511 0.2473 0.0374  -0.0186 -0.2410 24 GLN B CG  
582 C CD  . GLN B 24 ? 0.5841  0.7143 0.2502 0.0353  -0.0319 -0.2744 24 GLN B CD  
583 O OE1 . GLN B 24 ? 0.6038  0.7803 0.2704 0.0391  -0.0513 -0.2822 24 GLN B OE1 
584 N NE2 . GLN B 24 ? 0.6242  0.7404 0.2711 0.0317  -0.0223 -0.2967 24 GLN B NE2 
585 N N   . GLU B 25 ? 0.5112  0.5888 0.1662 0.0817  -0.0093 -0.1370 25 GLU B N   
586 C CA  . GLU B 25 ? 0.5197  0.5881 0.1588 0.0928  -0.0086 -0.1096 25 GLU B CA  
587 C C   . GLU B 25 ? 0.4801  0.5275 0.1509 0.0804  0.0065  -0.0919 25 GLU B C   
588 O O   . GLU B 25 ? 0.4688  0.5129 0.1529 0.0805  0.0016  -0.0781 25 GLU B O   
589 C CB  . GLU B 25 ? 0.5772  0.6301 0.1541 0.1113  0.0018  -0.0960 25 GLU B CB  
590 C CG  . GLU B 25 ? 0.6490  0.7266 0.1829 0.1345  -0.0179 -0.1067 25 GLU B CG  
591 C CD  . GLU B 25 ? 0.7519  0.8063 0.2156 0.1540  -0.0039 -0.0944 25 GLU B CD  
592 O OE1 . GLU B 25 ? 0.8065  0.8220 0.2548 0.1459  0.0244  -0.0758 25 GLU B OE1 
593 O OE2 . GLU B 25 ? 0.7992  0.8772 0.2218 0.1767  -0.0200 -0.1056 25 GLU B OE2 
594 N N   . LYS B 26 ? 0.4708  0.5097 0.1535 0.0719  0.0244  -0.0948 26 LYS B N   
595 C CA  . LYS B 26 ? 0.4302  0.4629 0.1465 0.0614  0.0376  -0.0848 26 LYS B CA  
596 C C   . LYS B 26 ? 0.3845  0.4221 0.1440 0.0550  0.0248  -0.0889 26 LYS B C   
597 O O   . LYS B 26 ? 0.3639  0.3992 0.1435 0.0504  0.0256  -0.0760 26 LYS B O   
598 C CB  . LYS B 26 ? 0.4393  0.4767 0.1607 0.0585  0.0569  -0.0933 26 LYS B CB  
599 C CG  . LYS B 26 ? 0.4889  0.5186 0.1721 0.0579  0.0784  -0.0853 26 LYS B CG  
600 C CD  . LYS B 26 ? 0.5558  0.6015 0.2471 0.0552  0.0973  -0.0994 26 LYS B CD  
601 N N   . LEU B 27 ? 0.3793  0.4184 0.1480 0.0532  0.0159  -0.1078 27 LEU B N   
602 C CA  . LEU B 27 ? 0.3472  0.3806 0.1471 0.0451  0.0081  -0.1125 27 LEU B CA  
603 C C   . LEU B 27 ? 0.3330  0.3787 0.1403 0.0416  -0.0065 -0.1065 27 LEU B C   
604 O O   . LEU B 27 ? 0.2994  0.3410 0.1327 0.0358  -0.0082 -0.0987 27 LEU B O   
605 C CB  . LEU B 27 ? 0.3639  0.3850 0.1616 0.0398  0.0076  -0.1366 27 LEU B CB  
606 C CG  . LEU B 27 ? 0.3688  0.3708 0.1626 0.0479  0.0221  -0.1432 27 LEU B CG  
607 C CD1 . LEU B 27 ? 0.4108  0.3951 0.1871 0.0431  0.0237  -0.1689 27 LEU B CD1 
608 C CD2 . LEU B 27 ? 0.3556  0.3411 0.1723 0.0527  0.0279  -0.1338 27 LEU B CD2 
609 N N   . GLU B 28 ? 0.3572  0.4213 0.1402 0.0486  -0.0175 -0.1108 28 GLU B N   
610 C CA  . GLU B 28 ? 0.3613  0.4439 0.1478 0.0531  -0.0320 -0.1049 28 GLU B CA  
611 C C   . GLU B 28 ? 0.3479  0.4142 0.1343 0.0588  -0.0248 -0.0778 28 GLU B C   
612 O O   . GLU B 28 ? 0.3213  0.3928 0.1301 0.0559  -0.0313 -0.0720 28 GLU B O   
613 C CB  . GLU B 28 ? 0.4109  0.5232 0.1651 0.0688  -0.0474 -0.1156 28 GLU B CB  
614 C CG  . GLU B 28 ? 0.4529  0.5924 0.2123 0.0800  -0.0640 -0.1118 28 GLU B CG  
615 C CD  . GLU B 28 ? 0.4756  0.6349 0.2830 0.0591  -0.0701 -0.1274 28 GLU B CD  
616 O OE1 . GLU B 28 ? 0.5200  0.6910 0.3441 0.0396  -0.0701 -0.1545 28 GLU B OE1 
617 O OE2 . GLU B 28 ? 0.4724  0.6309 0.2973 0.0606  -0.0720 -0.1135 28 GLU B OE2 
618 N N   . GLN B 29 ? 0.3729  0.4190 0.1345 0.0636  -0.0088 -0.0638 29 GLN B N   
619 C CA  . GLN B 29 ? 0.3854  0.4116 0.1441 0.0633  0.0028  -0.0424 29 GLN B CA  
620 C C   . GLN B 29 ? 0.3404  0.3682 0.1447 0.0484  0.0079  -0.0420 29 GLN B C   
621 O O   . GLN B 29 ? 0.3209  0.3434 0.1382 0.0458  0.0077  -0.0310 29 GLN B O   
622 C CB  . GLN B 29 ? 0.4345  0.4361 0.1536 0.0654  0.0246  -0.0313 29 GLN B CB  
623 C CG  . GLN B 29 ? 0.4939  0.4635 0.1934 0.0642  0.0403  -0.0106 29 GLN B CG  
624 C CD  . GLN B 29 ? 0.5577  0.5201 0.2412 0.0823  0.0245  0.0000  29 GLN B CD  
625 O OE1 . GLN B 29 ? 0.6346  0.6027 0.2832 0.1054  0.0102  -0.0005 29 GLN B OE1 
626 N NE2 . GLN B 29 ? 0.5447  0.4996 0.2529 0.0742  0.0266  0.0075  29 GLN B NE2 
627 N N   . GLU B 30 ? 0.3269  0.3608 0.1513 0.0424  0.0118  -0.0544 30 GLU B N   
628 C CA  . GLU B 30 ? 0.3029  0.3397 0.1637 0.0362  0.0143  -0.0549 30 GLU B CA  
629 C C   . GLU B 30 ? 0.2743  0.3112 0.1547 0.0329  0.0008  -0.0550 30 GLU B C   
630 O O   . GLU B 30 ? 0.2321  0.2693 0.1333 0.0297  0.0015  -0.0470 30 GLU B O   
631 C CB  . GLU B 30 ? 0.3053  0.3434 0.1736 0.0396  0.0203  -0.0681 30 GLU B CB  
632 C CG  . GLU B 30 ? 0.3427  0.3923 0.2036 0.0415  0.0369  -0.0706 30 GLU B CG  
633 C CD  . GLU B 30 ? 0.3850  0.4382 0.2506 0.0517  0.0412  -0.0853 30 GLU B CD  
634 O OE1 . GLU B 30 ? 0.4669  0.5060 0.3419 0.0582  0.0344  -0.0899 30 GLU B OE1 
635 O OE2 . GLU B 30 ? 0.4831  0.5488 0.3382 0.0545  0.0535  -0.0923 30 GLU B OE2 
636 N N   . LEU B 31 ? 0.2675  0.3088 0.1418 0.0318  -0.0104 -0.0666 31 LEU B N   
637 C CA  . LEU B 31 ? 0.2552  0.3028 0.1488 0.0242  -0.0204 -0.0710 31 LEU B CA  
638 C C   . LEU B 31 ? 0.2419  0.3000 0.1380 0.0292  -0.0270 -0.0573 31 LEU B C   
639 O O   . LEU B 31 ? 0.2216  0.2799 0.1397 0.0236  -0.0285 -0.0528 31 LEU B O   
640 C CB  . LEU B 31 ? 0.2748  0.3371 0.1624 0.0182  -0.0292 -0.0936 31 LEU B CB  
641 C CG  . LEU B 31 ? 0.2922  0.3685 0.2013 0.0033  -0.0355 -0.1079 31 LEU B CG  
642 C CD1 . LEU B 31 ? 0.3095  0.3520 0.2336 -0.0094 -0.0230 -0.1071 31 LEU B CD1 
643 C CD2 . LEU B 31 ? 0.3068  0.4079 0.2088 -0.0054 -0.0422 -0.1369 31 LEU B CD2 
644 N N   . LEU B 32 ? 0.2527  0.3142 0.1204 0.0422  -0.0294 -0.0498 32 LEU B N   
645 C CA  . LEU B 32 ? 0.2558  0.3168 0.1155 0.0525  -0.0336 -0.0359 32 LEU B CA  
646 C C   . LEU B 32 ? 0.2385  0.2784 0.1107 0.0450  -0.0199 -0.0210 32 LEU B C   
647 O O   . LEU B 32 ? 0.2241  0.2644 0.1099 0.0449  -0.0231 -0.0145 32 LEU B O   
648 C CB  . LEU B 32 ? 0.3049  0.3588 0.1168 0.0738  -0.0349 -0.0280 32 LEU B CB  
649 C CG  . LEU B 32 ? 0.3479  0.4355 0.1439 0.0875  -0.0528 -0.0449 32 LEU B CG  
650 C CD1 . LEU B 32 ? 0.4136  0.4848 0.1510 0.1149  -0.0515 -0.0325 32 LEU B CD1 
651 C CD2 . LEU B 32 ? 0.3556  0.4842 0.1790 0.0894  -0.0708 -0.0583 32 LEU B CD2 
652 N N   . GLU B 33 ? 0.2300  0.2578 0.0991 0.0382  -0.0045 -0.0192 33 GLU B N   
653 C CA  . GLU B 33 ? 0.2188  0.2396 0.1048 0.0284  0.0083  -0.0121 33 GLU B CA  
654 C C   . GLU B 33 ? 0.1832  0.2176 0.1066 0.0230  0.0010  -0.0169 33 GLU B C   
655 O O   . GLU B 33 ? 0.1660  0.2007 0.1039 0.0191  0.0023  -0.0111 33 GLU B O   
656 C CB  . GLU B 33 ? 0.2413  0.2615 0.1222 0.0210  0.0268  -0.0154 33 GLU B CB  
657 C CG  . GLU B 33 ? 0.2990  0.2955 0.1356 0.0235  0.0405  -0.0083 33 GLU B CG  
658 C CD  . GLU B 33 ? 0.3910  0.3555 0.2004 0.0261  0.0477  0.0067  33 GLU B CD  
659 O OE1 . GLU B 33 ? 0.3799  0.3426 0.2096 0.0160  0.0527  0.0087  33 GLU B OE1 
660 O OE2 . GLU B 33 ? 0.5144  0.4526 0.2766 0.0415  0.0486  0.0164  33 GLU B OE2 
661 N N   . LEU B 34 ? 0.1762  0.2160 0.1090 0.0233  -0.0042 -0.0274 34 LEU B N   
662 C CA  . LEU B 34 ? 0.1654  0.2047 0.1206 0.0209  -0.0073 -0.0298 34 LEU B CA  
663 C C   . LEU B 34 ? 0.1611  0.2035 0.1255 0.0169  -0.0165 -0.0271 34 LEU B C   
664 O O   . LEU B 34 ? 0.1530  0.1949 0.1328 0.0146  -0.0161 -0.0222 34 LEU B O   
665 C CB  . LEU B 34 ? 0.1819  0.2099 0.1332 0.0228  -0.0060 -0.0414 34 LEU B CB  
666 C CG  . LEU B 34 ? 0.1948  0.2052 0.1541 0.0230  -0.0045 -0.0422 34 LEU B CG  
667 C CD1 . LEU B 34 ? 0.2273  0.2464 0.1982 0.0326  -0.0015 -0.0340 34 LEU B CD1 
668 C CD2 . LEU B 34 ? 0.2237  0.2069 0.1669 0.0256  0.0017  -0.0534 34 LEU B CD2 
669 N N   . ASP B 35 ? 0.1714  0.2232 0.1259 0.0184  -0.0251 -0.0319 35 ASP B N   
670 C CA  . ASP B 35 ? 0.1706  0.2375 0.1363 0.0173  -0.0341 -0.0330 35 ASP B CA  
671 C C   . ASP B 35 ? 0.1589  0.2209 0.1253 0.0233  -0.0322 -0.0179 35 ASP B C   
672 O O   . ASP B 35 ? 0.1487  0.2183 0.1321 0.0205  -0.0354 -0.0168 35 ASP B O   
673 C CB  . ASP B 35 ? 0.1848  0.2764 0.1385 0.0243  -0.0460 -0.0441 35 ASP B CB  
674 C CG  . ASP B 35 ? 0.2255  0.3285 0.1841 0.0121  -0.0479 -0.0662 35 ASP B CG  
675 O OD1 . ASP B 35 ? 0.2451  0.3282 0.2144 -0.0025 -0.0386 -0.0717 35 ASP B OD1 
676 O OD2 . ASP B 35 ? 0.2352  0.3649 0.1815 0.0190  -0.0580 -0.0792 35 ASP B OD2 
677 N N   . LYS B 36 ? 0.1563  0.2025 0.1011 0.0296  -0.0243 -0.0078 36 LYS B N   
678 C CA  . LYS B 36 ? 0.1588  0.1901 0.0986 0.0313  -0.0173 0.0040  36 LYS B CA  
679 C C   . LYS B 36 ? 0.1336  0.1689 0.1011 0.0193  -0.0117 0.0031  36 LYS B C   
680 O O   . LYS B 36 ? 0.1130  0.1473 0.0903 0.0179  -0.0115 0.0073  36 LYS B O   
681 C CB  . LYS B 36 ? 0.1889  0.1930 0.0946 0.0339  -0.0024 0.0122  36 LYS B CB  
682 C CG  . LYS B 36 ? 0.2456  0.2379 0.1097 0.0537  -0.0069 0.0171  36 LYS B CG  
683 C CD  . LYS B 36 ? 0.3143  0.2653 0.1354 0.0530  0.0154  0.0272  36 LYS B CD  
684 C CE  . LYS B 36 ? 0.4322  0.3624 0.1995 0.0786  0.0126  0.0355  36 LYS B CE  
685 N NZ  . LYS B 36 ? 0.5042  0.3908 0.2256 0.0744  0.0380  0.0439  36 LYS B NZ  
686 N N   . TRP B 37 ? 0.1090  0.1502 0.0858 0.0142  -0.0071 -0.0028 37 TRP B N   
687 C CA  . TRP B 37 ? 0.0935  0.1451 0.0921 0.0102  -0.0041 -0.0050 37 TRP B CA  
688 C C   . TRP B 37 ? 0.0934  0.1456 0.1048 0.0112  -0.0126 -0.0045 37 TRP B C   
689 O O   . TRP B 37 ? 0.0817  0.1385 0.1048 0.0099  -0.0125 -0.0016 37 TRP B O   
690 C CB  . TRP B 37 ? 0.0918  0.1538 0.0940 0.0132  0.0007  -0.0127 37 TRP B CB  
691 C CG  . TRP B 37 ? 0.0682  0.1468 0.0878 0.0172  0.0005  -0.0156 37 TRP B CG  
692 C CD1 . TRP B 37 ? 0.0865  0.1598 0.1073 0.0283  -0.0046 -0.0155 37 TRP B CD1 
693 C CD2 . TRP B 37 ? 0.0405  0.1418 0.0737 0.0111  0.0067  -0.0200 37 TRP B CD2 
694 N NE1 . TRP B 37 ? 0.0870  0.1822 0.1195 0.0348  -0.0048 -0.0177 37 TRP B NE1 
695 C CE2 . TRP B 37 ? 0.0512  0.1694 0.0956 0.0226  0.0010  -0.0229 37 TRP B CE2 
696 C CE3 . TRP B 37 ? 0.0355  0.1400 0.0682 -0.0043 0.0189  -0.0231 37 TRP B CE3 
697 C CZ2 . TRP B 37 ? 0.0620  0.2141 0.1231 0.0203  0.0032  -0.0319 37 TRP B CZ2 
698 C CZ3 . TRP B 37 ? 0.0762  0.2085 0.1267 -0.0126 0.0250  -0.0336 37 TRP B CZ3 
699 C CH2 . TRP B 37 ? 0.0417  0.2047 0.1094 -0.0001 0.0153  -0.0396 37 TRP B CH2 
700 N N   . ALA B 38 ? 0.0927  0.1407 0.1007 0.0108  -0.0177 -0.0095 38 ALA B N   
701 C CA  . ALA B 38 ? 0.1057  0.1506 0.1226 0.0056  -0.0199 -0.0122 38 ALA B CA  
702 C C   . ALA B 38 ? 0.1013  0.1585 0.1280 0.0044  -0.0244 -0.0082 38 ALA B C   
703 O O   . ALA B 38 ? 0.1018  0.1583 0.1381 0.0013  -0.0227 -0.0059 38 ALA B O   
704 C CB  . ALA B 38 ? 0.1279  0.1699 0.1396 -0.0015 -0.0214 -0.0243 38 ALA B CB  
705 N N   . SER B 39 ? 0.1084  0.1738 0.1271 0.0104  -0.0293 -0.0067 39 SER B N   
706 C CA  . SER B 39 ? 0.1083  0.1824 0.1306 0.0160  -0.0333 -0.0029 39 SER B CA  
707 C C   . SER B 39 ? 0.1007  0.1633 0.1268 0.0147  -0.0263 0.0054  39 SER B C   
708 O O   . SER B 39 ? 0.0976  0.1666 0.1348 0.0143  -0.0274 0.0061  39 SER B O   
709 C CB  . SER B 39 ? 0.1406  0.2141 0.1401 0.0313  -0.0379 0.0002  39 SER B CB  
710 O OG  . SER B 39 ? 0.1983  0.2779 0.1968 0.0431  -0.0419 0.0034  39 SER B OG  
711 N N   . LEU B 40 ? 0.0976  0.1486 0.1159 0.0122  -0.0179 0.0081  40 LEU B N   
712 C CA  . LEU B 40 ? 0.0781  0.1260 0.1019 0.0066  -0.0096 0.0094  40 LEU B CA  
713 C C   . LEU B 40 ? 0.0673  0.1298 0.1099 0.0047  -0.0128 0.0065  40 LEU B C   
714 O O   . LEU B 40 ? 0.0488  0.1155 0.0993 0.0034  -0.0123 0.0070  40 LEU B O   
715 C CB  . LEU B 40 ? 0.0911  0.1348 0.1071 -0.0002 0.0021  0.0063  40 LEU B CB  
716 C CG  . LEU B 40 ? 0.0701  0.1199 0.0946 -0.0118 0.0132  -0.0001 40 LEU B CG  
717 C CD1 . LEU B 40 ? 0.0891  0.1238 0.0969 -0.0236 0.0311  -0.0037 40 LEU B CD1 
718 C CD2 . LEU B 40 ? 0.1299  0.2141 0.1769 -0.0105 0.0085  -0.0091 40 LEU B CD2 
719 N N   . TRP B 41 ? 0.0645  0.1297 0.1079 0.0071  -0.0143 0.0038  41 TRP B N   
720 C CA  . TRP B 41 ? 0.0725  0.1405 0.1202 0.0117  -0.0147 0.0035  41 TRP B CA  
721 C C   . TRP B 41 ? 0.0637  0.1245 0.1137 0.0084  -0.0162 0.0065  41 TRP B C   
722 O O   . TRP B 41 ? 0.0733  0.1361 0.1249 0.0109  -0.0150 0.0086  41 TRP B O   
723 C CB  . TRP B 41 ? 0.0797  0.1402 0.1175 0.0199  -0.0136 0.0011  41 TRP B CB  
724 C CG  . TRP B 41 ? 0.0790  0.1312 0.1074 0.0328  -0.0123 0.0033  41 TRP B CG  
725 C CD1 . TRP B 41 ? 0.0969  0.1156 0.1062 0.0363  -0.0073 0.0066  41 TRP B CD1 
726 C CD2 . TRP B 41 ? 0.0733  0.1483 0.1044 0.0456  -0.0141 0.0014  41 TRP B CD2 
727 N NE1 . TRP B 41 ? 0.1258  0.1357 0.1180 0.0554  -0.0054 0.0110  41 TRP B NE1 
728 C CE2 . TRP B 41 ? 0.0817  0.1331 0.0892 0.0634  -0.0121 0.0070  41 TRP B CE2 
729 C CE3 . TRP B 41 ? 0.0475  0.1609 0.0958 0.0433  -0.0155 -0.0071 41 TRP B CE3 
730 C CZ2 . TRP B 41 ? 0.1094  0.1793 0.1085 0.0857  -0.0156 0.0062  41 TRP B CZ2 
731 C CZ3 . TRP B 41 ? 0.0436  0.1852 0.0920 0.0596  -0.0193 -0.0128 41 TRP B CZ3 
732 C CH2 . TRP B 41 ? 0.0963  0.2194 0.1198 0.0841  -0.0213 -0.0054 41 TRP B CH2 
733 N N   . ASN B 42 ? 0.0615  0.1197 0.1119 0.0025  -0.0182 0.0039  42 ASN B N   
734 C CA  . ASN B 42 ? 0.0699  0.1314 0.1272 -0.0046 -0.0173 0.0013  42 ASN B CA  
735 C C   . ASN B 42 ? 0.0640  0.1388 0.1305 -0.0021 -0.0194 0.0041  42 ASN B C   
736 O O   . ASN B 42 ? 0.0588  0.1355 0.1302 -0.0060 -0.0158 0.0041  42 ASN B O   
737 C CB  . ASN B 42 ? 0.0888  0.1613 0.1495 -0.0115 -0.0205 -0.0088 42 ASN B CB  
738 C CG  . ASN B 42 ? 0.1464  0.2352 0.2200 -0.0225 -0.0181 -0.0178 42 ASN B CG  
739 O OD1 . ASN B 42 ? 0.1831  0.2553 0.2533 -0.0353 -0.0066 -0.0211 42 ASN B OD1 
740 N ND2 . ASN B 42 ? 0.1393  0.2600 0.2242 -0.0166 -0.0269 -0.0233 42 ASN B ND2 
741 N N   . TRP B 43 ? 0.0531  0.1306 0.1172 0.0042  -0.0225 0.0065  43 TRP B N   
742 C CA  . TRP B 43 ? 0.0320  0.1118 0.0985 0.0080  -0.0218 0.0086  43 TRP B CA  
743 C C   . TRP B 43 ? 0.0280  0.1075 0.0984 0.0048  -0.0173 0.0094  43 TRP B C   
744 O O   . TRP B 43 ? 0.0307  0.1160 0.1068 0.0047  -0.0161 0.0089  43 TRP B O   
745 C CB  . TRP B 43 ? 0.0346  0.0994 0.0851 0.0150  -0.0197 0.0121  43 TRP B CB  
746 C CG  . TRP B 43 ? 0.0308  0.0869 0.0779 0.0190  -0.0154 0.0133  43 TRP B CG  
747 C CD1 . TRP B 43 ? 0.0319  0.0920 0.0763 0.0320  -0.0194 0.0136  43 TRP B CD1 
748 C CD2 . TRP B 43 ? 0.0542  0.1000 0.1006 0.0106  -0.0063 0.0113  43 TRP B CD2 
749 N NE1 . TRP B 43 ? 0.0439  0.0873 0.0820 0.0333  -0.0118 0.0141  43 TRP B NE1 
750 C CE2 . TRP B 43 ? 0.0552  0.0896 0.0949 0.0176  -0.0032 0.0116  43 TRP B CE2 
751 C CE3 . TRP B 43 ? 0.0805  0.1314 0.1319 -0.0016 -0.0001 0.0056  43 TRP B CE3 
752 C CZ2 . TRP B 43 ? 0.0869  0.1086 0.1237 0.0091  0.0072  0.0063  43 TRP B CZ2 
753 C CZ3 . TRP B 43 ? 0.0631  0.1123 0.1157 -0.0107 0.0088  -0.0023 43 TRP B CZ3 
754 C CH2 . TRP B 43 ? 0.0890  0.1210 0.1340 -0.0073 0.0129  -0.0020 43 TRP B CH2 
755 N N   . PHE B 44 ? 0.0171  0.0965 0.0849 0.0042  -0.0151 0.0084  44 PHE B N   
756 C CA  . PHE B 44 ? 0.0191  0.1097 0.0896 0.0060  -0.0137 0.0056  44 PHE B CA  
757 C C   . PHE B 44 ? 0.0200  0.1060 0.0855 0.0102  -0.0138 0.0098  44 PHE B C   
758 O O   . PHE B 44 ? 0.0417  0.1337 0.1071 0.0120  -0.0127 0.0096  44 PHE B O   
759 C CB  . PHE B 44 ? 0.0112  0.1155 0.0811 0.0094  -0.0133 -0.0002 44 PHE B CB  
760 C CG  . PHE B 44 ? 0.0308  0.1464 0.1067 -0.0010 -0.0071 -0.0099 44 PHE B CG  
761 C CD1 . PHE B 44 ? 0.0299  0.1677 0.1143 -0.0061 -0.0042 -0.0213 44 PHE B CD1 
762 C CD2 . PHE B 44 ? 0.0483  0.1512 0.1185 -0.0075 -0.0014 -0.0098 44 PHE B CD2 
763 C CE1 . PHE B 44 ? 0.0319  0.1767 0.1208 -0.0231 0.0074  -0.0351 44 PHE B CE1 
764 C CE2 . PHE B 44 ? 0.0410  0.1447 0.1106 -0.0219 0.0110  -0.0195 44 PHE B CE2 
765 C CZ  . PHE B 44 ? 0.0419  0.1654 0.1218 -0.0321 0.0169  -0.0332 44 PHE B CZ  
766 N N   . ASN B 45 ? 0.0317  0.1022 0.0890 0.0102  -0.0122 0.0127  45 ASN B N   
767 C CA  . ASN B 45 ? 0.0356  0.0873 0.0787 0.0109  -0.0054 0.0168  45 ASN B CA  
768 C C   . ASN B 45 ? 0.0443  0.1017 0.0965 0.0006  -0.0016 0.0153  45 ASN B C   
769 O O   . ASN B 45 ? 0.0523  0.1019 0.0936 0.0024  0.0048  0.0186  45 ASN B O   
770 C CB  . ASN B 45 ? 0.0641  0.0900 0.0941 0.0068  0.0005  0.0166  45 ASN B CB  
771 C CG  . ASN B 45 ? 0.1173  0.1288 0.1280 0.0236  0.0003  0.0196  45 ASN B CG  
772 O OD1 . ASN B 45 ? 0.2056  0.2230 0.2058 0.0404  -0.0019 0.0227  45 ASN B OD1 
773 N ND2 . ASN B 45 ? 0.1876  0.1788 0.1895 0.0206  0.0039  0.0169  45 ASN B ND2 
774 N N   . ILE B 46 ? 0.0328  0.1059 0.1022 -0.0070 -0.0052 0.0095  46 ILE B N   
775 C CA  . ILE B 46 ? 0.0281  0.1170 0.1094 -0.0139 -0.0020 0.0045  46 ILE B CA  
776 C C   . ILE B 46 ? 0.0272  0.1248 0.1112 -0.0062 -0.0039 0.0069  46 ILE B C   
777 O O   . ILE B 46 ? 0.0339  0.1356 0.1183 -0.0095 0.0027  0.0059  46 ILE B O   
778 C CB  . ILE B 46 ? -0.0003 0.1134 0.0971 -0.0160 -0.0083 -0.0050 46 ILE B CB  
779 C CG1 . ILE B 46 ? 0.0091  0.1193 0.1055 -0.0289 -0.0045 -0.0130 46 ILE B CG1 
780 C CG2 . ILE B 46 ? 0.0124  0.1566 0.1267 -0.0177 -0.0071 -0.0138 46 ILE B CG2 
781 C CD1 . ILE B 46 ? 0.0385  0.1827 0.1491 -0.0274 -0.0140 -0.0256 46 ILE B CD1 
782 N N   . THR B 47 ? 0.0237  0.1221 0.1079 0.0010  -0.0097 0.0078  47 THR B N   
783 C CA  . THR B 47 ? 0.0120  0.1149 0.0971 0.0046  -0.0087 0.0061  47 THR B CA  
784 C C   . THR B 47 ? 0.0255  0.1293 0.1014 0.0061  -0.0054 0.0074  47 THR B C   
785 O O   . THR B 47 ? 0.0357  0.1458 0.1110 0.0069  -0.0023 0.0055  47 THR B O   
786 C CB  . THR B 47 ? 0.0257  0.1215 0.1075 0.0054  -0.0093 0.0037  47 THR B CB  
787 O OG1 . THR B 47 ? 0.0152  0.1012 0.0936 0.0087  -0.0109 0.0057  47 THR B OG1 
788 C CG2 . THR B 47 ? 0.0332  0.1282 0.1139 0.0050  -0.0048 -0.0022 47 THR B CG2 
789 N N   . ASN B 48 ? 0.0214  0.1195 0.0862 0.0108  -0.0066 0.0104  48 ASN B N   
790 C CA  . ASN B 48 ? 0.0306  0.1289 0.0775 0.0213  -0.0053 0.0128  48 ASN B CA  
791 C C   . ASN B 48 ? 0.0624  0.1419 0.0936 0.0195  0.0049  0.0195  48 ASN B C   
792 O O   . ASN B 48 ? 0.0827  0.1648 0.1010 0.0260  0.0078  0.0206  48 ASN B O   
793 C CB  . ASN B 48 ? 0.0504  0.1451 0.0840 0.0337  -0.0087 0.0148  48 ASN B CB  
794 C CG  . ASN B 48 ? 0.1168  0.2144 0.1242 0.0550  -0.0097 0.0173  48 ASN B CG  
795 O OD1 . ASN B 48 ? 0.2330  0.2976 0.2090 0.0675  -0.0032 0.0279  48 ASN B OD1 
796 N ND2 . ASN B 48 ? 0.0910  0.2242 0.1054 0.0607  -0.0162 0.0066  48 ASN B ND2 
797 N N   . TRP B 49 ? 0.0831  0.1442 0.1138 0.0086  0.0124  0.0217  49 TRP B N   
798 C CA  . TRP B 49 ? 0.1050  0.1461 0.1213 -0.0013 0.0282  0.0243  49 TRP B CA  
799 C C   . TRP B 49 ? 0.0911  0.1575 0.1259 -0.0088 0.0305  0.0178  49 TRP B C   
800 O O   . TRP B 49 ? 0.1070  0.1640 0.1244 -0.0092 0.0416  0.0207  49 TRP B O   
801 C CB  . TRP B 49 ? 0.1317  0.1569 0.1508 -0.0180 0.0368  0.0204  49 TRP B CB  
802 C CG  . TRP B 49 ? 0.1698  0.1762 0.1778 -0.0377 0.0587  0.0171  49 TRP B CG  
803 C CD1 . TRP B 49 ? 0.2716  0.2287 0.2363 -0.0374 0.0785  0.0265  49 TRP B CD1 
804 C CD2 . TRP B 49 ? 0.2008  0.2388 0.2382 -0.0602 0.0654  0.0014  49 TRP B CD2 
805 N NE1 . TRP B 49 ? 0.2843  0.2344 0.2497 -0.0648 0.1012  0.0175  49 TRP B NE1 
806 C CE2 . TRP B 49 ? 0.2524  0.2604 0.2673 -0.0797 0.0921  -0.0002 49 TRP B CE2 
807 C CE3 . TRP B 49 ? 0.1894  0.2799 0.2673 -0.0631 0.0519  -0.0123 49 TRP B CE3 
808 C CZ2 . TRP B 49 ? 0.2744  0.3128 0.3140 -0.1080 0.1070  -0.0197 49 TRP B CZ2 
809 C CZ3 . TRP B 49 ? 0.1468  0.2720 0.2482 -0.0834 0.0622  -0.0307 49 TRP B CZ3 
810 C CH2 . TRP B 49 ? 0.2209  0.3252 0.3076 -0.1085 0.0898  -0.0363 49 TRP B CH2 
811 N N   . LEU B 50 ? 0.0580  0.1533 0.1224 -0.0111 0.0208  0.0096  50 LEU B N   
812 C CA  . LEU B 50 ? 0.0376  0.1575 0.1182 -0.0126 0.0225  0.0022  50 LEU B CA  
813 C C   . LEU B 50 ? 0.0501  0.1697 0.1193 -0.0024 0.0209  0.0043  50 LEU B C   
814 O O   . LEU B 50 ? 0.0469  0.1740 0.1139 -0.0038 0.0287  0.0017  50 LEU B O   
815 C CB  . LEU B 50 ? 0.0241  0.1660 0.1271 -0.0078 0.0122  -0.0049 50 LEU B CB  
816 C CG  . LEU B 50 ? -0.0081 0.1501 0.1095 -0.0168 0.0122  -0.0126 50 LEU B CG  
817 C CD1 . LEU B 50 ? 0.0409  0.2168 0.1693 -0.0020 -0.0007 -0.0167 50 LEU B CD1 
818 C CD2 . LEU B 50 ? 0.0470  0.2282 0.1767 -0.0325 0.0255  -0.0242 50 LEU B CD2 
819 N N   . TRP B 51 ? 0.0272  0.1434 0.0901 0.0064  0.0119  0.0058  51 TRP B N   
820 C CA  . TRP B 51 ? 0.0495  0.1740 0.1022 0.0141  0.0104  0.0023  51 TRP B CA  
821 C C   . TRP B 51 ? 0.0916  0.2056 0.1161 0.0207  0.0180  0.0093  51 TRP B C   
822 O O   . TRP B 51 ? 0.0936  0.2166 0.1098 0.0244  0.0213  0.0059  51 TRP B O   
823 C CB  . TRP B 51 ? 0.0599  0.1932 0.1143 0.0186  0.0012  -0.0031 51 TRP B CB  
824 C CG  . TRP B 51 ? 0.0732  0.2271 0.1213 0.0240  -0.0014 -0.0137 51 TRP B CG  
825 C CD1 . TRP B 51 ? 0.1010  0.2700 0.1310 0.0380  -0.0063 -0.0152 51 TRP B CD1 
826 C CD2 . TRP B 51 ? 0.0805  0.2440 0.1377 0.0176  0.0005  -0.0273 51 TRP B CD2 
827 N NE1 . TRP B 51 ? 0.1393  0.3366 0.1709 0.0389  -0.0093 -0.0312 51 TRP B NE1 
828 C CE2 . TRP B 51 ? 0.1067  0.2972 0.1547 0.0238  -0.0036 -0.0391 51 TRP B CE2 
829 C CE3 . TRP B 51 ? 0.0839  0.2345 0.1517 0.0105  0.0058  -0.0315 51 TRP B CE3 
830 C CZ2 . TRP B 51 ? 0.1354  0.3402 0.1878 0.0166  -0.0011 -0.0574 51 TRP B CZ2 
831 C CZ3 . TRP B 51 ? 0.1261  0.2806 0.1933 0.0061  0.0100  -0.0468 51 TRP B CZ3 
832 C CH2 . TRP B 51 ? 0.1153  0.2970 0.1767 0.0061  0.0072  -0.0607 51 TRP B CH2 
833 N N   . TYR B 52 ? 0.1286  0.2174 0.1318 0.0233  0.0236  0.0194  52 TYR B N   
834 C CA  . TYR B 52 ? 0.2048  0.2702 0.1665 0.0353  0.0334  0.0289  52 TYR B CA  
835 C C   . TYR B 52 ? 0.2243  0.2734 0.1777 0.0202  0.0531  0.0312  52 TYR B C   
836 O O   . TYR B 52 ? 0.2608  0.2941 0.1800 0.0287  0.0635  0.0374  52 TYR B O   
837 C CB  . TYR B 52 ? 0.2771  0.3109 0.2076 0.0494  0.0346  0.0395  52 TYR B CB  
838 C CG  . TYR B 52 ? 0.3226  0.3852 0.2490 0.0736  0.0168  0.0349  52 TYR B CG  
839 C CD1 . TYR B 52 ? 0.3966  0.4809 0.3039 0.0923  0.0115  0.0312  52 TYR B CD1 
840 C CD2 . TYR B 52 ? 0.3229  0.4000 0.2672 0.0764  0.0057  0.0299  52 TYR B CD2 
841 C CE1 . TYR B 52 ? 0.4157  0.5422 0.3249 0.1126  -0.0052 0.0199  52 TYR B CE1 
842 C CE2 . TYR B 52 ? 0.3812  0.4973 0.3267 0.0959  -0.0088 0.0199  52 TYR B CE2 
843 C CZ  . TYR B 52 ? 0.3748  0.5195 0.3053 0.1131  -0.0147 0.0131  52 TYR B CZ  
844 O OH  . TYR B 52 ? 0.3865  0.5851 0.3233 0.1310  -0.0298 -0.0036 52 TYR B OH  
845 N N   . ILE B 53 ? 0.1858  0.2442 0.1700 -0.0010 0.0584  0.0241  53 ILE B N   
846 C CA  . ILE B 53 ? 0.2011  0.2569 0.1851 -0.0202 0.0795  0.0198  53 ILE B CA  
847 C C   . ILE B 53 ? 0.1624  0.2601 0.1759 -0.0231 0.0772  0.0078  53 ILE B C   
848 O O   . ILE B 53 ? 0.1831  0.2893 0.1997 -0.0381 0.0951  0.0012  53 ILE B O   
849 C CB  . ILE B 53 ? 0.2209  0.2680 0.2169 -0.0445 0.0928  0.0136  53 ILE B CB  
850 C CG1 . ILE B 53 ? 0.1701  0.2630 0.2148 -0.0491 0.0764  -0.0002 53 ILE B CG1 
851 C CG2 . ILE B 53 ? 0.2776  0.2677 0.2324 -0.0430 0.1034  0.0258  53 ILE B CG2 
852 C CD1 . ILE B 53 ? 0.2689  0.3771 0.3343 -0.0750 0.0889  -0.0152 53 ILE B CD1 
853 N N   . LYS B 54 ? 0.1185  0.2393 0.1499 -0.0096 0.0586  0.0034  54 LYS B N   
854 C CA  . LYS B 54 ? 0.0984  0.2503 0.1531 -0.0070 0.0555  -0.0081 54 LYS B CA  
855 C C   . LYS B 54 ? 0.1431  0.2977 0.1805 -0.0067 0.0687  -0.0096 54 LYS B C   
856 O O   . LYS B 54 ? 0.1485  0.3294 0.2045 -0.0079 0.0727  -0.0205 54 LYS B O   
857 C CB  . LYS B 54 ? 0.0810  0.2379 0.1434 0.0057  0.0388  -0.0115 54 LYS B CB  
858 C CG  . LYS B 54 ? 0.0912  0.2428 0.1302 0.0154  0.0344  -0.0106 54 LYS B CG  
859 C CD  . LYS B 54 ? 0.0597  0.2168 0.1105 0.0187  0.0228  -0.0195 54 LYS B CD  
860 C CE  . LYS B 54 ? 0.0675  0.2350 0.1007 0.0257  0.0175  -0.0253 54 LYS B CE  
861 N NZ  . LYS B 54 ? 0.1205  0.2837 0.1300 0.0359  0.0143  -0.0150 54 LYS B NZ  
862 O OXT . LYS B 54 ? 0.1791  0.3089 0.1797 -0.0024 0.0761  0.0003  54 LYS B OXT 
# 
loop_
_pdbx_poly_seq_scheme.asym_id 
_pdbx_poly_seq_scheme.entity_id 
_pdbx_poly_seq_scheme.seq_id 
_pdbx_poly_seq_scheme.mon_id 
_pdbx_poly_seq_scheme.ndb_seq_num 
_pdbx_poly_seq_scheme.pdb_seq_num 
_pdbx_poly_seq_scheme.auth_seq_num 
_pdbx_poly_seq_scheme.pdb_mon_id 
_pdbx_poly_seq_scheme.auth_mon_id 
_pdbx_poly_seq_scheme.pdb_strand_id 
_pdbx_poly_seq_scheme.pdb_ins_code 
_pdbx_poly_seq_scheme.hetero 
A 1 1  GLU 1  1  1  GLU GLU A . n 
A 1 2  TRP 2  2  2  TRP TRP A . n 
A 1 3  ASP 3  3  3  ASP ASP A . n 
A 1 4  ARG 4  4  4  ARG ARG A . n 
A 1 5  GLU 5  5  5  GLU GLU A . n 
A 1 6  ILE 6  6  6  ILE ILE A . n 
A 1 7  ASN 7  7  7  ASN ASN A . n 
A 1 8  ASN 8  8  8  ASN ASN A . n 
A 1 9  TYR 9  9  9  TYR TYR A . n 
A 1 10 THR 10 10 10 THR THR A . n 
A 1 11 SER 11 11 11 SER SER A . n 
A 1 12 LEU 12 12 12 LEU LEU A . n 
A 1 13 ILE 13 13 13 ILE ILE A . n 
A 1 14 HIS 14 14 14 HIS HIS A . n 
A 1 15 SER 15 15 15 SER SER A . n 
A 1 16 LEU 16 16 16 LEU LEU A . n 
A 1 17 ILE 17 17 17 ILE ILE A . n 
A 1 18 GLU 18 18 18 GLU GLU A . n 
A 1 19 GLU 19 19 19 GLU GLU A . n 
A 1 20 SER 20 20 20 SER SER A . n 
A 1 21 GLN 21 21 21 GLN GLN A . n 
A 1 22 ASN 22 22 22 ASN ASN A . n 
A 1 23 GLN 23 23 23 GLN GLN A . n 
A 1 24 GLN 24 24 24 GLN GLN A . n 
A 1 25 GLU 25 25 25 GLU GLU A . n 
A 1 26 LYS 26 26 26 LYS LYS A . n 
A 1 27 LEU 27 27 27 LEU LEU A . n 
A 1 28 GLU 28 28 28 GLU GLU A . n 
A 1 29 GLN 29 29 29 GLN GLN A . n 
A 1 30 GLU 30 30 30 GLU GLU A . n 
A 1 31 LEU 31 31 31 LEU LEU A . n 
A 1 32 LEU 32 32 32 LEU LEU A . n 
A 1 33 GLU 33 33 33 GLU GLU A . n 
A 1 34 LEU 34 34 34 LEU LEU A . n 
A 1 35 ASP 35 35 35 ASP ASP A . n 
A 1 36 LYS 36 36 36 LYS LYS A . n 
A 1 37 TRP 37 37 37 TRP TRP A . n 
A 1 38 ALA 38 38 38 ALA ALA A . n 
A 1 39 SER 39 39 39 SER SER A . n 
A 1 40 LEU 40 40 40 LEU LEU A . n 
A 1 41 TRP 41 41 41 TRP TRP A . n 
A 1 42 ASN 42 42 42 ASN ASN A . n 
A 1 43 TRP 43 43 43 TRP TRP A . n 
A 1 44 PHE 44 44 44 PHE PHE A . n 
A 1 45 ASN 45 45 45 ASN ASN A . n 
A 1 46 ILE 46 46 46 ILE ILE A . n 
A 1 47 THR 47 47 47 THR THR A . n 
A 1 48 ASN 48 48 48 ASN ASN A . n 
A 1 49 TRP 49 49 49 TRP TRP A . n 
A 1 50 LEU 50 50 50 LEU LEU A . n 
A 1 51 TRP 51 51 51 TRP TRP A . n 
A 1 52 TYR 52 52 52 TYR TYR A . n 
A 1 53 ILE 53 53 53 ILE ILE A . n 
A 1 54 LYS 54 54 54 LYS LYS A . n 
B 1 1  GLU 1  1  ?  ?   ?   B . n 
B 1 2  TRP 2  2  ?  ?   ?   B . n 
B 1 3  ASP 3  3  ?  ?   ?   B . n 
B 1 4  ARG 4  4  ?  ?   ?   B . n 
B 1 5  GLU 5  5  ?  ?   ?   B . n 
B 1 6  ILE 6  6  ?  ?   ?   B . n 
B 1 7  ASN 7  7  ?  ?   ?   B . n 
B 1 8  ASN 8  8  ?  ?   ?   B . n 
B 1 9  TYR 9  9  9  TYR TYR B . n 
B 1 10 THR 10 10 10 THR THR B . n 
B 1 11 SER 11 11 11 SER SER B . n 
B 1 12 LEU 12 12 12 LEU LEU B . n 
B 1 13 ILE 13 13 13 ILE ILE B . n 
B 1 14 HIS 14 14 14 HIS HIS B . n 
B 1 15 SER 15 15 15 SER SER B . n 
B 1 16 LEU 16 16 16 LEU LEU B . n 
B 1 17 ILE 17 17 17 ILE ILE B . n 
B 1 18 GLU 18 18 18 GLU GLU B . n 
B 1 19 GLU 19 19 19 GLU GLU B . n 
B 1 20 SER 20 20 20 SER SER B . n 
B 1 21 GLN 21 21 21 GLN GLN B . n 
B 1 22 ASN 22 22 22 ASN ASN B . n 
B 1 23 GLN 23 23 23 GLN GLN B . n 
B 1 24 GLN 24 24 24 GLN GLN B . n 
B 1 25 GLU 25 25 25 GLU GLU B . n 
B 1 26 LYS 26 26 26 LYS LYS B . n 
B 1 27 LEU 27 27 27 LEU LEU B . n 
B 1 28 GLU 28 28 28 GLU GLU B . n 
B 1 29 GLN 29 29 29 GLN GLN B . n 
B 1 30 GLU 30 30 30 GLU GLU B . n 
B 1 31 LEU 31 31 31 LEU LEU B . n 
B 1 32 LEU 32 32 32 LEU LEU B . n 
B 1 33 GLU 33 33 33 GLU GLU B . n 
B 1 34 LEU 34 34 34 LEU LEU B . n 
B 1 35 ASP 35 35 35 ASP ASP B . n 
B 1 36 LYS 36 36 36 LYS LYS B . n 
B 1 37 TRP 37 37 37 TRP TRP B . n 
B 1 38 ALA 38 38 38 ALA ALA B . n 
B 1 39 SER 39 39 39 SER SER B . n 
B 1 40 LEU 40 40 40 LEU LEU B . n 
B 1 41 TRP 41 41 41 TRP TRP B . n 
B 1 42 ASN 42 42 42 ASN ASN B . n 
B 1 43 TRP 43 43 43 TRP TRP B . n 
B 1 44 PHE 44 44 44 PHE PHE B . n 
B 1 45 ASN 45 45 45 ASN ASN B . n 
B 1 46 ILE 46 46 46 ILE ILE B . n 
B 1 47 THR 47 47 47 THR THR B . n 
B 1 48 ASN 48 48 48 ASN ASN B . n 
B 1 49 TRP 49 49 49 TRP TRP B . n 
B 1 50 LEU 50 50 50 LEU LEU B . n 
B 1 51 TRP 51 51 51 TRP TRP B . n 
B 1 52 TYR 52 52 52 TYR TYR B . n 
B 1 53 ILE 53 53 53 ILE ILE B . n 
B 1 54 LYS 54 54 54 LYS LYS B . n 
# 
loop_
_pdbx_nonpoly_scheme.asym_id 
_pdbx_nonpoly_scheme.entity_id 
_pdbx_nonpoly_scheme.mon_id 
_pdbx_nonpoly_scheme.ndb_seq_num 
_pdbx_nonpoly_scheme.pdb_seq_num 
_pdbx_nonpoly_scheme.auth_seq_num 
_pdbx_nonpoly_scheme.pdb_mon_id 
_pdbx_nonpoly_scheme.auth_mon_id 
_pdbx_nonpoly_scheme.pdb_strand_id 
_pdbx_nonpoly_scheme.pdb_ins_code 
C 2 HEZ 1  55  1  HEZ HEZ A . 
D 2 HEZ 1  56  5  HEZ HEZ A . 
E 2 HEZ 1  57  6  HEZ HEZ A . 
F 2 HEZ 1  58  7  HEZ HEZ A . 
G 2 HEZ 1  59  8  HEZ HEZ A . 
H 2 HEZ 1  55  2  HEZ HEZ B . 
I 2 HEZ 1  56  3  HEZ HEZ B . 
J 2 HEZ 1  57  4  HEZ HEZ B . 
K 3 HOH 1  60  60 HOH WAT A . 
K 3 HOH 2  61  1  HOH WAT A . 
K 3 HOH 3  62  62 HOH WAT A . 
K 3 HOH 4  63  5  HOH WAT A . 
K 3 HOH 5  64  64 HOH WAT A . 
K 3 HOH 6  65  6  HOH WAT A . 
K 3 HOH 7  66  66 HOH WAT A . 
K 3 HOH 8  67  67 HOH WAT A . 
K 3 HOH 9  68  7  HOH WAT A . 
K 3 HOH 10 69  10 HOH WAT A . 
K 3 HOH 11 70  14 HOH WAT A . 
K 3 HOH 12 71  71 HOH WAT A . 
K 3 HOH 13 72  15 HOH WAT A . 
K 3 HOH 14 73  17 HOH WAT A . 
K 3 HOH 15 74  74 HOH WAT A . 
K 3 HOH 16 75  75 HOH WAT A . 
K 3 HOH 17 76  76 HOH WAT A . 
K 3 HOH 18 77  77 HOH WAT A . 
K 3 HOH 19 78  78 HOH WAT A . 
K 3 HOH 20 79  18 HOH WAT A . 
K 3 HOH 21 80  19 HOH WAT A . 
K 3 HOH 22 81  20 HOH WAT A . 
K 3 HOH 23 82  23 HOH WAT A . 
K 3 HOH 24 83  25 HOH WAT A . 
K 3 HOH 25 84  26 HOH WAT A . 
K 3 HOH 26 85  27 HOH WAT A . 
K 3 HOH 27 86  28 HOH WAT A . 
K 3 HOH 28 87  29 HOH WAT A . 
K 3 HOH 29 88  30 HOH WAT A . 
K 3 HOH 30 89  31 HOH WAT A . 
K 3 HOH 31 90  34 HOH WAT A . 
K 3 HOH 32 91  35 HOH WAT A . 
K 3 HOH 33 92  36 HOH WAT A . 
K 3 HOH 34 93  39 HOH WAT A . 
K 3 HOH 35 94  41 HOH WAT A . 
K 3 HOH 36 95  42 HOH WAT A . 
K 3 HOH 37 96  43 HOH WAT A . 
K 3 HOH 38 97  44 HOH WAT A . 
K 3 HOH 39 98  46 HOH WAT A . 
K 3 HOH 40 99  47 HOH WAT A . 
K 3 HOH 41 100 48 HOH WAT A . 
K 3 HOH 42 101 53 HOH WAT A . 
K 3 HOH 43 102 54 HOH WAT A . 
K 3 HOH 44 103 55 HOH WAT A . 
K 3 HOH 45 104 58 HOH WAT A . 
K 3 HOH 46 105 59 HOH WAT A . 
L 3 HOH 1  58  2  HOH WAT B . 
L 3 HOH 2  59  3  HOH WAT B . 
L 3 HOH 3  60  4  HOH WAT B . 
L 3 HOH 4  61  61 HOH WAT B . 
L 3 HOH 5  62  8  HOH WAT B . 
L 3 HOH 6  63  63 HOH WAT B . 
L 3 HOH 7  64  9  HOH WAT B . 
L 3 HOH 8  65  65 HOH WAT B . 
L 3 HOH 9  66  11 HOH WAT B . 
L 3 HOH 10 67  12 HOH WAT B . 
L 3 HOH 11 68  68 HOH WAT B . 
L 3 HOH 12 69  69 HOH WAT B . 
L 3 HOH 13 70  70 HOH WAT B . 
L 3 HOH 14 71  13 HOH WAT B . 
L 3 HOH 15 72  72 HOH WAT B . 
L 3 HOH 16 73  73 HOH WAT B . 
L 3 HOH 17 74  16 HOH WAT B . 
L 3 HOH 18 75  21 HOH WAT B . 
L 3 HOH 19 76  22 HOH WAT B . 
L 3 HOH 20 77  24 HOH WAT B . 
L 3 HOH 21 78  32 HOH WAT B . 
L 3 HOH 22 79  33 HOH WAT B . 
L 3 HOH 23 80  37 HOH WAT B . 
L 3 HOH 24 81  38 HOH WAT B . 
L 3 HOH 25 82  40 HOH WAT B . 
L 3 HOH 26 83  45 HOH WAT B . 
L 3 HOH 27 84  49 HOH WAT B . 
L 3 HOH 28 85  50 HOH WAT B . 
L 3 HOH 29 86  51 HOH WAT B . 
L 3 HOH 30 87  52 HOH WAT B . 
L 3 HOH 31 88  56 HOH WAT B . 
L 3 HOH 32 89  57 HOH WAT B . 
# 
_pdbx_struct_assembly.id                   1 
_pdbx_struct_assembly.details              author_and_software_defined_assembly 
_pdbx_struct_assembly.method_details       PISA 
_pdbx_struct_assembly.oligomeric_details   dimeric 
_pdbx_struct_assembly.oligomeric_count     2 
# 
_pdbx_struct_assembly_gen.assembly_id       1 
_pdbx_struct_assembly_gen.oper_expression   1 
_pdbx_struct_assembly_gen.asym_id_list      A,B,C,D,E,F,G,H,I,J,K,L 
# 
loop_
_pdbx_struct_assembly_prop.biol_id 
_pdbx_struct_assembly_prop.type 
_pdbx_struct_assembly_prop.value 
_pdbx_struct_assembly_prop.details 
1 'ABSA (A^2)' 2030  ? 
1 MORE         -5    ? 
1 'SSA (A^2)'  10360 ? 
# 
_pdbx_struct_oper_list.id                   1 
_pdbx_struct_oper_list.type                 'identity operation' 
_pdbx_struct_oper_list.name                 1_555 
_pdbx_struct_oper_list.symmetry_operation   x,y,z 
_pdbx_struct_oper_list.matrix[1][1]         1.0000000000 
_pdbx_struct_oper_list.matrix[1][2]         0.0000000000 
_pdbx_struct_oper_list.matrix[1][3]         0.0000000000 
_pdbx_struct_oper_list.vector[1]            0.0000000000 
_pdbx_struct_oper_list.matrix[2][1]         0.0000000000 
_pdbx_struct_oper_list.matrix[2][2]         1.0000000000 
_pdbx_struct_oper_list.matrix[2][3]         0.0000000000 
_pdbx_struct_oper_list.vector[2]            0.0000000000 
_pdbx_struct_oper_list.matrix[3][1]         0.0000000000 
_pdbx_struct_oper_list.matrix[3][2]         0.0000000000 
_pdbx_struct_oper_list.matrix[3][3]         1.0000000000 
_pdbx_struct_oper_list.vector[3]            0.0000000000 
# 
loop_
_pdbx_audit_revision_history.ordinal 
_pdbx_audit_revision_history.data_content_type 
_pdbx_audit_revision_history.major_revision 
_pdbx_audit_revision_history.minor_revision 
_pdbx_audit_revision_history.revision_date 
1 'Structure model' 1 0 2009-12-15 
2 'Structure model' 1 1 2011-07-13 
3 'Structure model' 1 2 2013-06-19 
4 'Structure model' 1 3 2021-10-13 
5 'Structure model' 1 4 2023-09-06 
# 
_pdbx_audit_revision_details.ordinal             1 
_pdbx_audit_revision_details.revision_ordinal    1 
_pdbx_audit_revision_details.data_content_type   'Structure model' 
_pdbx_audit_revision_details.provider            repository 
_pdbx_audit_revision_details.type                'Initial release' 
_pdbx_audit_revision_details.description         ? 
_pdbx_audit_revision_details.details             ? 
# 
loop_
_pdbx_audit_revision_group.ordinal 
_pdbx_audit_revision_group.revision_ordinal 
_pdbx_audit_revision_group.data_content_type 
_pdbx_audit_revision_group.group 
1 2 'Structure model' 'Version format compliance' 
2 3 'Structure model' 'Database references'       
3 4 'Structure model' 'Database references'       
4 4 'Structure model' 'Derived calculations'      
5 5 'Structure model' 'Data collection'           
6 5 'Structure model' 'Refinement description'    
# 
loop_
_pdbx_audit_revision_category.ordinal 
_pdbx_audit_revision_category.revision_ordinal 
_pdbx_audit_revision_category.data_content_type 
_pdbx_audit_revision_category.category 
1 4 'Structure model' database_2                    
2 4 'Structure model' struct_ref_seq_dif            
3 4 'Structure model' struct_site                   
4 5 'Structure model' chem_comp_atom                
5 5 'Structure model' chem_comp_bond                
6 5 'Structure model' pdbx_initial_refinement_model 
# 
loop_
_pdbx_audit_revision_item.ordinal 
_pdbx_audit_revision_item.revision_ordinal 
_pdbx_audit_revision_item.data_content_type 
_pdbx_audit_revision_item.item 
1 4 'Structure model' '_database_2.pdbx_DOI'                
2 4 'Structure model' '_database_2.pdbx_database_accession' 
3 4 'Structure model' '_struct_ref_seq_dif.details'         
4 4 'Structure model' '_struct_site.pdbx_auth_asym_id'      
5 4 'Structure model' '_struct_site.pdbx_auth_comp_id'      
6 4 'Structure model' '_struct_site.pdbx_auth_seq_id'       
# 
loop_
_pdbx_refine_tls.id 
_pdbx_refine_tls.details 
_pdbx_refine_tls.method 
_pdbx_refine_tls.origin_x 
_pdbx_refine_tls.origin_y 
_pdbx_refine_tls.origin_z 
_pdbx_refine_tls.T[1][1] 
_pdbx_refine_tls.T[2][2] 
_pdbx_refine_tls.T[3][3] 
_pdbx_refine_tls.T[1][2] 
_pdbx_refine_tls.T[1][3] 
_pdbx_refine_tls.T[2][3] 
_pdbx_refine_tls.L[1][1] 
_pdbx_refine_tls.L[2][2] 
_pdbx_refine_tls.L[3][3] 
_pdbx_refine_tls.L[1][2] 
_pdbx_refine_tls.L[1][3] 
_pdbx_refine_tls.L[2][3] 
_pdbx_refine_tls.S[1][1] 
_pdbx_refine_tls.S[1][2] 
_pdbx_refine_tls.S[1][3] 
_pdbx_refine_tls.S[2][1] 
_pdbx_refine_tls.S[2][2] 
_pdbx_refine_tls.S[2][3] 
_pdbx_refine_tls.S[3][1] 
_pdbx_refine_tls.S[3][2] 
_pdbx_refine_tls.S[3][3] 
_pdbx_refine_tls.pdbx_refine_id 
1 ? refined 0.2778 7.7480  9.9690   0.0040  -0.0838 -0.1115 0.0098 -0.0256 -0.0099 0.2436 1.2571 7.1197 0.4525  1.0559  2.9906 -0.0189 0.1094  -0.0574 -0.1319 0.0945 -0.0036 0.0316  0.2452 -0.0756 'X-RAY DIFFRACTION' 
2 ? refined 0.1383 -9.6569 -14.8052 -0.1018 -0.0578 -0.1510 0.0187 -0.0185 -0.0329 2.7555 2.6757 7.4761 -1.2092 -2.4346 2.8368 -0.0554 -0.4850 0.2045  0.4299  0.1190 -0.0506 -0.0999 0.1785 -0.0635 'X-RAY DIFFRACTION' 
# 
loop_
_pdbx_refine_tls_group.id 
_pdbx_refine_tls_group.refine_tls_id 
_pdbx_refine_tls_group.beg_auth_asym_id 
_pdbx_refine_tls_group.beg_auth_seq_id 
_pdbx_refine_tls_group.beg_label_asym_id 
_pdbx_refine_tls_group.beg_label_seq_id 
_pdbx_refine_tls_group.end_auth_asym_id 
_pdbx_refine_tls_group.end_auth_seq_id 
_pdbx_refine_tls_group.end_label_asym_id 
_pdbx_refine_tls_group.end_label_seq_id 
_pdbx_refine_tls_group.selection 
_pdbx_refine_tls_group.selection_details 
_pdbx_refine_tls_group.pdbx_refine_id 
1 1 A 1 ? ? A 54 ? ? ? ? 'X-RAY DIFFRACTION' 
2 2 B 9 ? ? B 54 ? ? ? ? 'X-RAY DIFFRACTION' 
# 
loop_
_software.name 
_software.classification 
_software.version 
_software.citation_id 
_software.pdbx_ordinal 
ADSC      'data collection' Quantum  ? 1 
MOLREP    phasing           .        ? 2 
REFMAC    refinement        5.2.0019 ? 3 
DENZO     'data reduction'  .        ? 4 
SCALEPACK 'data scaling'    .        ? 5 
# 
loop_
_pdbx_validate_rmsd_bond.id 
_pdbx_validate_rmsd_bond.PDB_model_num 
_pdbx_validate_rmsd_bond.auth_atom_id_1 
_pdbx_validate_rmsd_bond.auth_asym_id_1 
_pdbx_validate_rmsd_bond.auth_comp_id_1 
_pdbx_validate_rmsd_bond.auth_seq_id_1 
_pdbx_validate_rmsd_bond.PDB_ins_code_1 
_pdbx_validate_rmsd_bond.label_alt_id_1 
_pdbx_validate_rmsd_bond.auth_atom_id_2 
_pdbx_validate_rmsd_bond.auth_asym_id_2 
_pdbx_validate_rmsd_bond.auth_comp_id_2 
_pdbx_validate_rmsd_bond.auth_seq_id_2 
_pdbx_validate_rmsd_bond.PDB_ins_code_2 
_pdbx_validate_rmsd_bond.label_alt_id_2 
_pdbx_validate_rmsd_bond.bond_value 
_pdbx_validate_rmsd_bond.bond_target_value 
_pdbx_validate_rmsd_bond.bond_deviation 
_pdbx_validate_rmsd_bond.bond_standard_deviation 
_pdbx_validate_rmsd_bond.linker_flag 
1 1 C B TYR 9  ? ? O  B TYR 9  ? ? 1.407 1.229 0.178 0.019 N 
2 1 N B THR 10 ? ? CA B THR 10 ? ? 1.607 1.459 0.148 0.020 N 
# 
loop_
_pdbx_unobs_or_zero_occ_atoms.id 
_pdbx_unobs_or_zero_occ_atoms.PDB_model_num 
_pdbx_unobs_or_zero_occ_atoms.polymer_flag 
_pdbx_unobs_or_zero_occ_atoms.occupancy_flag 
_pdbx_unobs_or_zero_occ_atoms.auth_asym_id 
_pdbx_unobs_or_zero_occ_atoms.auth_comp_id 
_pdbx_unobs_or_zero_occ_atoms.auth_seq_id 
_pdbx_unobs_or_zero_occ_atoms.PDB_ins_code 
_pdbx_unobs_or_zero_occ_atoms.auth_atom_id 
_pdbx_unobs_or_zero_occ_atoms.label_alt_id 
_pdbx_unobs_or_zero_occ_atoms.label_asym_id 
_pdbx_unobs_or_zero_occ_atoms.label_comp_id 
_pdbx_unobs_or_zero_occ_atoms.label_seq_id 
_pdbx_unobs_or_zero_occ_atoms.label_atom_id 
1  1 Y 1 A LYS 54 ? CD  ? A LYS 54 CD  
2  1 Y 1 A LYS 54 ? CE  ? A LYS 54 CE  
3  1 Y 1 A LYS 54 ? NZ  ? A LYS 54 NZ  
4  1 Y 1 B TYR 9  ? CG  ? B TYR 9  CG  
5  1 Y 1 B TYR 9  ? CD1 ? B TYR 9  CD1 
6  1 Y 1 B TYR 9  ? CD2 ? B TYR 9  CD2 
7  1 Y 1 B TYR 9  ? CE1 ? B TYR 9  CE1 
8  1 Y 1 B TYR 9  ? CE2 ? B TYR 9  CE2 
9  1 Y 1 B TYR 9  ? CZ  ? B TYR 9  CZ  
10 1 Y 1 B TYR 9  ? OH  ? B TYR 9  OH  
11 1 Y 1 B THR 10 ? CB  ? B THR 10 CB  
12 1 Y 1 B THR 10 ? OG1 ? B THR 10 OG1 
13 1 Y 1 B THR 10 ? CG2 ? B THR 10 CG2 
14 1 Y 1 B SER 11 ? CB  ? B SER 11 CB  
15 1 Y 1 B SER 11 ? OG  ? B SER 11 OG  
16 1 Y 1 B HIS 14 ? CB  ? B HIS 14 CB  
17 1 Y 1 B HIS 14 ? CG  ? B HIS 14 CG  
18 1 Y 1 B HIS 14 ? ND1 ? B HIS 14 ND1 
19 1 Y 1 B HIS 14 ? CD2 ? B HIS 14 CD2 
20 1 Y 1 B HIS 14 ? CE1 ? B HIS 14 CE1 
21 1 Y 1 B HIS 14 ? NE2 ? B HIS 14 NE2 
22 1 Y 1 B GLU 18 ? CG  ? B GLU 18 CG  
23 1 Y 1 B GLU 18 ? CD  ? B GLU 18 CD  
24 1 Y 1 B GLU 18 ? OE1 ? B GLU 18 OE1 
25 1 Y 1 B GLU 18 ? OE2 ? B GLU 18 OE2 
26 1 Y 1 B GLU 19 ? CG  ? B GLU 19 CG  
27 1 Y 1 B GLU 19 ? CD  ? B GLU 19 CD  
28 1 Y 1 B GLU 19 ? OE1 ? B GLU 19 OE1 
29 1 Y 1 B GLU 19 ? OE2 ? B GLU 19 OE2 
30 1 Y 1 B ASN 22 ? OD1 ? B ASN 22 OD1 
31 1 Y 1 B ASN 22 ? ND2 ? B ASN 22 ND2 
32 1 Y 1 B GLN 23 ? CG  ? B GLN 23 CG  
33 1 Y 1 B GLN 23 ? CD  ? B GLN 23 CD  
34 1 Y 1 B GLN 23 ? OE1 ? B GLN 23 OE1 
35 1 Y 1 B GLN 23 ? NE2 ? B GLN 23 NE2 
36 1 Y 1 B LYS 26 ? CE  ? B LYS 26 CE  
37 1 Y 1 B LYS 26 ? NZ  ? B LYS 26 NZ  
# 
loop_
_pdbx_unobs_or_zero_occ_residues.id 
_pdbx_unobs_or_zero_occ_residues.PDB_model_num 
_pdbx_unobs_or_zero_occ_residues.polymer_flag 
_pdbx_unobs_or_zero_occ_residues.occupancy_flag 
_pdbx_unobs_or_zero_occ_residues.auth_asym_id 
_pdbx_unobs_or_zero_occ_residues.auth_comp_id 
_pdbx_unobs_or_zero_occ_residues.auth_seq_id 
_pdbx_unobs_or_zero_occ_residues.PDB_ins_code 
_pdbx_unobs_or_zero_occ_residues.label_asym_id 
_pdbx_unobs_or_zero_occ_residues.label_comp_id 
_pdbx_unobs_or_zero_occ_residues.label_seq_id 
1 1 Y 1 B GLU 1 ? B GLU 1 
2 1 Y 1 B TRP 2 ? B TRP 2 
3 1 Y 1 B ASP 3 ? B ASP 3 
4 1 Y 1 B ARG 4 ? B ARG 4 
5 1 Y 1 B GLU 5 ? B GLU 5 
6 1 Y 1 B ILE 6 ? B ILE 6 
7 1 Y 1 B ASN 7 ? B ASN 7 
8 1 Y 1 B ASN 8 ? B ASN 8 
# 
loop_
_chem_comp_atom.comp_id 
_chem_comp_atom.atom_id 
_chem_comp_atom.type_symbol 
_chem_comp_atom.pdbx_aromatic_flag 
_chem_comp_atom.pdbx_stereo_config 
_chem_comp_atom.pdbx_ordinal 
ALA N    N N N 1   
ALA CA   C N S 2   
ALA C    C N N 3   
ALA O    O N N 4   
ALA CB   C N N 5   
ALA OXT  O N N 6   
ALA H    H N N 7   
ALA H2   H N N 8   
ALA HA   H N N 9   
ALA HB1  H N N 10  
ALA HB2  H N N 11  
ALA HB3  H N N 12  
ALA HXT  H N N 13  
ARG N    N N N 14  
ARG CA   C N S 15  
ARG C    C N N 16  
ARG O    O N N 17  
ARG CB   C N N 18  
ARG CG   C N N 19  
ARG CD   C N N 20  
ARG NE   N N N 21  
ARG CZ   C N N 22  
ARG NH1  N N N 23  
ARG NH2  N N N 24  
ARG OXT  O N N 25  
ARG H    H N N 26  
ARG H2   H N N 27  
ARG HA   H N N 28  
ARG HB2  H N N 29  
ARG HB3  H N N 30  
ARG HG2  H N N 31  
ARG HG3  H N N 32  
ARG HD2  H N N 33  
ARG HD3  H N N 34  
ARG HE   H N N 35  
ARG HH11 H N N 36  
ARG HH12 H N N 37  
ARG HH21 H N N 38  
ARG HH22 H N N 39  
ARG HXT  H N N 40  
ASN N    N N N 41  
ASN CA   C N S 42  
ASN C    C N N 43  
ASN O    O N N 44  
ASN CB   C N N 45  
ASN CG   C N N 46  
ASN OD1  O N N 47  
ASN ND2  N N N 48  
ASN OXT  O N N 49  
ASN H    H N N 50  
ASN H2   H N N 51  
ASN HA   H N N 52  
ASN HB2  H N N 53  
ASN HB3  H N N 54  
ASN HD21 H N N 55  
ASN HD22 H N N 56  
ASN HXT  H N N 57  
ASP N    N N N 58  
ASP CA   C N S 59  
ASP C    C N N 60  
ASP O    O N N 61  
ASP CB   C N N 62  
ASP CG   C N N 63  
ASP OD1  O N N 64  
ASP OD2  O N N 65  
ASP OXT  O N N 66  
ASP H    H N N 67  
ASP H2   H N N 68  
ASP HA   H N N 69  
ASP HB2  H N N 70  
ASP HB3  H N N 71  
ASP HD2  H N N 72  
ASP HXT  H N N 73  
GLN N    N N N 74  
GLN CA   C N S 75  
GLN C    C N N 76  
GLN O    O N N 77  
GLN CB   C N N 78  
GLN CG   C N N 79  
GLN CD   C N N 80  
GLN OE1  O N N 81  
GLN NE2  N N N 82  
GLN OXT  O N N 83  
GLN H    H N N 84  
GLN H2   H N N 85  
GLN HA   H N N 86  
GLN HB2  H N N 87  
GLN HB3  H N N 88  
GLN HG2  H N N 89  
GLN HG3  H N N 90  
GLN HE21 H N N 91  
GLN HE22 H N N 92  
GLN HXT  H N N 93  
GLU N    N N N 94  
GLU CA   C N S 95  
GLU C    C N N 96  
GLU O    O N N 97  
GLU CB   C N N 98  
GLU CG   C N N 99  
GLU CD   C N N 100 
GLU OE1  O N N 101 
GLU OE2  O N N 102 
GLU OXT  O N N 103 
GLU H    H N N 104 
GLU H2   H N N 105 
GLU HA   H N N 106 
GLU HB2  H N N 107 
GLU HB3  H N N 108 
GLU HG2  H N N 109 
GLU HG3  H N N 110 
GLU HE2  H N N 111 
GLU HXT  H N N 112 
HEZ O1   O N N 113 
HEZ C1   C N N 114 
HEZ C2   C N N 115 
HEZ C3   C N N 116 
HEZ C4   C N N 117 
HEZ C5   C N N 118 
HEZ C6   C N N 119 
HEZ O6   O N N 120 
HEZ HO1  H N N 121 
HEZ H11  H N N 122 
HEZ H12  H N N 123 
HEZ H21  H N N 124 
HEZ H22  H N N 125 
HEZ H31  H N N 126 
HEZ H32  H N N 127 
HEZ H41  H N N 128 
HEZ H42  H N N 129 
HEZ H51  H N N 130 
HEZ H52  H N N 131 
HEZ H61  H N N 132 
HEZ H62  H N N 133 
HEZ HO6  H N N 134 
HIS N    N N N 135 
HIS CA   C N S 136 
HIS C    C N N 137 
HIS O    O N N 138 
HIS CB   C N N 139 
HIS CG   C Y N 140 
HIS ND1  N Y N 141 
HIS CD2  C Y N 142 
HIS CE1  C Y N 143 
HIS NE2  N Y N 144 
HIS OXT  O N N 145 
HIS H    H N N 146 
HIS H2   H N N 147 
HIS HA   H N N 148 
HIS HB2  H N N 149 
HIS HB3  H N N 150 
HIS HD1  H N N 151 
HIS HD2  H N N 152 
HIS HE1  H N N 153 
HIS HE2  H N N 154 
HIS HXT  H N N 155 
HOH O    O N N 156 
HOH H1   H N N 157 
HOH H2   H N N 158 
ILE N    N N N 159 
ILE CA   C N S 160 
ILE C    C N N 161 
ILE O    O N N 162 
ILE CB   C N S 163 
ILE CG1  C N N 164 
ILE CG2  C N N 165 
ILE CD1  C N N 166 
ILE OXT  O N N 167 
ILE H    H N N 168 
ILE H2   H N N 169 
ILE HA   H N N 170 
ILE HB   H N N 171 
ILE HG12 H N N 172 
ILE HG13 H N N 173 
ILE HG21 H N N 174 
ILE HG22 H N N 175 
ILE HG23 H N N 176 
ILE HD11 H N N 177 
ILE HD12 H N N 178 
ILE HD13 H N N 179 
ILE HXT  H N N 180 
LEU N    N N N 181 
LEU CA   C N S 182 
LEU C    C N N 183 
LEU O    O N N 184 
LEU CB   C N N 185 
LEU CG   C N N 186 
LEU CD1  C N N 187 
LEU CD2  C N N 188 
LEU OXT  O N N 189 
LEU H    H N N 190 
LEU H2   H N N 191 
LEU HA   H N N 192 
LEU HB2  H N N 193 
LEU HB3  H N N 194 
LEU HG   H N N 195 
LEU HD11 H N N 196 
LEU HD12 H N N 197 
LEU HD13 H N N 198 
LEU HD21 H N N 199 
LEU HD22 H N N 200 
LEU HD23 H N N 201 
LEU HXT  H N N 202 
LYS N    N N N 203 
LYS CA   C N S 204 
LYS C    C N N 205 
LYS O    O N N 206 
LYS CB   C N N 207 
LYS CG   C N N 208 
LYS CD   C N N 209 
LYS CE   C N N 210 
LYS NZ   N N N 211 
LYS OXT  O N N 212 
LYS H    H N N 213 
LYS H2   H N N 214 
LYS HA   H N N 215 
LYS HB2  H N N 216 
LYS HB3  H N N 217 
LYS HG2  H N N 218 
LYS HG3  H N N 219 
LYS HD2  H N N 220 
LYS HD3  H N N 221 
LYS HE2  H N N 222 
LYS HE3  H N N 223 
LYS HZ1  H N N 224 
LYS HZ2  H N N 225 
LYS HZ3  H N N 226 
LYS HXT  H N N 227 
PHE N    N N N 228 
PHE CA   C N S 229 
PHE C    C N N 230 
PHE O    O N N 231 
PHE CB   C N N 232 
PHE CG   C Y N 233 
PHE CD1  C Y N 234 
PHE CD2  C Y N 235 
PHE CE1  C Y N 236 
PHE CE2  C Y N 237 
PHE CZ   C Y N 238 
PHE OXT  O N N 239 
PHE H    H N N 240 
PHE H2   H N N 241 
PHE HA   H N N 242 
PHE HB2  H N N 243 
PHE HB3  H N N 244 
PHE HD1  H N N 245 
PHE HD2  H N N 246 
PHE HE1  H N N 247 
PHE HE2  H N N 248 
PHE HZ   H N N 249 
PHE HXT  H N N 250 
SER N    N N N 251 
SER CA   C N S 252 
SER C    C N N 253 
SER O    O N N 254 
SER CB   C N N 255 
SER OG   O N N 256 
SER OXT  O N N 257 
SER H    H N N 258 
SER H2   H N N 259 
SER HA   H N N 260 
SER HB2  H N N 261 
SER HB3  H N N 262 
SER HG   H N N 263 
SER HXT  H N N 264 
THR N    N N N 265 
THR CA   C N S 266 
THR C    C N N 267 
THR O    O N N 268 
THR CB   C N R 269 
THR OG1  O N N 270 
THR CG2  C N N 271 
THR OXT  O N N 272 
THR H    H N N 273 
THR H2   H N N 274 
THR HA   H N N 275 
THR HB   H N N 276 
THR HG1  H N N 277 
THR HG21 H N N 278 
THR HG22 H N N 279 
THR HG23 H N N 280 
THR HXT  H N N 281 
TRP N    N N N 282 
TRP CA   C N S 283 
TRP C    C N N 284 
TRP O    O N N 285 
TRP CB   C N N 286 
TRP CG   C Y N 287 
TRP CD1  C Y N 288 
TRP CD2  C Y N 289 
TRP NE1  N Y N 290 
TRP CE2  C Y N 291 
TRP CE3  C Y N 292 
TRP CZ2  C Y N 293 
TRP CZ3  C Y N 294 
TRP CH2  C Y N 295 
TRP OXT  O N N 296 
TRP H    H N N 297 
TRP H2   H N N 298 
TRP HA   H N N 299 
TRP HB2  H N N 300 
TRP HB3  H N N 301 
TRP HD1  H N N 302 
TRP HE1  H N N 303 
TRP HE3  H N N 304 
TRP HZ2  H N N 305 
TRP HZ3  H N N 306 
TRP HH2  H N N 307 
TRP HXT  H N N 308 
TYR N    N N N 309 
TYR CA   C N S 310 
TYR C    C N N 311 
TYR O    O N N 312 
TYR CB   C N N 313 
TYR CG   C Y N 314 
TYR CD1  C Y N 315 
TYR CD2  C Y N 316 
TYR CE1  C Y N 317 
TYR CE2  C Y N 318 
TYR CZ   C Y N 319 
TYR OH   O N N 320 
TYR OXT  O N N 321 
TYR H    H N N 322 
TYR H2   H N N 323 
TYR HA   H N N 324 
TYR HB2  H N N 325 
TYR HB3  H N N 326 
TYR HD1  H N N 327 
TYR HD2  H N N 328 
TYR HE1  H N N 329 
TYR HE2  H N N 330 
TYR HH   H N N 331 
TYR HXT  H N N 332 
# 
loop_
_chem_comp_bond.comp_id 
_chem_comp_bond.atom_id_1 
_chem_comp_bond.atom_id_2 
_chem_comp_bond.value_order 
_chem_comp_bond.pdbx_aromatic_flag 
_chem_comp_bond.pdbx_stereo_config 
_chem_comp_bond.pdbx_ordinal 
ALA N   CA   sing N N 1   
ALA N   H    sing N N 2   
ALA N   H2   sing N N 3   
ALA CA  C    sing N N 4   
ALA CA  CB   sing N N 5   
ALA CA  HA   sing N N 6   
ALA C   O    doub N N 7   
ALA C   OXT  sing N N 8   
ALA CB  HB1  sing N N 9   
ALA CB  HB2  sing N N 10  
ALA CB  HB3  sing N N 11  
ALA OXT HXT  sing N N 12  
ARG N   CA   sing N N 13  
ARG N   H    sing N N 14  
ARG N   H2   sing N N 15  
ARG CA  C    sing N N 16  
ARG CA  CB   sing N N 17  
ARG CA  HA   sing N N 18  
ARG C   O    doub N N 19  
ARG C   OXT  sing N N 20  
ARG CB  CG   sing N N 21  
ARG CB  HB2  sing N N 22  
ARG CB  HB3  sing N N 23  
ARG CG  CD   sing N N 24  
ARG CG  HG2  sing N N 25  
ARG CG  HG3  sing N N 26  
ARG CD  NE   sing N N 27  
ARG CD  HD2  sing N N 28  
ARG CD  HD3  sing N N 29  
ARG NE  CZ   sing N N 30  
ARG NE  HE   sing N N 31  
ARG CZ  NH1  sing N N 32  
ARG CZ  NH2  doub N N 33  
ARG NH1 HH11 sing N N 34  
ARG NH1 HH12 sing N N 35  
ARG NH2 HH21 sing N N 36  
ARG NH2 HH22 sing N N 37  
ARG OXT HXT  sing N N 38  
ASN N   CA   sing N N 39  
ASN N   H    sing N N 40  
ASN N   H2   sing N N 41  
ASN CA  C    sing N N 42  
ASN CA  CB   sing N N 43  
ASN CA  HA   sing N N 44  
ASN C   O    doub N N 45  
ASN C   OXT  sing N N 46  
ASN CB  CG   sing N N 47  
ASN CB  HB2  sing N N 48  
ASN CB  HB3  sing N N 49  
ASN CG  OD1  doub N N 50  
ASN CG  ND2  sing N N 51  
ASN ND2 HD21 sing N N 52  
ASN ND2 HD22 sing N N 53  
ASN OXT HXT  sing N N 54  
ASP N   CA   sing N N 55  
ASP N   H    sing N N 56  
ASP N   H2   sing N N 57  
ASP CA  C    sing N N 58  
ASP CA  CB   sing N N 59  
ASP CA  HA   sing N N 60  
ASP C   O    doub N N 61  
ASP C   OXT  sing N N 62  
ASP CB  CG   sing N N 63  
ASP CB  HB2  sing N N 64  
ASP CB  HB3  sing N N 65  
ASP CG  OD1  doub N N 66  
ASP CG  OD2  sing N N 67  
ASP OD2 HD2  sing N N 68  
ASP OXT HXT  sing N N 69  
GLN N   CA   sing N N 70  
GLN N   H    sing N N 71  
GLN N   H2   sing N N 72  
GLN CA  C    sing N N 73  
GLN CA  CB   sing N N 74  
GLN CA  HA   sing N N 75  
GLN C   O    doub N N 76  
GLN C   OXT  sing N N 77  
GLN CB  CG   sing N N 78  
GLN CB  HB2  sing N N 79  
GLN CB  HB3  sing N N 80  
GLN CG  CD   sing N N 81  
GLN CG  HG2  sing N N 82  
GLN CG  HG3  sing N N 83  
GLN CD  OE1  doub N N 84  
GLN CD  NE2  sing N N 85  
GLN NE2 HE21 sing N N 86  
GLN NE2 HE22 sing N N 87  
GLN OXT HXT  sing N N 88  
GLU N   CA   sing N N 89  
GLU N   H    sing N N 90  
GLU N   H2   sing N N 91  
GLU CA  C    sing N N 92  
GLU CA  CB   sing N N 93  
GLU CA  HA   sing N N 94  
GLU C   O    doub N N 95  
GLU C   OXT  sing N N 96  
GLU CB  CG   sing N N 97  
GLU CB  HB2  sing N N 98  
GLU CB  HB3  sing N N 99  
GLU CG  CD   sing N N 100 
GLU CG  HG2  sing N N 101 
GLU CG  HG3  sing N N 102 
GLU CD  OE1  doub N N 103 
GLU CD  OE2  sing N N 104 
GLU OE2 HE2  sing N N 105 
GLU OXT HXT  sing N N 106 
HEZ O1  C1   sing N N 107 
HEZ O1  HO1  sing N N 108 
HEZ C1  C2   sing N N 109 
HEZ C1  H11  sing N N 110 
HEZ C1  H12  sing N N 111 
HEZ C2  C3   sing N N 112 
HEZ C2  H21  sing N N 113 
HEZ C2  H22  sing N N 114 
HEZ C3  C4   sing N N 115 
HEZ C3  H31  sing N N 116 
HEZ C3  H32  sing N N 117 
HEZ C4  C5   sing N N 118 
HEZ C4  H41  sing N N 119 
HEZ C4  H42  sing N N 120 
HEZ C5  C6   sing N N 121 
HEZ C5  H51  sing N N 122 
HEZ C5  H52  sing N N 123 
HEZ C6  O6   sing N N 124 
HEZ C6  H61  sing N N 125 
HEZ C6  H62  sing N N 126 
HEZ O6  HO6  sing N N 127 
HIS N   CA   sing N N 128 
HIS N   H    sing N N 129 
HIS N   H2   sing N N 130 
HIS CA  C    sing N N 131 
HIS CA  CB   sing N N 132 
HIS CA  HA   sing N N 133 
HIS C   O    doub N N 134 
HIS C   OXT  sing N N 135 
HIS CB  CG   sing N N 136 
HIS CB  HB2  sing N N 137 
HIS CB  HB3  sing N N 138 
HIS CG  ND1  sing Y N 139 
HIS CG  CD2  doub Y N 140 
HIS ND1 CE1  doub Y N 141 
HIS ND1 HD1  sing N N 142 
HIS CD2 NE2  sing Y N 143 
HIS CD2 HD2  sing N N 144 
HIS CE1 NE2  sing Y N 145 
HIS CE1 HE1  sing N N 146 
HIS NE2 HE2  sing N N 147 
HIS OXT HXT  sing N N 148 
HOH O   H1   sing N N 149 
HOH O   H2   sing N N 150 
ILE N   CA   sing N N 151 
ILE N   H    sing N N 152 
ILE N   H2   sing N N 153 
ILE CA  C    sing N N 154 
ILE CA  CB   sing N N 155 
ILE CA  HA   sing N N 156 
ILE C   O    doub N N 157 
ILE C   OXT  sing N N 158 
ILE CB  CG1  sing N N 159 
ILE CB  CG2  sing N N 160 
ILE CB  HB   sing N N 161 
ILE CG1 CD1  sing N N 162 
ILE CG1 HG12 sing N N 163 
ILE CG1 HG13 sing N N 164 
ILE CG2 HG21 sing N N 165 
ILE CG2 HG22 sing N N 166 
ILE CG2 HG23 sing N N 167 
ILE CD1 HD11 sing N N 168 
ILE CD1 HD12 sing N N 169 
ILE CD1 HD13 sing N N 170 
ILE OXT HXT  sing N N 171 
LEU N   CA   sing N N 172 
LEU N   H    sing N N 173 
LEU N   H2   sing N N 174 
LEU CA  C    sing N N 175 
LEU CA  CB   sing N N 176 
LEU CA  HA   sing N N 177 
LEU C   O    doub N N 178 
LEU C   OXT  sing N N 179 
LEU CB  CG   sing N N 180 
LEU CB  HB2  sing N N 181 
LEU CB  HB3  sing N N 182 
LEU CG  CD1  sing N N 183 
LEU CG  CD2  sing N N 184 
LEU CG  HG   sing N N 185 
LEU CD1 HD11 sing N N 186 
LEU CD1 HD12 sing N N 187 
LEU CD1 HD13 sing N N 188 
LEU CD2 HD21 sing N N 189 
LEU CD2 HD22 sing N N 190 
LEU CD2 HD23 sing N N 191 
LEU OXT HXT  sing N N 192 
LYS N   CA   sing N N 193 
LYS N   H    sing N N 194 
LYS N   H2   sing N N 195 
LYS CA  C    sing N N 196 
LYS CA  CB   sing N N 197 
LYS CA  HA   sing N N 198 
LYS C   O    doub N N 199 
LYS C   OXT  sing N N 200 
LYS CB  CG   sing N N 201 
LYS CB  HB2  sing N N 202 
LYS CB  HB3  sing N N 203 
LYS CG  CD   sing N N 204 
LYS CG  HG2  sing N N 205 
LYS CG  HG3  sing N N 206 
LYS CD  CE   sing N N 207 
LYS CD  HD2  sing N N 208 
LYS CD  HD3  sing N N 209 
LYS CE  NZ   sing N N 210 
LYS CE  HE2  sing N N 211 
LYS CE  HE3  sing N N 212 
LYS NZ  HZ1  sing N N 213 
LYS NZ  HZ2  sing N N 214 
LYS NZ  HZ3  sing N N 215 
LYS OXT HXT  sing N N 216 
PHE N   CA   sing N N 217 
PHE N   H    sing N N 218 
PHE N   H2   sing N N 219 
PHE CA  C    sing N N 220 
PHE CA  CB   sing N N 221 
PHE CA  HA   sing N N 222 
PHE C   O    doub N N 223 
PHE C   OXT  sing N N 224 
PHE CB  CG   sing N N 225 
PHE CB  HB2  sing N N 226 
PHE CB  HB3  sing N N 227 
PHE CG  CD1  doub Y N 228 
PHE CG  CD2  sing Y N 229 
PHE CD1 CE1  sing Y N 230 
PHE CD1 HD1  sing N N 231 
PHE CD2 CE2  doub Y N 232 
PHE CD2 HD2  sing N N 233 
PHE CE1 CZ   doub Y N 234 
PHE CE1 HE1  sing N N 235 
PHE CE2 CZ   sing Y N 236 
PHE CE2 HE2  sing N N 237 
PHE CZ  HZ   sing N N 238 
PHE OXT HXT  sing N N 239 
SER N   CA   sing N N 240 
SER N   H    sing N N 241 
SER N   H2   sing N N 242 
SER CA  C    sing N N 243 
SER CA  CB   sing N N 244 
SER CA  HA   sing N N 245 
SER C   O    doub N N 246 
SER C   OXT  sing N N 247 
SER CB  OG   sing N N 248 
SER CB  HB2  sing N N 249 
SER CB  HB3  sing N N 250 
SER OG  HG   sing N N 251 
SER OXT HXT  sing N N 252 
THR N   CA   sing N N 253 
THR N   H    sing N N 254 
THR N   H2   sing N N 255 
THR CA  C    sing N N 256 
THR CA  CB   sing N N 257 
THR CA  HA   sing N N 258 
THR C   O    doub N N 259 
THR C   OXT  sing N N 260 
THR CB  OG1  sing N N 261 
THR CB  CG2  sing N N 262 
THR CB  HB   sing N N 263 
THR OG1 HG1  sing N N 264 
THR CG2 HG21 sing N N 265 
THR CG2 HG22 sing N N 266 
THR CG2 HG23 sing N N 267 
THR OXT HXT  sing N N 268 
TRP N   CA   sing N N 269 
TRP N   H    sing N N 270 
TRP N   H2   sing N N 271 
TRP CA  C    sing N N 272 
TRP CA  CB   sing N N 273 
TRP CA  HA   sing N N 274 
TRP C   O    doub N N 275 
TRP C   OXT  sing N N 276 
TRP CB  CG   sing N N 277 
TRP CB  HB2  sing N N 278 
TRP CB  HB3  sing N N 279 
TRP CG  CD1  doub Y N 280 
TRP CG  CD2  sing Y N 281 
TRP CD1 NE1  sing Y N 282 
TRP CD1 HD1  sing N N 283 
TRP CD2 CE2  doub Y N 284 
TRP CD2 CE3  sing Y N 285 
TRP NE1 CE2  sing Y N 286 
TRP NE1 HE1  sing N N 287 
TRP CE2 CZ2  sing Y N 288 
TRP CE3 CZ3  doub Y N 289 
TRP CE3 HE3  sing N N 290 
TRP CZ2 CH2  doub Y N 291 
TRP CZ2 HZ2  sing N N 292 
TRP CZ3 CH2  sing Y N 293 
TRP CZ3 HZ3  sing N N 294 
TRP CH2 HH2  sing N N 295 
TRP OXT HXT  sing N N 296 
TYR N   CA   sing N N 297 
TYR N   H    sing N N 298 
TYR N   H2   sing N N 299 
TYR CA  C    sing N N 300 
TYR CA  CB   sing N N 301 
TYR CA  HA   sing N N 302 
TYR C   O    doub N N 303 
TYR C   OXT  sing N N 304 
TYR CB  CG   sing N N 305 
TYR CB  HB2  sing N N 306 
TYR CB  HB3  sing N N 307 
TYR CG  CD1  doub Y N 308 
TYR CG  CD2  sing Y N 309 
TYR CD1 CE1  sing Y N 310 
TYR CD1 HD1  sing N N 311 
TYR CD2 CE2  doub Y N 312 
TYR CD2 HD2  sing N N 313 
TYR CE1 CZ   doub Y N 314 
TYR CE1 HE1  sing N N 315 
TYR CE2 CZ   sing Y N 316 
TYR CE2 HE2  sing N N 317 
TYR CZ  OH   sing N N 318 
TYR OH  HH   sing N N 319 
TYR OXT HXT  sing N N 320 
# 
loop_
_pdbx_entity_nonpoly.entity_id 
_pdbx_entity_nonpoly.name 
_pdbx_entity_nonpoly.comp_id 
2 HEXANE-1,6-DIOL HEZ 
3 water           HOH 
# 
_pdbx_initial_refinement_model.id               1 
_pdbx_initial_refinement_model.entity_id_list   ? 
_pdbx_initial_refinement_model.type             'experimental model' 
_pdbx_initial_refinement_model.source_name      PDB 
_pdbx_initial_refinement_model.accession_code   3GWO 
_pdbx_initial_refinement_model.details          'PDB ENTRY 3GWO' 
# 
